data_2YBU
#
_entry.id   2YBU
#
_cell.length_a   144.781
_cell.length_b   149.194
_cell.length_c   151.278
_cell.angle_alpha   90.00
_cell.angle_beta   90.00
_cell.angle_gamma   90.00
#
_symmetry.space_group_name_H-M   'P 21 21 21'
#
loop_
_entity.id
_entity.type
_entity.pdbx_description
1 polymer 'ACIDIC MAMMALIAN CHITINASE'
2 non-polymer GLYCEROL
3 non-polymer 3,7-DIMETHYL-1-[3-(3-METHYL-2,6-DIOXO-9H-PURIN-1-YL)PROPYL]PURINE-2,6-DIONE
4 water water
#
_entity_poly.entity_id   1
_entity_poly.type   'polypeptide(L)'
_entity_poly.pdbx_seq_one_letter_code
;EAEAYQLTCYFTNWAQYRPGLGRFMPDDINPCLCTHLIYAFAGMQNNEITTIEWNDVTLYQAFNGLKNKNSQLKTLLAIG
GWNFGTAPFTAMVSTPENRQTFITSVIKFLRQYEFDGLDFDWEYPGSRGSPPQDKHLFTVLVQEMREAFEQEAKQINKPR
LMVTAAVAAGISNIQSGYEIPQLSQYLDYIHVMTYDLHGSWEGYTGENSPLYKYPTDTGSNAYLNVDYVMNYWKDNGAPA
EKLIVGFPTYGHNFILSNPSNTGIGAPTSGAGPAGPYAKESGIWAYYEICTFLKNGATQGWDAPQEVPYAYQGNVWVGYD
NIKSFDIKAQWLKHNKFGGAMVWAIDLDDFTGTFCNQGKFPLISTLKKALGLQSASCTAPA
;
_entity_poly.pdbx_strand_id   A,B,C,D,E,F
#
# COMPACT_ATOMS: atom_id res chain seq x y z
N ALA A 4 -34.32 -46.70 15.85
CA ALA A 4 -34.65 -45.47 15.01
C ALA A 4 -34.09 -44.11 15.54
N TYR A 5 -33.93 -43.95 16.86
CA TYR A 5 -33.27 -42.76 17.45
C TYR A 5 -32.24 -43.21 18.48
N GLN A 6 -31.09 -42.54 18.46
CA GLN A 6 -30.07 -42.72 19.47
C GLN A 6 -30.29 -41.69 20.58
N LEU A 7 -29.83 -42.05 21.77
CA LEU A 7 -29.72 -41.17 22.93
C LEU A 7 -28.33 -41.38 23.48
N THR A 8 -27.43 -40.46 23.19
CA THR A 8 -26.05 -40.58 23.62
C THR A 8 -25.79 -39.71 24.85
N CYS A 9 -25.20 -40.26 25.93
CA CYS A 9 -24.99 -39.49 27.13
C CYS A 9 -23.52 -39.35 27.46
N TYR A 10 -23.12 -38.12 27.81
CA TYR A 10 -21.71 -37.89 28.23
C TYR A 10 -21.63 -38.05 29.72
N PHE A 11 -20.58 -38.76 30.16
CA PHE A 11 -20.25 -38.93 31.56
C PHE A 11 -18.96 -38.22 31.72
N THR A 12 -18.77 -37.46 32.79
CA THR A 12 -17.46 -36.76 32.90
C THR A 12 -16.65 -37.29 34.08
N ASN A 13 -15.34 -37.47 33.92
CA ASN A 13 -14.58 -38.13 34.97
C ASN A 13 -14.12 -37.20 36.11
N TRP A 14 -14.53 -35.94 36.12
CA TRP A 14 -14.26 -35.11 37.26
C TRP A 14 -15.51 -34.98 38.12
N ALA A 15 -16.66 -35.54 37.70
CA ALA A 15 -17.85 -35.39 38.54
C ALA A 15 -17.67 -36.16 39.88
N GLN A 16 -16.76 -37.11 39.91
CA GLN A 16 -16.48 -37.93 41.08
C GLN A 16 -15.93 -37.02 42.22
N TYR A 17 -15.44 -35.82 41.88
CA TYR A 17 -14.89 -34.96 42.92
C TYR A 17 -15.91 -33.95 43.46
N ARG A 18 -17.17 -34.01 43.03
CA ARG A 18 -18.13 -33.08 43.54
C ARG A 18 -18.59 -33.54 44.97
N PRO A 19 -18.95 -32.60 45.82
CA PRO A 19 -19.23 -32.95 47.21
C PRO A 19 -20.59 -33.61 47.36
N GLY A 20 -20.66 -34.54 48.30
CA GLY A 20 -21.96 -34.98 48.80
C GLY A 20 -22.88 -35.53 47.75
N LEU A 21 -24.13 -35.00 47.64
CA LEU A 21 -25.06 -35.57 46.64
C LEU A 21 -24.66 -35.32 45.21
N GLY A 22 -23.73 -34.40 44.98
CA GLY A 22 -23.22 -34.16 43.63
C GLY A 22 -22.26 -35.22 43.10
N ARG A 23 -21.69 -36.09 43.95
CA ARG A 23 -20.65 -37.03 43.46
C ARG A 23 -21.25 -38.03 42.48
N PHE A 24 -20.68 -38.16 41.29
CA PHE A 24 -21.27 -39.05 40.30
C PHE A 24 -20.17 -39.95 39.81
N MET A 25 -20.40 -41.24 40.01
CA MET A 25 -19.51 -42.32 39.56
C MET A 25 -20.26 -43.15 38.48
N PRO A 26 -19.55 -43.89 37.67
CA PRO A 26 -20.17 -44.72 36.63
C PRO A 26 -21.30 -45.62 37.15
N ASP A 27 -21.12 -46.22 38.32
CA ASP A 27 -22.20 -46.98 38.96
C ASP A 27 -23.52 -46.18 39.11
N ASP A 28 -23.46 -44.85 39.10
CA ASP A 28 -24.68 -44.07 39.24
C ASP A 28 -25.50 -43.97 37.93
N ILE A 29 -24.99 -44.57 36.86
CA ILE A 29 -25.67 -44.49 35.57
C ILE A 29 -26.68 -45.63 35.47
N ASN A 30 -27.92 -45.30 35.19
CA ASN A 30 -28.86 -46.34 34.93
C ASN A 30 -28.58 -46.90 33.53
N PRO A 31 -28.37 -48.24 33.41
CA PRO A 31 -27.89 -48.69 32.08
C PRO A 31 -28.99 -48.82 31.02
N CYS A 32 -30.23 -48.57 31.43
CA CYS A 32 -31.38 -48.63 30.52
C CYS A 32 -31.68 -47.28 29.93
N LEU A 33 -31.01 -46.27 30.44
CA LEU A 33 -31.38 -44.91 30.14
C LEU A 33 -30.96 -44.43 28.74
N CYS A 34 -29.70 -44.67 28.35
CA CYS A 34 -29.19 -44.15 27.09
C CYS A 34 -28.90 -45.30 26.09
N THR A 35 -28.91 -45.07 24.79
CA THR A 35 -28.38 -46.09 23.89
C THR A 35 -26.84 -46.09 23.81
N HIS A 36 -26.24 -44.90 23.96
CA HIS A 36 -24.77 -44.80 23.93
C HIS A 36 -24.28 -43.95 25.09
N LEU A 37 -23.12 -44.29 25.67
CA LEU A 37 -22.55 -43.46 26.75
C LEU A 37 -21.14 -43.11 26.34
N ILE A 38 -20.75 -41.86 26.54
CA ILE A 38 -19.42 -41.40 26.13
C ILE A 38 -18.66 -40.97 27.34
N TYR A 39 -17.44 -41.45 27.49
CA TYR A 39 -16.63 -41.15 28.64
C TYR A 39 -15.75 -39.95 28.39
N ALA A 40 -16.02 -38.85 29.08
CA ALA A 40 -15.22 -37.62 28.89
C ALA A 40 -14.24 -37.54 30.05
N PHE A 41 -12.89 -37.54 29.86
CA PHE A 41 -12.15 -37.58 28.58
C PHE A 41 -10.88 -38.43 28.73
N ALA A 42 -10.27 -38.82 27.61
CA ALA A 42 -8.90 -39.28 27.62
C ALA A 42 -8.04 -38.10 27.17
N GLY A 43 -6.72 -38.28 27.24
CA GLY A 43 -5.76 -37.27 26.88
C GLY A 43 -4.81 -37.94 25.90
N MET A 44 -3.64 -37.36 25.74
CA MET A 44 -2.67 -37.75 24.80
C MET A 44 -1.29 -37.42 25.35
N GLN A 45 -0.33 -38.32 25.16
CA GLN A 45 1.09 -38.10 25.55
C GLN A 45 2.02 -38.80 24.49
N ASN A 46 3.03 -38.07 23.96
CA ASN A 46 3.78 -38.58 22.78
C ASN A 46 2.91 -39.22 21.64
N ASN A 47 1.81 -38.55 21.29
CA ASN A 47 0.95 -38.95 20.19
C ASN A 47 0.21 -40.23 20.50
N GLU A 48 0.03 -40.56 21.77
CA GLU A 48 -0.71 -41.81 22.12
C GLU A 48 -1.80 -41.50 23.14
N ILE A 49 -2.98 -42.07 22.94
CA ILE A 49 -4.05 -41.85 23.83
C ILE A 49 -3.64 -42.28 25.25
N THR A 50 -4.16 -41.60 26.27
CA THR A 50 -3.72 -41.94 27.63
C THR A 50 -4.82 -41.56 28.59
N THR A 51 -4.73 -42.06 29.82
CA THR A 51 -5.73 -41.68 30.78
C THR A 51 -5.35 -40.25 31.35
N ILE A 52 -6.24 -39.61 32.15
CA ILE A 52 -5.95 -38.31 32.75
C ILE A 52 -6.27 -38.22 34.27
N GLU A 53 -7.12 -39.12 34.78
CA GLU A 53 -7.26 -39.27 36.24
C GLU A 53 -6.57 -40.52 36.79
N TRP A 54 -6.07 -40.43 38.03
CA TRP A 54 -5.45 -41.55 38.74
C TRP A 54 -6.28 -42.83 38.70
N ASN A 55 -7.60 -42.72 38.75
CA ASN A 55 -8.39 -43.92 38.86
C ASN A 55 -9.22 -44.21 37.60
N ASP A 56 -8.80 -43.69 36.43
CA ASP A 56 -9.57 -43.89 35.19
C ASP A 56 -9.74 -45.40 34.82
N VAL A 57 -8.65 -46.17 34.95
CA VAL A 57 -8.72 -47.64 34.66
C VAL A 57 -9.85 -48.26 35.49
N THR A 58 -9.89 -48.02 36.80
CA THR A 58 -11.06 -48.47 37.61
C THR A 58 -12.42 -47.93 37.06
N LEU A 59 -12.48 -46.65 36.70
CA LEU A 59 -13.75 -46.11 36.23
C LEU A 59 -14.15 -46.72 34.88
N TYR A 60 -13.16 -46.96 34.02
CA TYR A 60 -13.40 -47.62 32.70
C TYR A 60 -14.16 -48.92 32.94
N GLN A 61 -13.69 -49.69 33.93
CA GLN A 61 -14.19 -51.06 34.15
C GLN A 61 -15.58 -50.95 34.59
N ALA A 62 -15.85 -50.02 35.52
CA ALA A 62 -17.22 -49.91 35.98
C ALA A 62 -18.08 -49.32 34.85
N PHE A 63 -17.51 -48.47 33.99
CA PHE A 63 -18.34 -47.84 32.96
C PHE A 63 -18.70 -48.87 31.88
N ASN A 64 -17.69 -49.54 31.32
CA ASN A 64 -17.92 -50.62 30.40
C ASN A 64 -18.69 -51.82 31.01
N GLY A 65 -18.60 -51.99 32.33
CA GLY A 65 -19.25 -53.13 33.00
C GLY A 65 -20.74 -52.94 32.91
N LEU A 66 -21.18 -51.71 32.63
CA LEU A 66 -22.62 -51.46 32.53
C LEU A 66 -23.21 -52.25 31.33
N LYS A 67 -22.33 -52.69 30.44
CA LYS A 67 -22.76 -53.51 29.29
C LYS A 67 -23.13 -54.99 29.67
N ASN A 68 -22.80 -55.41 30.90
CA ASN A 68 -23.22 -56.67 31.52
C ASN A 68 -24.69 -56.60 31.91
N LYS A 69 -25.26 -55.39 32.02
CA LYS A 69 -26.63 -55.28 32.36
C LYS A 69 -27.52 -54.93 31.18
N ASN A 70 -26.95 -54.45 30.08
CA ASN A 70 -27.75 -54.09 28.92
C ASN A 70 -26.96 -54.43 27.66
N SER A 71 -27.26 -55.58 27.07
CA SER A 71 -26.51 -56.13 25.93
C SER A 71 -26.45 -55.14 24.73
N GLN A 72 -27.45 -54.28 24.61
CA GLN A 72 -27.56 -53.32 23.51
C GLN A 72 -26.71 -52.00 23.69
N LEU A 73 -26.39 -51.62 24.95
CA LEU A 73 -25.56 -50.44 25.26
C LEU A 73 -24.22 -50.43 24.55
N LYS A 74 -23.86 -49.28 24.01
CA LYS A 74 -22.51 -49.10 23.44
C LYS A 74 -21.79 -47.95 24.17
N THR A 75 -20.48 -48.09 24.35
CA THR A 75 -19.77 -47.02 24.98
C THR A 75 -18.63 -46.50 24.06
N LEU A 76 -18.29 -45.22 24.19
CA LEU A 76 -17.21 -44.63 23.44
C LEU A 76 -16.32 -43.86 24.41
N LEU A 77 -15.07 -43.69 24.03
CA LEU A 77 -14.15 -42.91 24.80
C LEU A 77 -13.93 -41.58 24.08
N ALA A 78 -14.19 -40.43 24.72
CA ALA A 78 -13.96 -39.10 24.08
C ALA A 78 -12.55 -38.62 24.36
N ILE A 79 -11.89 -38.10 23.33
CA ILE A 79 -10.54 -37.57 23.55
C ILE A 79 -10.56 -36.06 23.31
N GLY A 80 -9.93 -35.32 24.19
CA GLY A 80 -9.74 -33.89 24.01
C GLY A 80 -10.64 -33.12 24.95
N GLY A 81 -11.55 -32.31 24.39
CA GLY A 81 -12.48 -31.45 25.10
C GLY A 81 -11.91 -30.02 25.16
N TRP A 82 -12.69 -29.07 25.66
CA TRP A 82 -12.31 -27.70 25.73
C TRP A 82 -10.96 -27.49 26.39
N ASN A 83 -10.77 -27.96 27.62
CA ASN A 83 -9.54 -27.67 28.37
C ASN A 83 -8.25 -28.21 27.74
N PHE A 84 -8.41 -29.32 27.02
CA PHE A 84 -7.30 -29.95 26.36
C PHE A 84 -6.66 -29.03 25.28
N GLY A 85 -7.47 -28.19 24.66
CA GLY A 85 -7.00 -27.29 23.62
C GLY A 85 -6.62 -28.02 22.35
N THR A 86 -5.73 -27.43 21.57
CA THR A 86 -5.45 -27.93 20.26
C THR A 86 -3.98 -28.37 20.03
N ALA A 87 -3.04 -27.87 20.83
CA ALA A 87 -1.62 -28.16 20.55
C ALA A 87 -1.30 -29.69 20.34
N PRO A 88 -1.75 -30.61 21.23
CA PRO A 88 -1.44 -32.01 20.92
C PRO A 88 -2.10 -32.53 19.68
N PHE A 89 -3.25 -31.98 19.35
CA PHE A 89 -3.93 -32.53 18.17
C PHE A 89 -3.15 -32.05 16.91
N THR A 90 -2.72 -30.78 16.93
CA THR A 90 -1.98 -30.19 15.82
C THR A 90 -0.66 -30.96 15.54
N ALA A 91 0.13 -31.27 16.57
CA ALA A 91 1.35 -32.05 16.42
C ALA A 91 1.09 -33.51 15.92
N MET A 92 0.09 -34.16 16.47
CA MET A 92 -0.28 -35.53 16.12
C MET A 92 -0.78 -35.63 14.67
N VAL A 93 -1.61 -34.69 14.22
CA VAL A 93 -2.06 -34.83 12.84
C VAL A 93 -1.01 -34.45 11.83
N SER A 94 0.08 -33.80 12.27
CA SER A 94 1.00 -33.14 11.35
C SER A 94 1.82 -34.06 10.46
N THR A 95 1.93 -35.35 10.78
CA THR A 95 2.65 -36.29 9.93
C THR A 95 1.96 -37.67 9.87
N PRO A 96 2.11 -38.40 8.73
CA PRO A 96 1.53 -39.74 8.66
C PRO A 96 2.04 -40.66 9.80
N GLU A 97 3.32 -40.52 10.17
CA GLU A 97 3.90 -41.27 11.28
C GLU A 97 3.14 -40.99 12.62
N ASN A 98 3.03 -39.70 13.02
CA ASN A 98 2.30 -39.29 14.27
C ASN A 98 0.87 -39.81 14.27
N ARG A 99 0.16 -39.67 13.15
CA ARG A 99 -1.18 -40.23 13.05
C ARG A 99 -1.22 -41.77 13.23
N GLN A 100 -0.19 -42.45 12.75
CA GLN A 100 -0.16 -43.91 12.72
C GLN A 100 0.08 -44.37 14.16
N THR A 101 1.01 -43.71 14.83
CA THR A 101 1.33 -43.96 16.21
C THR A 101 0.03 -43.84 17.07
N PHE A 102 -0.70 -42.75 16.87
CA PHE A 102 -1.95 -42.52 17.57
C PHE A 102 -3.02 -43.55 17.28
N ILE A 103 -3.27 -43.83 16.02
CA ILE A 103 -4.37 -44.68 15.64
C ILE A 103 -4.07 -46.08 16.22
N THR A 104 -2.78 -46.43 16.24
CA THR A 104 -2.40 -47.72 16.77
C THR A 104 -2.64 -47.72 18.28
N SER A 105 -2.27 -46.61 18.96
CA SER A 105 -2.45 -46.56 20.40
C SER A 105 -3.95 -46.66 20.71
N VAL A 106 -4.83 -46.15 19.83
CA VAL A 106 -6.24 -46.13 20.14
C VAL A 106 -6.93 -47.49 20.00
N ILE A 107 -6.60 -48.22 18.93
CA ILE A 107 -7.14 -49.57 18.71
C ILE A 107 -6.75 -50.40 19.94
N LYS A 108 -5.47 -50.37 20.31
CA LYS A 108 -5.00 -51.05 21.51
C LYS A 108 -5.79 -50.68 22.79
N PHE A 109 -5.92 -49.37 23.07
CA PHE A 109 -6.56 -48.84 24.28
C PHE A 109 -8.00 -49.22 24.32
N LEU A 110 -8.69 -49.00 23.19
CA LEU A 110 -10.12 -49.24 23.22
C LEU A 110 -10.44 -50.74 23.46
N ARG A 111 -9.63 -51.62 22.84
CA ARG A 111 -9.81 -53.05 22.95
C ARG A 111 -9.41 -53.52 24.35
N GLN A 112 -8.32 -52.99 24.92
CA GLN A 112 -7.95 -53.37 26.28
C GLN A 112 -9.02 -53.01 27.32
N TYR A 113 -9.60 -51.82 27.24
CA TYR A 113 -10.51 -51.41 28.26
C TYR A 113 -11.93 -51.58 27.86
N GLU A 114 -12.15 -52.08 26.64
CA GLU A 114 -13.51 -52.51 26.25
C GLU A 114 -14.47 -51.40 25.92
N PHE A 115 -13.97 -50.40 25.20
CA PHE A 115 -14.87 -49.41 24.65
C PHE A 115 -15.33 -49.89 23.25
N ASP A 116 -16.49 -49.43 22.78
CA ASP A 116 -16.91 -49.71 21.40
C ASP A 116 -16.48 -48.66 20.32
N GLY A 117 -15.73 -47.65 20.74
CA GLY A 117 -15.42 -46.56 19.79
C GLY A 117 -14.75 -45.36 20.42
N LEU A 118 -14.29 -44.45 19.56
CA LEU A 118 -13.69 -43.16 19.97
C LEU A 118 -14.55 -41.99 19.47
N ASP A 119 -14.69 -40.96 20.32
CA ASP A 119 -15.35 -39.69 20.03
C ASP A 119 -14.28 -38.64 20.08
N PHE A 120 -14.05 -38.02 18.94
CA PHE A 120 -13.08 -36.90 18.85
C PHE A 120 -13.75 -35.63 19.34
N ASP A 121 -13.10 -34.95 20.29
CA ASP A 121 -13.67 -33.71 20.81
C ASP A 121 -12.54 -32.69 20.74
N TRP A 122 -12.09 -32.45 19.51
CA TRP A 122 -11.08 -31.46 19.24
C TRP A 122 -11.85 -30.15 19.10
N GLU A 123 -11.55 -29.21 19.98
CA GLU A 123 -12.20 -27.89 20.01
C GLU A 123 -11.14 -26.81 19.78
N TYR A 124 -10.86 -26.44 18.53
CA TYR A 124 -11.47 -27.01 17.28
C TYR A 124 -10.38 -27.01 16.21
N PRO A 125 -10.45 -27.92 15.20
CA PRO A 125 -9.50 -27.81 14.08
C PRO A 125 -9.63 -26.40 13.49
N GLY A 126 -8.48 -25.76 13.21
CA GLY A 126 -8.48 -24.39 12.65
C GLY A 126 -8.78 -23.22 13.59
N SER A 127 -9.05 -23.47 14.88
CA SER A 127 -9.23 -22.34 15.83
C SER A 127 -8.38 -22.56 17.07
N ARG A 128 -8.43 -21.61 18.00
CA ARG A 128 -7.72 -21.77 19.30
C ARG A 128 -6.28 -22.22 19.10
N GLY A 129 -5.63 -21.58 18.14
CA GLY A 129 -4.20 -21.82 17.89
C GLY A 129 -3.92 -22.92 16.86
N SER A 130 -4.94 -23.70 16.48
CA SER A 130 -4.79 -24.73 15.45
C SER A 130 -4.74 -24.02 14.05
N PRO A 131 -3.69 -24.28 13.27
CA PRO A 131 -3.36 -23.64 11.95
C PRO A 131 -4.30 -24.12 10.83
N PRO A 132 -4.40 -23.36 9.72
CA PRO A 132 -5.49 -23.61 8.79
C PRO A 132 -5.43 -24.99 8.16
N GLN A 133 -4.23 -25.57 8.09
CA GLN A 133 -4.13 -26.90 7.53
C GLN A 133 -4.79 -28.04 8.37
N ASP A 134 -5.04 -27.79 9.66
CA ASP A 134 -5.70 -28.83 10.51
C ASP A 134 -7.11 -29.17 10.05
N LYS A 135 -7.70 -28.29 9.25
CA LYS A 135 -9.07 -28.57 8.82
C LYS A 135 -8.98 -29.82 7.94
N HIS A 136 -8.13 -29.81 6.95
CA HIS A 136 -8.11 -30.98 6.07
C HIS A 136 -7.41 -32.14 6.79
N LEU A 137 -6.38 -31.85 7.59
CA LEU A 137 -5.74 -32.92 8.38
C LEU A 137 -6.69 -33.65 9.40
N PHE A 138 -7.73 -32.98 9.86
CA PHE A 138 -8.69 -33.62 10.73
C PHE A 138 -9.46 -34.65 9.91
N THR A 139 -9.77 -34.32 8.65
CA THR A 139 -10.37 -35.28 7.72
C THR A 139 -9.49 -36.49 7.38
N VAL A 140 -8.20 -36.29 7.13
CA VAL A 140 -7.30 -37.38 6.85
C VAL A 140 -7.20 -38.33 8.07
N LEU A 141 -7.16 -37.73 9.28
CA LEU A 141 -7.14 -38.49 10.54
C LEU A 141 -8.38 -39.34 10.64
N VAL A 142 -9.54 -38.73 10.57
CA VAL A 142 -10.76 -39.47 10.66
C VAL A 142 -10.89 -40.57 9.59
N GLN A 143 -10.53 -40.30 8.35
CA GLN A 143 -10.56 -41.33 7.36
C GLN A 143 -9.55 -42.43 7.69
N GLU A 144 -8.31 -42.06 8.04
CA GLU A 144 -7.38 -43.10 8.29
C GLU A 144 -7.84 -43.95 9.51
N MET A 145 -8.57 -43.32 10.41
CA MET A 145 -8.97 -44.03 11.65
C MET A 145 -10.08 -45.04 11.36
N ARG A 146 -11.10 -44.57 10.66
CA ARG A 146 -12.18 -45.37 10.16
C ARG A 146 -11.64 -46.55 9.34
N GLU A 147 -10.64 -46.28 8.51
CA GLU A 147 -10.14 -47.34 7.70
C GLU A 147 -9.35 -48.29 8.57
N ALA A 148 -8.53 -47.82 9.51
CA ALA A 148 -7.83 -48.70 10.46
C ALA A 148 -8.82 -49.58 11.28
N PHE A 149 -9.96 -49.00 11.69
CA PHE A 149 -11.02 -49.73 12.41
C PHE A 149 -11.58 -50.86 11.57
N GLU A 150 -11.85 -50.55 10.29
CA GLU A 150 -12.34 -51.54 9.31
C GLU A 150 -11.41 -52.71 9.13
N GLN A 151 -10.12 -52.46 8.95
CA GLN A 151 -9.15 -53.51 8.78
C GLN A 151 -9.03 -54.36 10.04
N GLU A 152 -9.09 -53.72 11.22
CA GLU A 152 -8.95 -54.41 12.46
C GLU A 152 -10.15 -55.28 12.76
N ALA A 153 -11.36 -54.84 12.37
CA ALA A 153 -12.57 -55.62 12.55
C ALA A 153 -12.54 -56.93 11.75
N LYS A 154 -11.77 -56.91 10.65
CA LYS A 154 -11.67 -58.03 9.73
C LYS A 154 -10.62 -59.02 10.16
N GLN A 155 -9.52 -58.53 10.76
CA GLN A 155 -8.42 -59.40 11.23
C GLN A 155 -8.49 -59.75 12.76
N ILE A 156 -9.71 -59.74 13.34
CA ILE A 156 -9.98 -60.23 14.71
C ILE A 156 -11.46 -60.65 14.76
N ASN A 157 -12.10 -60.46 13.61
CA ASN A 157 -13.49 -60.79 13.34
C ASN A 157 -14.56 -60.41 14.40
N LYS A 158 -14.48 -59.16 14.88
CA LYS A 158 -15.52 -58.53 15.72
C LYS A 158 -16.14 -57.33 15.02
N PRO A 159 -17.31 -56.85 15.51
CA PRO A 159 -17.81 -55.57 14.96
C PRO A 159 -16.77 -54.40 15.06
N ARG A 160 -16.74 -53.62 13.99
CA ARG A 160 -15.83 -52.52 13.84
C ARG A 160 -15.94 -51.55 15.06
N LEU A 161 -14.80 -51.12 15.61
CA LEU A 161 -14.83 -49.87 16.50
C LEU A 161 -15.51 -48.69 15.76
N MET A 162 -16.24 -47.86 16.49
CA MET A 162 -16.97 -46.70 15.96
C MET A 162 -16.14 -45.42 16.08
N VAL A 163 -16.30 -44.45 15.14
CA VAL A 163 -15.65 -43.14 15.23
C VAL A 163 -16.73 -42.05 15.20
N THR A 164 -16.79 -41.20 16.20
CA THR A 164 -17.82 -40.15 16.16
C THR A 164 -17.04 -38.88 16.44
N ALA A 165 -17.66 -37.71 16.33
CA ALA A 165 -16.98 -36.46 16.69
C ALA A 165 -18.02 -35.51 17.29
N ALA A 166 -17.60 -34.82 18.34
CA ALA A 166 -18.36 -33.63 18.85
C ALA A 166 -17.84 -32.49 17.98
N VAL A 167 -18.75 -31.68 17.44
CA VAL A 167 -18.42 -30.61 16.50
C VAL A 167 -19.14 -29.28 16.88
N ALA A 168 -18.46 -28.19 16.52
CA ALA A 168 -18.91 -26.84 16.76
C ALA A 168 -20.27 -26.50 16.24
N ALA A 169 -20.89 -25.57 16.96
CA ALA A 169 -22.11 -24.97 16.60
C ALA A 169 -21.89 -23.55 16.06
N GLY A 170 -20.82 -22.87 16.43
CA GLY A 170 -20.56 -21.49 15.94
C GLY A 170 -20.17 -21.51 14.47
N ILE A 171 -20.85 -20.72 13.66
CA ILE A 171 -20.68 -20.80 12.21
C ILE A 171 -19.21 -20.58 11.81
N SER A 172 -18.61 -19.59 12.39
CA SER A 172 -17.20 -19.36 12.09
C SER A 172 -16.33 -20.54 12.47
N ASN A 173 -16.54 -21.15 13.65
CA ASN A 173 -15.78 -22.35 13.99
C ASN A 173 -16.05 -23.50 13.00
N ILE A 174 -17.28 -23.60 12.51
CA ILE A 174 -17.58 -24.66 11.57
C ILE A 174 -16.79 -24.48 10.25
N GLN A 175 -16.77 -23.24 9.76
CA GLN A 175 -16.15 -22.88 8.49
C GLN A 175 -14.67 -23.09 8.48
N SER A 176 -14.03 -22.80 9.61
CA SER A 176 -12.60 -23.01 9.64
C SER A 176 -12.22 -24.42 10.14
N GLY A 177 -13.20 -25.24 10.51
CA GLY A 177 -12.84 -26.53 11.02
C GLY A 177 -13.12 -27.80 10.27
N TYR A 178 -14.18 -27.88 9.47
CA TYR A 178 -14.66 -29.19 8.97
C TYR A 178 -14.92 -29.30 7.48
N GLU A 179 -14.37 -30.31 6.82
CA GLU A 179 -14.81 -30.72 5.46
C GLU A 179 -16.04 -31.55 5.67
N ILE A 180 -17.20 -30.90 5.76
CA ILE A 180 -18.41 -31.59 6.13
C ILE A 180 -18.78 -32.84 5.30
N PRO A 181 -18.90 -32.72 3.96
CA PRO A 181 -19.37 -33.94 3.27
C PRO A 181 -18.38 -35.07 3.47
N GLN A 182 -17.07 -34.77 3.39
CA GLN A 182 -16.06 -35.80 3.50
C GLN A 182 -16.03 -36.41 4.95
N LEU A 183 -16.13 -35.57 5.98
CA LEU A 183 -16.13 -36.11 7.34
C LEU A 183 -17.36 -36.97 7.52
N SER A 184 -18.45 -36.56 6.93
CA SER A 184 -19.69 -37.28 7.10
C SER A 184 -19.63 -38.70 6.56
N GLN A 185 -18.78 -38.94 5.57
CA GLN A 185 -18.69 -40.28 5.03
C GLN A 185 -18.07 -41.22 6.08
N TYR A 186 -17.08 -40.74 6.84
CA TYR A 186 -16.27 -41.62 7.67
C TYR A 186 -16.69 -41.72 9.14
N LEU A 187 -17.28 -40.66 9.68
CA LEU A 187 -17.78 -40.65 11.02
C LEU A 187 -19.02 -41.53 11.07
N ASP A 188 -19.26 -42.25 12.19
CA ASP A 188 -20.57 -42.92 12.39
C ASP A 188 -21.59 -41.91 12.89
N TYR A 189 -21.19 -40.97 13.77
CA TYR A 189 -22.14 -39.94 14.17
C TYR A 189 -21.46 -38.59 14.39
N ILE A 190 -22.27 -37.54 14.31
CA ILE A 190 -21.82 -36.22 14.43
C ILE A 190 -22.59 -35.58 15.54
N HIS A 191 -21.86 -35.33 16.64
CA HIS A 191 -22.52 -34.76 17.83
C HIS A 191 -22.34 -33.24 17.84
N VAL A 192 -23.40 -32.56 17.42
CA VAL A 192 -23.34 -31.12 17.33
C VAL A 192 -23.59 -30.46 18.69
N MET A 193 -22.63 -29.64 19.12
CA MET A 193 -22.62 -28.99 20.43
C MET A 193 -23.56 -27.76 20.42
N THR A 194 -24.85 -28.06 20.23
CA THR A 194 -25.82 -27.01 20.23
C THR A 194 -26.20 -26.54 21.61
N TYR A 195 -25.24 -25.94 22.30
CA TYR A 195 -25.43 -25.35 23.57
C TYR A 195 -24.18 -24.42 23.80
N ASP A 196 -24.17 -23.73 24.94
CA ASP A 196 -23.30 -22.57 25.12
C ASP A 196 -23.49 -21.58 23.95
N LEU A 197 -24.72 -21.45 23.47
CA LEU A 197 -24.96 -20.50 22.37
C LEU A 197 -25.00 -19.04 22.86
N HIS A 198 -25.32 -18.83 24.15
CA HIS A 198 -25.20 -17.50 24.77
C HIS A 198 -24.62 -17.76 26.16
N GLY A 199 -24.09 -16.70 26.78
CA GLY A 199 -23.54 -16.77 28.12
C GLY A 199 -23.04 -15.37 28.47
N SER A 200 -22.51 -15.22 29.68
CA SER A 200 -22.21 -13.89 30.21
C SER A 200 -21.13 -13.14 29.45
N TRP A 201 -20.29 -13.87 28.71
CA TRP A 201 -19.26 -13.27 27.83
C TRP A 201 -19.88 -12.27 26.81
N GLU A 202 -21.17 -12.34 26.55
CA GLU A 202 -21.82 -11.47 25.62
C GLU A 202 -22.25 -10.10 26.17
N GLY A 203 -22.39 -9.97 27.50
CA GLY A 203 -22.76 -8.72 28.14
C GLY A 203 -24.24 -8.52 28.31
N TYR A 204 -25.06 -9.50 27.84
CA TYR A 204 -26.53 -9.49 27.97
C TYR A 204 -27.01 -10.87 28.26
N THR A 205 -28.21 -10.98 28.85
CA THR A 205 -28.84 -12.25 29.11
C THR A 205 -29.26 -12.93 27.79
N GLY A 206 -29.24 -14.27 27.78
CA GLY A 206 -29.58 -15.02 26.58
C GLY A 206 -29.59 -16.49 26.94
N GLU A 207 -30.06 -17.34 26.03
CA GLU A 207 -30.33 -18.70 26.36
C GLU A 207 -29.17 -19.59 26.01
N ASN A 208 -29.04 -20.66 26.80
CA ASN A 208 -27.94 -21.60 26.62
C ASN A 208 -28.20 -22.36 25.36
N SER A 209 -29.44 -22.73 25.13
CA SER A 209 -29.67 -23.59 23.98
C SER A 209 -31.03 -23.30 23.36
N PRO A 210 -31.28 -22.09 22.86
CA PRO A 210 -32.68 -21.88 22.37
C PRO A 210 -32.90 -22.63 21.04
N LEU A 211 -34.13 -23.04 20.81
CA LEU A 211 -34.49 -23.83 19.63
C LEU A 211 -34.57 -22.92 18.41
N TYR A 212 -35.16 -21.75 18.59
CA TYR A 212 -35.37 -20.77 17.49
C TYR A 212 -34.73 -19.49 17.86
N LYS A 213 -34.58 -18.61 16.89
CA LYS A 213 -33.99 -17.30 17.16
C LYS A 213 -34.97 -16.38 17.93
N TYR A 214 -34.43 -15.36 18.58
CA TYR A 214 -35.26 -14.38 19.24
C TYR A 214 -35.69 -13.38 18.14
N PRO A 215 -36.94 -12.85 18.21
CA PRO A 215 -37.46 -11.93 17.13
C PRO A 215 -36.62 -10.69 16.93
N THR A 216 -35.78 -10.42 17.90
CA THR A 216 -34.95 -9.24 17.89
C THR A 216 -33.49 -9.56 17.48
N ASP A 217 -33.25 -10.85 17.20
CA ASP A 217 -31.92 -11.34 16.83
C ASP A 217 -31.66 -10.91 15.37
N THR A 218 -30.55 -10.21 15.16
CA THR A 218 -30.17 -9.76 13.81
C THR A 218 -28.69 -10.07 13.57
N GLY A 219 -28.32 -10.19 12.28
CA GLY A 219 -26.90 -10.37 11.96
C GLY A 219 -26.49 -11.75 12.46
N SER A 220 -25.26 -11.87 12.96
CA SER A 220 -24.78 -13.19 13.33
C SER A 220 -25.49 -13.80 14.59
N ASN A 221 -26.26 -12.98 15.33
CA ASN A 221 -27.02 -13.43 16.51
C ASN A 221 -28.20 -14.27 16.08
N ALA A 222 -28.61 -14.13 14.81
CA ALA A 222 -29.65 -14.98 14.26
C ALA A 222 -29.17 -16.42 14.05
N TYR A 223 -27.84 -16.66 14.08
CA TYR A 223 -27.30 -18.00 13.91
C TYR A 223 -27.27 -18.80 15.20
N LEU A 224 -27.39 -18.15 16.35
CA LEU A 224 -27.17 -18.87 17.61
C LEU A 224 -28.45 -19.54 18.13
N ASN A 225 -28.94 -20.58 17.44
CA ASN A 225 -30.06 -21.32 17.97
C ASN A 225 -29.96 -22.69 17.30
N VAL A 226 -30.64 -23.67 17.84
CA VAL A 226 -30.43 -25.07 17.47
C VAL A 226 -30.97 -25.28 16.03
N ASP A 227 -32.10 -24.66 15.75
CA ASP A 227 -32.65 -24.74 14.39
C ASP A 227 -31.63 -24.26 13.34
N TYR A 228 -31.16 -23.03 13.45
CA TYR A 228 -30.18 -22.55 12.46
C TYR A 228 -28.98 -23.49 12.38
N VAL A 229 -28.45 -23.93 13.55
CA VAL A 229 -27.23 -24.71 13.55
C VAL A 229 -27.39 -26.10 12.88
N MET A 230 -28.43 -26.86 13.24
CA MET A 230 -28.65 -28.20 12.67
C MET A 230 -28.94 -28.12 11.17
N ASN A 231 -29.77 -27.19 10.74
CA ASN A 231 -30.00 -26.99 9.30
C ASN A 231 -28.73 -26.62 8.56
N TYR A 232 -27.86 -25.80 9.17
CA TYR A 232 -26.54 -25.53 8.56
C TYR A 232 -25.73 -26.80 8.33
N TRP A 233 -25.56 -27.63 9.37
CA TRP A 233 -24.85 -28.92 9.21
C TRP A 233 -25.55 -29.75 8.09
N LYS A 234 -26.89 -29.85 8.10
CA LYS A 234 -27.59 -30.69 7.14
C LYS A 234 -27.42 -30.11 5.69
N ASP A 235 -27.64 -28.81 5.49
CA ASP A 235 -27.55 -28.21 4.17
C ASP A 235 -26.12 -28.22 3.62
N ASN A 236 -25.14 -28.32 4.50
CA ASN A 236 -23.78 -28.26 4.03
C ASN A 236 -23.16 -29.61 3.95
N GLY A 237 -23.98 -30.63 3.92
CA GLY A 237 -23.52 -31.95 3.51
C GLY A 237 -23.63 -33.07 4.54
N ALA A 238 -24.19 -32.84 5.72
CA ALA A 238 -24.15 -34.00 6.66
C ALA A 238 -25.49 -34.71 6.57
N PRO A 239 -25.50 -36.03 6.42
CA PRO A 239 -26.86 -36.63 6.31
C PRO A 239 -27.66 -36.49 7.64
N ALA A 240 -28.91 -36.06 7.58
CA ALA A 240 -29.79 -35.99 8.74
C ALA A 240 -29.61 -37.17 9.74
N GLU A 241 -29.54 -38.39 9.22
CA GLU A 241 -29.47 -39.58 10.06
C GLU A 241 -28.16 -39.67 10.87
N LYS A 242 -27.08 -38.99 10.46
CA LYS A 242 -25.85 -39.04 11.22
C LYS A 242 -25.70 -37.89 12.25
N LEU A 243 -26.63 -36.95 12.18
CA LEU A 243 -26.55 -35.71 12.91
C LEU A 243 -27.31 -35.88 14.24
N ILE A 244 -26.61 -35.64 15.35
CA ILE A 244 -27.17 -35.85 16.71
C ILE A 244 -27.23 -34.46 17.37
N VAL A 245 -28.43 -34.09 17.83
CA VAL A 245 -28.64 -32.79 18.36
C VAL A 245 -28.14 -32.80 19.86
N GLY A 246 -27.33 -31.81 20.25
CA GLY A 246 -26.86 -31.65 21.63
C GLY A 246 -27.88 -30.99 22.52
N PHE A 247 -28.11 -31.62 23.66
CA PHE A 247 -28.99 -31.13 24.69
C PHE A 247 -28.17 -30.87 26.00
N PRO A 248 -28.28 -29.69 26.60
CA PRO A 248 -27.54 -29.43 27.82
C PRO A 248 -28.36 -29.75 29.07
N THR A 249 -27.79 -30.45 30.06
CA THR A 249 -28.57 -30.53 31.33
C THR A 249 -28.06 -29.50 32.37
N TYR A 250 -27.70 -28.32 31.88
CA TYR A 250 -27.27 -27.29 32.77
C TYR A 250 -27.66 -26.00 32.08
N GLY A 251 -27.51 -24.88 32.75
CA GLY A 251 -27.87 -23.59 32.21
C GLY A 251 -26.73 -22.62 32.50
N HIS A 252 -26.79 -21.44 31.88
CA HIS A 252 -25.74 -20.43 32.13
C HIS A 252 -26.38 -19.34 32.96
N ASN A 253 -25.64 -18.77 33.91
CA ASN A 253 -26.22 -17.75 34.79
C ASN A 253 -25.45 -16.49 34.63
N PHE A 254 -26.04 -15.38 35.06
CA PHE A 254 -25.45 -14.07 34.81
C PHE A 254 -25.70 -13.15 36.00
N ILE A 255 -24.86 -12.16 36.19
CA ILE A 255 -25.24 -11.04 37.08
C ILE A 255 -25.99 -9.91 36.32
N LEU A 256 -27.24 -9.64 36.70
CA LEU A 256 -27.97 -8.55 36.06
C LEU A 256 -27.36 -7.19 36.38
N SER A 257 -27.16 -6.33 35.38
CA SER A 257 -26.72 -4.93 35.63
C SER A 257 -27.77 -4.09 36.42
N ASN A 258 -29.03 -4.41 36.20
CA ASN A 258 -30.12 -3.74 36.85
C ASN A 258 -31.21 -4.73 37.17
N PRO A 259 -31.41 -5.10 38.44
CA PRO A 259 -32.42 -6.15 38.69
C PRO A 259 -33.86 -5.84 38.28
N SER A 260 -34.14 -4.60 37.80
CA SER A 260 -35.44 -4.27 37.13
C SER A 260 -35.64 -4.87 35.73
N ASN A 261 -34.57 -4.91 34.89
CA ASN A 261 -34.65 -5.52 33.54
C ASN A 261 -34.26 -7.02 33.60
N THR A 262 -35.25 -7.89 33.43
CA THR A 262 -35.07 -9.32 33.60
C THR A 262 -35.45 -10.08 32.30
N GLY A 263 -35.61 -9.35 31.18
CA GLY A 263 -35.94 -9.95 29.92
C GLY A 263 -34.78 -10.61 29.21
N ILE A 264 -35.11 -11.35 28.14
CA ILE A 264 -34.09 -11.76 27.21
C ILE A 264 -33.43 -10.51 26.68
N GLY A 265 -32.10 -10.47 26.66
CA GLY A 265 -31.39 -9.33 26.18
C GLY A 265 -31.03 -8.26 27.20
N ALA A 266 -31.39 -8.43 28.47
CA ALA A 266 -31.08 -7.46 29.55
C ALA A 266 -29.60 -7.42 29.74
N PRO A 267 -29.05 -6.23 30.01
CA PRO A 267 -27.58 -6.08 30.19
C PRO A 267 -27.08 -6.76 31.50
N THR A 268 -25.85 -7.23 31.53
CA THR A 268 -25.34 -8.07 32.62
C THR A 268 -23.93 -7.62 32.93
N SER A 269 -23.47 -7.89 34.13
CA SER A 269 -22.16 -7.38 34.45
C SER A 269 -21.14 -8.51 34.63
N GLY A 270 -21.52 -9.76 34.40
CA GLY A 270 -20.51 -10.84 34.54
C GLY A 270 -21.21 -12.18 34.73
N ALA A 271 -20.40 -13.25 34.81
CA ALA A 271 -20.90 -14.60 35.10
C ALA A 271 -21.67 -14.66 36.42
N GLY A 272 -22.73 -15.45 36.50
CA GLY A 272 -23.34 -15.65 37.78
C GLY A 272 -22.56 -16.63 38.65
N PRO A 273 -23.03 -16.86 39.88
CA PRO A 273 -22.15 -17.50 40.85
C PRO A 273 -22.07 -18.98 40.62
N ALA A 274 -20.91 -19.57 40.95
CA ALA A 274 -20.78 -21.03 41.03
C ALA A 274 -21.83 -21.61 41.94
N GLY A 275 -22.34 -22.79 41.59
CA GLY A 275 -23.27 -23.51 42.46
C GLY A 275 -22.47 -24.28 43.52
N PRO A 276 -23.16 -24.78 44.58
CA PRO A 276 -22.47 -25.51 45.67
C PRO A 276 -21.97 -26.92 45.28
N TYR A 277 -22.46 -27.46 44.16
CA TYR A 277 -22.04 -28.83 43.76
C TYR A 277 -21.06 -28.89 42.64
N ALA A 278 -21.41 -28.30 41.47
CA ALA A 278 -20.51 -28.38 40.36
C ALA A 278 -19.46 -27.29 40.52
N LYS A 279 -19.75 -26.28 41.35
CA LYS A 279 -18.73 -25.23 41.57
C LYS A 279 -18.21 -24.51 40.29
N GLU A 280 -19.05 -24.41 39.26
CA GLU A 280 -18.58 -23.84 38.05
C GLU A 280 -19.12 -22.42 37.87
N SER A 281 -18.22 -21.47 37.81
CA SER A 281 -18.54 -20.09 37.60
C SER A 281 -19.41 -19.94 36.31
N GLY A 282 -20.56 -19.29 36.42
CA GLY A 282 -21.35 -19.02 35.20
C GLY A 282 -22.22 -20.18 34.75
N ILE A 283 -22.24 -21.27 35.49
CA ILE A 283 -23.01 -22.50 35.08
C ILE A 283 -23.65 -23.11 36.31
N TRP A 284 -24.90 -23.55 36.18
CA TRP A 284 -25.55 -24.38 37.23
C TRP A 284 -26.05 -25.63 36.60
N ALA A 285 -25.79 -26.77 37.26
CA ALA A 285 -26.42 -28.03 36.90
C ALA A 285 -27.95 -27.89 36.98
N TYR A 286 -28.69 -28.64 36.17
CA TYR A 286 -30.15 -28.64 36.32
C TYR A 286 -30.60 -28.78 37.81
N TYR A 287 -30.00 -29.74 38.53
CA TYR A 287 -30.39 -29.93 39.92
C TYR A 287 -29.98 -28.72 40.78
N GLU A 288 -28.93 -27.97 40.41
CA GLU A 288 -28.62 -26.73 41.15
C GLU A 288 -29.69 -25.68 40.88
N ILE A 289 -30.22 -25.68 39.65
CA ILE A 289 -31.23 -24.71 39.30
C ILE A 289 -32.56 -25.02 40.07
N CYS A 290 -32.90 -26.28 40.27
CA CYS A 290 -34.08 -26.63 41.05
C CYS A 290 -34.00 -26.06 42.47
N THR A 291 -32.81 -26.03 43.08
CA THR A 291 -32.68 -25.37 44.33
C THR A 291 -33.02 -23.88 44.24
N PHE A 292 -32.52 -23.19 43.21
CA PHE A 292 -32.81 -21.76 43.00
C PHE A 292 -34.29 -21.51 42.80
N LEU A 293 -34.97 -22.40 42.07
CA LEU A 293 -36.41 -22.32 41.94
C LEU A 293 -37.12 -22.53 43.33
N LYS A 294 -36.63 -23.47 44.15
CA LYS A 294 -37.38 -23.68 45.38
C LYS A 294 -37.04 -22.52 46.36
N ASN A 295 -36.00 -21.78 46.01
CA ASN A 295 -35.68 -20.59 46.72
C ASN A 295 -36.57 -19.37 46.35
N GLY A 296 -37.61 -19.62 45.52
CA GLY A 296 -38.60 -18.58 45.17
C GLY A 296 -38.19 -17.69 43.98
N ALA A 297 -37.22 -18.17 43.15
CA ALA A 297 -36.90 -17.43 41.94
C ALA A 297 -38.16 -17.34 41.05
N THR A 298 -38.31 -16.21 40.41
CA THR A 298 -39.37 -15.97 39.41
C THR A 298 -39.09 -16.77 38.13
N GLN A 299 -40.06 -17.56 37.70
CA GLN A 299 -39.93 -18.42 36.55
C GLN A 299 -40.42 -17.73 35.27
N GLY A 300 -39.58 -17.71 34.25
CA GLY A 300 -39.93 -17.16 32.94
C GLY A 300 -40.04 -18.23 31.86
N TRP A 301 -40.60 -17.82 30.74
CA TRP A 301 -40.65 -18.69 29.59
C TRP A 301 -40.34 -17.82 28.40
N ASP A 302 -39.26 -18.14 27.70
CA ASP A 302 -38.89 -17.41 26.49
C ASP A 302 -39.76 -18.05 25.39
N ALA A 303 -40.95 -17.46 25.07
CA ALA A 303 -41.87 -18.20 24.16
C ALA A 303 -41.36 -18.36 22.75
N PRO A 304 -40.71 -17.35 22.20
CA PRO A 304 -40.20 -17.56 20.83
C PRO A 304 -39.16 -18.70 20.73
N GLN A 305 -38.31 -18.89 21.77
CA GLN A 305 -37.22 -19.82 21.66
C GLN A 305 -37.53 -21.13 22.33
N GLU A 306 -38.66 -21.15 23.05
CA GLU A 306 -39.17 -22.37 23.65
C GLU A 306 -38.27 -22.87 24.80
N VAL A 307 -37.74 -21.99 25.61
CA VAL A 307 -36.86 -22.42 26.74
C VAL A 307 -37.16 -21.57 27.97
N PRO A 308 -36.97 -22.13 29.17
CA PRO A 308 -37.25 -21.34 30.42
C PRO A 308 -36.09 -20.44 30.81
N TYR A 309 -36.36 -19.49 31.69
CA TYR A 309 -35.30 -18.79 32.31
C TYR A 309 -35.80 -18.48 33.73
N ALA A 310 -34.93 -17.96 34.58
CA ALA A 310 -35.39 -17.67 35.96
C ALA A 310 -34.52 -16.63 36.53
N TYR A 311 -35.03 -15.88 37.52
CA TYR A 311 -34.21 -14.83 38.12
C TYR A 311 -34.61 -14.49 39.54
N GLN A 312 -33.67 -13.93 40.28
CA GLN A 312 -33.93 -13.54 41.64
C GLN A 312 -32.83 -12.60 42.05
N GLY A 313 -33.23 -11.44 42.58
CA GLY A 313 -32.26 -10.37 42.91
C GLY A 313 -31.51 -10.04 41.66
N ASN A 314 -30.21 -9.96 41.70
CA ASN A 314 -29.49 -9.67 40.50
C ASN A 314 -28.92 -10.94 39.80
N VAL A 315 -29.52 -12.12 39.96
CA VAL A 315 -28.99 -13.33 39.28
C VAL A 315 -30.05 -13.86 38.32
N TRP A 316 -29.64 -14.15 37.09
CA TRP A 316 -30.53 -14.61 36.06
C TRP A 316 -29.94 -15.89 35.43
N VAL A 317 -30.77 -16.87 35.08
CA VAL A 317 -30.25 -18.09 34.51
C VAL A 317 -31.12 -18.50 33.32
N GLY A 318 -30.52 -18.88 32.19
CA GLY A 318 -31.32 -19.41 31.04
C GLY A 318 -30.93 -20.88 30.98
N TYR A 319 -31.89 -21.75 30.79
CA TYR A 319 -31.55 -23.14 30.95
C TYR A 319 -32.57 -23.98 30.17
N ASP A 320 -32.63 -25.28 30.44
CA ASP A 320 -33.59 -26.15 29.85
C ASP A 320 -34.29 -26.97 30.94
N ASN A 321 -35.57 -27.28 30.70
CA ASN A 321 -36.37 -28.11 31.63
C ASN A 321 -37.07 -29.22 30.85
N ILE A 322 -38.04 -29.88 31.45
CA ILE A 322 -38.70 -31.00 30.82
C ILE A 322 -39.53 -30.46 29.66
N LYS A 323 -40.15 -29.31 29.86
CA LYS A 323 -40.96 -28.74 28.79
C LYS A 323 -40.11 -28.50 27.52
N SER A 324 -39.03 -27.72 27.69
CA SER A 324 -38.10 -27.45 26.57
C SER A 324 -37.45 -28.72 25.99
N PHE A 325 -37.04 -29.67 26.80
CA PHE A 325 -36.43 -30.90 26.18
C PHE A 325 -37.44 -31.62 25.24
N ASP A 326 -38.70 -31.60 25.66
CA ASP A 326 -39.74 -32.36 24.99
C ASP A 326 -40.04 -31.64 23.65
N ILE A 327 -40.19 -30.34 23.69
CA ILE A 327 -40.37 -29.52 22.52
C ILE A 327 -39.22 -29.76 21.54
N LYS A 328 -37.99 -29.66 22.04
CA LYS A 328 -36.85 -29.87 21.16
C LYS A 328 -36.86 -31.26 20.59
N ALA A 329 -37.38 -32.22 21.34
CA ALA A 329 -37.30 -33.62 20.91
C ALA A 329 -38.34 -33.96 19.80
N GLN A 330 -39.54 -33.37 19.92
CA GLN A 330 -40.56 -33.47 18.86
C GLN A 330 -39.98 -32.79 17.58
N TRP A 331 -39.39 -31.60 17.77
CA TRP A 331 -38.75 -30.91 16.70
C TRP A 331 -37.72 -31.77 15.98
N LEU A 332 -36.90 -32.49 16.73
CA LEU A 332 -35.84 -33.29 16.07
C LEU A 332 -36.36 -34.47 15.30
N LYS A 333 -37.42 -35.07 15.85
CA LYS A 333 -38.09 -36.17 15.19
C LYS A 333 -38.67 -35.70 13.85
N HIS A 334 -39.37 -34.56 13.87
CA HIS A 334 -40.03 -33.99 12.68
C HIS A 334 -39.01 -33.69 11.56
N ASN A 335 -37.81 -33.23 11.97
CA ASN A 335 -36.72 -32.87 11.07
C ASN A 335 -35.86 -34.09 10.80
N LYS A 336 -36.19 -35.24 11.35
CA LYS A 336 -35.51 -36.51 10.96
C LYS A 336 -34.04 -36.64 11.26
N PHE A 337 -33.58 -35.92 12.28
CA PHE A 337 -32.23 -36.14 12.78
C PHE A 337 -32.14 -37.52 13.41
N GLY A 338 -30.91 -38.00 13.58
CA GLY A 338 -30.75 -39.33 14.10
C GLY A 338 -30.93 -39.50 15.60
N GLY A 339 -31.02 -38.42 16.38
CA GLY A 339 -31.09 -38.64 17.82
C GLY A 339 -30.60 -37.46 18.67
N ALA A 340 -30.32 -37.73 19.97
CA ALA A 340 -29.94 -36.63 20.86
C ALA A 340 -28.69 -37.00 21.60
N MET A 341 -27.91 -35.97 21.96
CA MET A 341 -26.72 -36.24 22.72
C MET A 341 -26.90 -35.30 23.92
N VAL A 342 -26.46 -35.72 25.08
CA VAL A 342 -26.77 -34.97 26.30
C VAL A 342 -25.52 -34.64 27.07
N TRP A 343 -25.25 -33.37 27.31
CA TRP A 343 -24.07 -33.05 28.20
C TRP A 343 -24.75 -32.51 29.44
N ALA A 344 -24.72 -33.24 30.54
CA ALA A 344 -23.98 -34.47 30.75
C ALA A 344 -24.85 -35.26 31.75
N ILE A 345 -24.69 -36.57 31.77
CA ILE A 345 -25.54 -37.36 32.66
C ILE A 345 -25.36 -36.99 34.14
N ASP A 346 -24.17 -36.53 34.50
CA ASP A 346 -23.94 -36.17 35.90
C ASP A 346 -24.50 -34.80 36.31
N LEU A 347 -25.20 -34.11 35.41
CA LEU A 347 -25.70 -32.76 35.70
C LEU A 347 -27.20 -32.79 35.70
N ASP A 348 -27.81 -33.86 35.21
CA ASP A 348 -29.26 -34.04 35.32
C ASP A 348 -29.54 -34.34 36.81
N ASP A 349 -30.81 -34.22 37.23
CA ASP A 349 -31.12 -34.59 38.64
C ASP A 349 -31.10 -36.09 38.90
N PHE A 350 -29.92 -36.68 38.93
CA PHE A 350 -29.78 -38.14 38.94
C PHE A 350 -30.30 -38.88 40.19
N THR A 351 -30.26 -38.26 41.36
CA THR A 351 -30.79 -38.84 42.62
C THR A 351 -32.36 -38.65 42.70
N GLY A 352 -32.90 -37.76 41.87
CA GLY A 352 -34.31 -37.43 41.95
C GLY A 352 -34.64 -36.50 43.10
N THR A 353 -33.64 -36.07 43.89
CA THR A 353 -34.04 -35.42 45.16
C THR A 353 -34.04 -33.91 45.10
N PHE A 354 -33.58 -33.34 44.00
CA PHE A 354 -33.53 -31.92 43.99
C PHE A 354 -34.76 -31.32 43.36
N CYS A 355 -35.33 -32.04 42.39
CA CYS A 355 -36.34 -31.46 41.49
C CYS A 355 -37.72 -32.12 41.68
N ASN A 356 -37.75 -33.30 42.30
CA ASN A 356 -39.03 -34.06 42.47
C ASN A 356 -39.75 -34.29 41.16
N GLN A 357 -38.95 -34.69 40.17
CA GLN A 357 -39.46 -35.05 38.88
C GLN A 357 -39.02 -36.48 38.58
N GLY A 358 -38.64 -37.25 39.59
CA GLY A 358 -38.16 -38.62 39.34
C GLY A 358 -36.67 -38.60 39.06
N LYS A 359 -36.07 -39.78 39.00
CA LYS A 359 -34.66 -39.87 38.66
C LYS A 359 -34.37 -39.53 37.18
N PHE A 360 -33.31 -38.75 36.93
CA PHE A 360 -32.91 -38.32 35.57
C PHE A 360 -34.07 -37.73 34.82
N PRO A 361 -34.71 -36.74 35.38
CA PRO A 361 -35.92 -36.20 34.72
C PRO A 361 -35.64 -35.70 33.29
N LEU A 362 -34.52 -35.06 33.06
CA LEU A 362 -34.29 -34.46 31.74
C LEU A 362 -34.07 -35.57 30.71
N ILE A 363 -33.14 -36.48 31.01
CA ILE A 363 -32.80 -37.49 30.08
C ILE A 363 -33.95 -38.48 29.89
N SER A 364 -34.74 -38.70 30.93
CA SER A 364 -35.93 -39.59 30.88
C SER A 364 -36.98 -39.06 29.91
N THR A 365 -37.21 -37.74 29.95
CA THR A 365 -38.03 -37.07 28.98
C THR A 365 -37.58 -37.43 27.56
N LEU A 366 -36.28 -37.40 27.30
CA LEU A 366 -35.79 -37.67 25.97
C LEU A 366 -36.00 -39.16 25.69
N LYS A 367 -35.82 -40.00 26.69
CA LYS A 367 -36.00 -41.45 26.48
C LYS A 367 -37.46 -41.77 26.06
N LYS A 368 -38.42 -41.15 26.75
CA LYS A 368 -39.81 -41.35 26.43
C LYS A 368 -40.08 -40.76 25.00
N ALA A 369 -39.66 -39.52 24.79
CA ALA A 369 -40.00 -38.81 23.56
C ALA A 369 -39.39 -39.41 22.29
N LEU A 370 -38.21 -40.00 22.36
CA LEU A 370 -37.61 -40.61 21.16
C LEU A 370 -38.00 -42.06 21.02
N GLY A 371 -39.01 -42.47 21.79
CA GLY A 371 -39.60 -43.81 21.68
C GLY A 371 -38.65 -44.92 22.07
N LEU A 372 -37.78 -44.64 23.03
CA LEU A 372 -36.89 -45.68 23.49
C LEU A 372 -37.42 -46.27 24.81
N GLN A 373 -38.61 -45.89 25.25
CA GLN A 373 -39.17 -46.39 26.54
C GLN A 373 -39.24 -47.90 26.52
N SER A 374 -39.49 -48.46 25.34
CA SER A 374 -39.64 -49.89 25.19
C SER A 374 -38.31 -50.60 24.84
N ALA A 375 -37.20 -49.84 24.77
CA ALA A 375 -35.88 -50.44 24.40
C ALA A 375 -35.45 -51.50 25.40
N SER A 376 -35.00 -52.66 24.91
CA SER A 376 -34.64 -53.75 25.81
C SER A 376 -33.49 -53.31 26.73
N CYS A 377 -33.54 -53.82 27.96
CA CYS A 377 -32.47 -53.69 28.94
C CYS A 377 -32.20 -55.06 29.64
N THR A 378 -31.47 -55.93 28.94
CA THR A 378 -31.22 -57.32 29.35
C THR A 378 -29.77 -57.75 29.01
N ALA A 379 -29.14 -58.60 29.83
CA ALA A 379 -27.78 -59.18 29.60
C ALA A 379 -27.62 -60.21 28.43
N ALA B 4 -0.49 -28.17 -22.66
CA ALA B 4 -0.11 -28.69 -21.31
C ALA B 4 -0.36 -27.57 -20.23
N TYR B 5 0.16 -26.35 -20.46
CA TYR B 5 -0.16 -25.20 -19.56
C TYR B 5 -1.13 -24.19 -20.18
N GLN B 6 -2.02 -23.61 -19.37
CA GLN B 6 -2.84 -22.53 -19.81
C GLN B 6 -2.24 -21.16 -19.41
N LEU B 7 -2.57 -20.15 -20.22
CA LEU B 7 -2.18 -18.77 -19.98
C LEU B 7 -3.45 -17.96 -20.16
N THR B 8 -4.05 -17.50 -19.10
CA THR B 8 -5.36 -16.85 -19.13
C THR B 8 -5.17 -15.40 -18.80
N CYS B 9 -5.79 -14.49 -19.52
CA CYS B 9 -5.38 -13.07 -19.43
C CYS B 9 -6.68 -12.35 -19.32
N TYR B 10 -6.84 -11.53 -18.25
CA TYR B 10 -8.02 -10.69 -18.10
C TYR B 10 -7.83 -9.42 -18.93
N PHE B 11 -8.87 -9.07 -19.67
CA PHE B 11 -8.98 -7.76 -20.31
C PHE B 11 -10.00 -6.98 -19.53
N THR B 12 -9.78 -5.69 -19.24
CA THR B 12 -10.80 -4.91 -18.49
C THR B 12 -11.50 -3.85 -19.36
N ASN B 13 -12.80 -3.73 -19.24
CA ASN B 13 -13.49 -2.91 -20.15
C ASN B 13 -13.49 -1.44 -19.77
N TRP B 14 -12.77 -1.03 -18.72
CA TRP B 14 -12.63 0.41 -18.47
C TRP B 14 -11.22 0.95 -18.88
N ALA B 15 -10.37 0.07 -19.37
CA ALA B 15 -9.06 0.44 -19.84
C ALA B 15 -9.09 1.37 -21.12
N GLN B 16 -10.22 1.31 -21.83
CA GLN B 16 -10.49 2.13 -22.99
C GLN B 16 -10.58 3.60 -22.51
N TYR B 17 -10.77 3.84 -21.22
CA TYR B 17 -10.94 5.24 -20.80
C TYR B 17 -9.62 5.87 -20.37
N ARG B 18 -8.52 5.12 -20.35
CA ARG B 18 -7.26 5.70 -19.95
C ARG B 18 -6.72 6.64 -21.05
N PRO B 19 -6.02 7.71 -20.66
CA PRO B 19 -5.59 8.71 -21.67
C PRO B 19 -4.43 8.21 -22.47
N GLY B 20 -4.34 8.66 -23.72
CA GLY B 20 -3.13 8.49 -24.53
C GLY B 20 -2.65 7.09 -24.65
N LEU B 21 -1.35 6.84 -24.44
CA LEU B 21 -0.82 5.54 -24.49
C LEU B 21 -1.37 4.51 -23.51
N GLY B 22 -2.08 4.92 -22.48
CA GLY B 22 -2.70 3.90 -21.60
C GLY B 22 -3.94 3.25 -22.22
N ARG B 23 -4.61 3.92 -23.15
CA ARG B 23 -5.85 3.42 -23.70
C ARG B 23 -5.64 2.04 -24.33
N PHE B 24 -6.45 1.08 -23.92
CA PHE B 24 -6.28 -0.29 -24.38
C PHE B 24 -7.64 -0.81 -24.84
N MET B 25 -7.66 -1.34 -26.07
CA MET B 25 -8.92 -1.80 -26.71
C MET B 25 -8.73 -3.29 -27.00
N PRO B 26 -9.81 -4.04 -27.27
CA PRO B 26 -9.60 -5.44 -27.65
C PRO B 26 -8.70 -5.55 -28.86
N ASP B 27 -8.74 -4.58 -29.76
CA ASP B 27 -7.84 -4.66 -30.93
C ASP B 27 -6.35 -4.55 -30.55
N ASP B 28 -6.04 -4.09 -29.34
CA ASP B 28 -4.66 -4.10 -28.87
C ASP B 28 -4.19 -5.46 -28.35
N ILE B 29 -5.07 -6.47 -28.25
CA ILE B 29 -4.63 -7.78 -27.76
C ILE B 29 -3.95 -8.52 -28.92
N ASN B 30 -2.77 -9.01 -28.70
CA ASN B 30 -2.18 -9.96 -29.62
C ASN B 30 -2.86 -11.32 -29.44
N PRO B 31 -3.50 -11.83 -30.48
CA PRO B 31 -4.25 -13.11 -30.38
C PRO B 31 -3.41 -14.35 -30.13
N CYS B 32 -2.09 -14.25 -30.36
CA CYS B 32 -1.16 -15.37 -30.14
C CYS B 32 -0.57 -15.43 -28.75
N LEU B 33 -0.84 -14.41 -27.94
CA LEU B 33 -0.19 -14.26 -26.63
C LEU B 33 -0.78 -15.19 -25.54
N CYS B 34 -2.08 -15.20 -25.34
CA CYS B 34 -2.68 -16.06 -24.29
C CYS B 34 -3.43 -17.23 -24.87
N THR B 35 -3.64 -18.28 -24.08
CA THR B 35 -4.54 -19.33 -24.54
C THR B 35 -5.98 -18.98 -24.25
N HIS B 36 -6.24 -18.17 -23.23
CA HIS B 36 -7.64 -17.83 -22.87
C HIS B 36 -7.71 -16.34 -22.55
N LEU B 37 -8.79 -15.68 -22.91
CA LEU B 37 -8.91 -14.26 -22.64
C LEU B 37 -10.17 -14.13 -21.86
N ILE B 38 -10.14 -13.34 -20.78
CA ILE B 38 -11.38 -13.11 -20.04
C ILE B 38 -11.78 -11.67 -20.06
N TYR B 39 -13.05 -11.42 -20.35
CA TYR B 39 -13.56 -10.08 -20.46
C TYR B 39 -14.16 -9.69 -19.09
N ALA B 40 -13.55 -8.70 -18.45
CA ALA B 40 -14.06 -8.17 -17.19
C ALA B 40 -14.66 -6.82 -17.47
N PHE B 41 -15.94 -6.56 -17.20
CA PHE B 41 -16.91 -7.49 -16.60
C PHE B 41 -18.30 -7.36 -17.20
N ALA B 42 -19.13 -8.38 -17.01
CA ALA B 42 -20.58 -8.22 -17.13
C ALA B 42 -21.21 -7.93 -15.79
N GLY B 43 -22.45 -7.44 -15.80
CA GLY B 43 -23.20 -7.13 -14.60
C GLY B 43 -24.50 -7.95 -14.58
N MET B 44 -25.50 -7.48 -13.86
CA MET B 44 -26.70 -8.27 -13.67
C MET B 44 -27.84 -7.32 -13.36
N GLN B 45 -29.03 -7.57 -13.92
CA GLN B 45 -30.24 -6.79 -13.65
C GLN B 45 -31.40 -7.77 -13.68
N ASN B 46 -32.21 -7.75 -12.63
CA ASN B 46 -33.30 -8.68 -12.47
C ASN B 46 -32.85 -10.09 -12.66
N ASN B 47 -31.77 -10.47 -11.97
CA ASN B 47 -31.19 -11.82 -12.08
C ASN B 47 -30.81 -12.26 -13.48
N GLU B 48 -30.52 -11.35 -14.39
CA GLU B 48 -30.03 -11.72 -15.74
C GLU B 48 -28.70 -11.06 -16.04
N ILE B 49 -27.81 -11.77 -16.67
CA ILE B 49 -26.56 -11.19 -17.05
C ILE B 49 -26.79 -9.99 -18.03
N THR B 50 -25.87 -9.03 -18.01
CA THR B 50 -26.03 -7.80 -18.75
C THR B 50 -24.73 -7.05 -18.95
N THR B 51 -24.72 -6.14 -19.93
CA THR B 51 -23.57 -5.28 -20.19
C THR B 51 -23.48 -4.21 -19.10
N ILE B 52 -22.32 -3.58 -18.99
CA ILE B 52 -22.16 -2.48 -18.06
C ILE B 52 -21.61 -1.20 -18.69
N GLU B 53 -21.05 -1.29 -19.87
CA GLU B 53 -20.55 -0.09 -20.56
C GLU B 53 -21.35 0.12 -21.84
N TRP B 54 -21.56 1.39 -22.22
CA TRP B 54 -22.39 1.73 -23.38
C TRP B 54 -21.97 0.99 -24.64
N ASN B 55 -20.66 0.79 -24.84
CA ASN B 55 -20.14 0.13 -26.04
C ASN B 55 -19.72 -1.32 -25.87
N ASP B 56 -20.15 -2.02 -24.80
CA ASP B 56 -19.77 -3.44 -24.59
C ASP B 56 -20.07 -4.38 -25.83
N VAL B 57 -21.21 -4.17 -26.52
CA VAL B 57 -21.56 -5.03 -27.66
C VAL B 57 -20.49 -4.94 -28.75
N THR B 58 -20.13 -3.70 -29.11
CA THR B 58 -19.03 -3.48 -30.06
C THR B 58 -17.76 -4.04 -29.55
N LEU B 59 -17.45 -3.86 -28.25
CA LEU B 59 -16.21 -4.46 -27.72
C LEU B 59 -16.24 -6.00 -27.72
N TYR B 60 -17.36 -6.58 -27.32
CA TYR B 60 -17.50 -8.06 -27.44
C TYR B 60 -17.11 -8.55 -28.85
N GLN B 61 -17.59 -7.87 -29.89
CA GLN B 61 -17.32 -8.37 -31.29
C GLN B 61 -15.86 -8.33 -31.63
N ALA B 62 -15.17 -7.25 -31.21
CA ALA B 62 -13.75 -7.13 -31.50
C ALA B 62 -13.08 -8.15 -30.61
N PHE B 63 -13.57 -8.30 -29.37
CA PHE B 63 -12.84 -9.19 -28.45
C PHE B 63 -12.95 -10.61 -29.02
N ASN B 64 -14.16 -11.05 -29.29
CA ASN B 64 -14.36 -12.44 -29.80
C ASN B 64 -13.92 -12.68 -31.28
N GLY B 65 -13.85 -11.59 -32.06
CA GLY B 65 -13.23 -11.60 -33.39
C GLY B 65 -11.77 -11.95 -33.37
N LEU B 66 -11.07 -11.77 -32.23
CA LEU B 66 -9.64 -12.25 -32.16
C LEU B 66 -9.48 -13.75 -32.51
N LYS B 67 -10.54 -14.49 -32.31
CA LYS B 67 -10.56 -15.92 -32.61
C LYS B 67 -10.57 -16.20 -34.11
N ASN B 68 -10.92 -15.19 -34.95
CA ASN B 68 -10.67 -15.27 -36.41
C ASN B 68 -9.21 -15.37 -36.72
N LYS B 69 -8.36 -15.04 -35.76
CA LYS B 69 -6.94 -15.05 -36.05
C LYS B 69 -6.21 -16.15 -35.37
N ASN B 70 -6.79 -16.78 -34.35
CA ASN B 70 -6.17 -17.92 -33.64
C ASN B 70 -7.30 -18.82 -33.29
N SER B 71 -7.37 -19.96 -33.96
CA SER B 71 -8.59 -20.77 -33.94
C SER B 71 -8.62 -21.64 -32.67
N GLN B 72 -7.44 -21.78 -32.03
CA GLN B 72 -7.31 -22.36 -30.66
C GLN B 72 -7.80 -21.43 -29.50
N LEU B 73 -7.81 -20.10 -29.71
CA LEU B 73 -8.12 -19.12 -28.63
C LEU B 73 -9.47 -19.36 -28.01
N LYS B 74 -9.58 -19.26 -26.69
CA LYS B 74 -10.92 -19.25 -26.07
C LYS B 74 -11.16 -17.98 -25.29
N THR B 75 -12.41 -17.54 -25.27
CA THR B 75 -12.83 -16.38 -24.55
C THR B 75 -13.94 -16.68 -23.54
N LEU B 76 -13.88 -15.99 -22.40
CA LEU B 76 -14.89 -16.11 -21.38
C LEU B 76 -15.31 -14.72 -21.01
N LEU B 77 -16.51 -14.64 -20.47
CA LEU B 77 -17.05 -13.43 -19.90
C LEU B 77 -17.11 -13.54 -18.36
N ALA B 78 -16.49 -12.58 -17.66
CA ALA B 78 -16.45 -12.57 -16.18
C ALA B 78 -17.60 -11.76 -15.68
N ILE B 79 -18.31 -12.28 -14.70
CA ILE B 79 -19.40 -11.55 -14.12
C ILE B 79 -19.02 -11.27 -12.67
N GLY B 80 -19.30 -10.04 -12.22
CA GLY B 80 -18.93 -9.62 -10.88
C GLY B 80 -17.79 -8.63 -10.73
N GLY B 81 -16.80 -9.04 -9.95
CA GLY B 81 -15.64 -8.18 -9.66
C GLY B 81 -15.80 -7.60 -8.26
N TRP B 82 -14.70 -7.20 -7.62
CA TRP B 82 -14.76 -6.40 -6.39
C TRP B 82 -15.88 -5.38 -6.33
N ASN B 83 -16.00 -4.51 -7.32
CA ASN B 83 -16.94 -3.37 -7.16
C ASN B 83 -18.42 -3.77 -7.20
N PHE B 84 -18.72 -4.89 -7.87
CA PHE B 84 -20.09 -5.32 -8.04
C PHE B 84 -20.64 -5.73 -6.64
N GLY B 85 -19.77 -6.21 -5.74
CA GLY B 85 -20.28 -6.55 -4.39
C GLY B 85 -20.98 -7.93 -4.40
N THR B 86 -21.87 -8.18 -3.42
CA THR B 86 -22.41 -9.51 -3.23
C THR B 86 -23.93 -9.51 -3.32
N ALA B 87 -24.53 -8.37 -3.07
CA ALA B 87 -26.01 -8.31 -2.96
C ALA B 87 -26.71 -8.94 -4.15
N PRO B 88 -26.28 -8.61 -5.40
CA PRO B 88 -27.05 -9.24 -6.49
C PRO B 88 -26.82 -10.75 -6.58
N PHE B 89 -25.65 -11.25 -6.23
CA PHE B 89 -25.42 -12.71 -6.24
C PHE B 89 -26.26 -13.42 -5.19
N THR B 90 -26.33 -12.84 -3.99
CA THR B 90 -27.07 -13.42 -2.91
C THR B 90 -28.51 -13.52 -3.33
N ALA B 91 -29.08 -12.46 -3.93
CA ALA B 91 -30.49 -12.52 -4.32
C ALA B 91 -30.70 -13.59 -5.39
N MET B 92 -29.78 -13.63 -6.35
CA MET B 92 -29.89 -14.55 -7.49
C MET B 92 -29.83 -16.02 -7.09
N VAL B 93 -28.91 -16.38 -6.18
CA VAL B 93 -28.80 -17.80 -5.78
C VAL B 93 -29.88 -18.27 -4.75
N SER B 94 -30.68 -17.35 -4.23
CA SER B 94 -31.46 -17.63 -3.02
C SER B 94 -32.66 -18.56 -3.25
N THR B 95 -33.15 -18.60 -4.51
CA THR B 95 -34.25 -19.50 -4.92
C THR B 95 -33.92 -20.24 -6.21
N PRO B 96 -34.48 -21.45 -6.41
CA PRO B 96 -34.17 -22.13 -7.68
C PRO B 96 -34.73 -21.39 -8.91
N GLU B 97 -35.84 -20.70 -8.76
CA GLU B 97 -36.39 -19.89 -9.86
C GLU B 97 -35.40 -18.74 -10.30
N ASN B 98 -34.81 -18.01 -9.34
CA ASN B 98 -33.84 -16.98 -9.71
C ASN B 98 -32.58 -17.60 -10.37
N ARG B 99 -32.09 -18.72 -9.88
CA ARG B 99 -30.91 -19.30 -10.51
C ARG B 99 -31.20 -19.71 -11.98
N GLN B 100 -32.40 -20.22 -12.21
CA GLN B 100 -32.83 -20.65 -13.53
C GLN B 100 -32.96 -19.41 -14.48
N THR B 101 -33.61 -18.33 -14.04
CA THR B 101 -33.60 -17.07 -14.76
C THR B 101 -32.18 -16.71 -15.13
N PHE B 102 -31.22 -16.96 -14.24
CA PHE B 102 -29.88 -16.48 -14.51
C PHE B 102 -29.17 -17.35 -15.52
N ILE B 103 -29.24 -18.64 -15.28
CA ILE B 103 -28.57 -19.57 -16.13
C ILE B 103 -29.11 -19.45 -17.58
N THR B 104 -30.42 -19.32 -17.72
CA THR B 104 -31.01 -19.18 -19.02
C THR B 104 -30.42 -17.95 -19.72
N SER B 105 -30.32 -16.82 -19.00
CA SER B 105 -29.83 -15.54 -19.59
C SER B 105 -28.37 -15.70 -19.99
N VAL B 106 -27.62 -16.48 -19.22
CA VAL B 106 -26.22 -16.62 -19.51
C VAL B 106 -26.01 -17.41 -20.84
N ILE B 107 -26.69 -18.56 -20.96
CA ILE B 107 -26.57 -19.35 -22.14
C ILE B 107 -26.94 -18.50 -23.37
N LYS B 108 -28.02 -17.73 -23.32
CA LYS B 108 -28.38 -16.91 -24.47
C LYS B 108 -27.28 -15.88 -24.75
N PHE B 109 -26.75 -15.27 -23.67
CA PHE B 109 -25.86 -14.11 -23.78
C PHE B 109 -24.55 -14.57 -24.31
N LEU B 110 -24.02 -15.65 -23.77
CA LEU B 110 -22.76 -16.14 -24.28
C LEU B 110 -22.87 -16.58 -25.75
N ARG B 111 -24.00 -17.22 -26.15
CA ARG B 111 -24.09 -17.74 -27.52
C ARG B 111 -24.32 -16.54 -28.47
N GLN B 112 -25.22 -15.63 -28.09
CA GLN B 112 -25.41 -14.43 -28.86
C GLN B 112 -24.10 -13.68 -29.15
N TYR B 113 -23.18 -13.57 -28.20
CA TYR B 113 -22.00 -12.72 -28.42
C TYR B 113 -20.71 -13.47 -28.62
N GLU B 114 -20.83 -14.80 -28.70
CA GLU B 114 -19.76 -15.61 -29.12
C GLU B 114 -18.60 -15.77 -28.11
N PHE B 115 -18.94 -15.76 -26.82
CA PHE B 115 -17.97 -16.17 -25.78
C PHE B 115 -17.93 -17.71 -25.61
N ASP B 116 -16.79 -18.33 -25.25
CA ASP B 116 -16.77 -19.78 -24.98
C ASP B 116 -17.07 -20.24 -23.52
N GLY B 117 -17.46 -19.34 -22.63
CA GLY B 117 -17.58 -19.70 -21.20
C GLY B 117 -17.94 -18.48 -20.32
N LEU B 118 -18.33 -18.77 -19.08
CA LEU B 118 -18.49 -17.74 -18.05
C LEU B 118 -17.44 -17.94 -16.91
N ASP B 119 -16.87 -16.84 -16.44
CA ASP B 119 -16.02 -16.78 -15.26
C ASP B 119 -16.79 -16.06 -14.19
N PHE B 120 -17.05 -16.77 -13.09
CA PHE B 120 -17.72 -16.13 -11.95
C PHE B 120 -16.68 -15.40 -11.12
N ASP B 121 -16.97 -14.17 -10.77
CA ASP B 121 -16.02 -13.41 -9.95
C ASP B 121 -16.79 -12.79 -8.84
N TRP B 122 -17.41 -13.66 -8.05
CA TRP B 122 -18.15 -13.23 -6.89
C TRP B 122 -17.15 -12.99 -5.75
N GLU B 123 -17.11 -11.78 -5.19
CA GLU B 123 -16.12 -11.53 -4.12
C GLU B 123 -16.81 -11.04 -2.87
N TYR B 124 -17.19 -11.92 -1.93
CA TYR B 124 -17.07 -13.38 -2.06
C TYR B 124 -18.32 -14.04 -1.47
N PRO B 125 -18.61 -15.29 -1.89
CA PRO B 125 -19.70 -15.97 -1.16
C PRO B 125 -19.29 -15.94 0.31
N GLY B 126 -20.20 -15.55 1.17
CA GLY B 126 -19.98 -15.76 2.63
C GLY B 126 -19.30 -14.59 3.32
N SER B 127 -18.89 -13.55 2.55
CA SER B 127 -18.22 -12.36 3.10
C SER B 127 -18.89 -11.10 2.52
N ARG B 128 -18.44 -9.92 2.95
CA ARG B 128 -18.95 -8.61 2.45
C ARG B 128 -20.46 -8.52 2.37
N GLY B 129 -21.10 -8.94 3.46
CA GLY B 129 -22.56 -8.89 3.45
C GLY B 129 -23.25 -10.17 2.95
N SER B 130 -22.52 -11.08 2.28
CA SER B 130 -23.12 -12.34 1.88
C SER B 130 -23.30 -13.35 3.07
N PRO B 131 -24.53 -13.82 3.31
CA PRO B 131 -24.84 -14.67 4.48
C PRO B 131 -24.24 -16.07 4.36
N PRO B 132 -24.19 -16.85 5.47
CA PRO B 132 -23.48 -18.13 5.43
C PRO B 132 -24.06 -19.16 4.47
N GLN B 133 -25.35 -19.11 4.20
CA GLN B 133 -25.90 -20.06 3.22
C GLN B 133 -25.30 -19.94 1.80
N ASP B 134 -24.74 -18.78 1.47
CA ASP B 134 -24.22 -18.57 0.11
C ASP B 134 -22.99 -19.41 -0.17
N LYS B 135 -22.31 -19.88 0.88
CA LYS B 135 -21.18 -20.74 0.61
C LYS B 135 -21.71 -21.96 -0.18
N HIS B 136 -22.77 -22.56 0.33
CA HIS B 136 -23.26 -23.79 -0.28
C HIS B 136 -24.11 -23.46 -1.50
N LEU B 137 -24.84 -22.35 -1.48
CA LEU B 137 -25.64 -21.95 -2.64
C LEU B 137 -24.77 -21.64 -3.94
N PHE B 138 -23.58 -21.04 -3.76
CA PHE B 138 -22.61 -20.88 -4.81
C PHE B 138 -22.29 -22.24 -5.44
N THR B 139 -22.07 -23.26 -4.65
CA THR B 139 -21.89 -24.59 -5.20
C THR B 139 -23.09 -25.11 -5.97
N VAL B 140 -24.29 -24.90 -5.44
CA VAL B 140 -25.48 -25.24 -6.15
C VAL B 140 -25.52 -24.52 -7.51
N LEU B 141 -25.23 -23.21 -7.51
CA LEU B 141 -25.27 -22.41 -8.77
C LEU B 141 -24.28 -22.99 -9.75
N VAL B 142 -23.07 -23.23 -9.34
CA VAL B 142 -22.02 -23.66 -10.22
C VAL B 142 -22.39 -25.01 -10.84
N GLN B 143 -22.95 -25.90 -10.02
CA GLN B 143 -23.32 -27.22 -10.44
C GLN B 143 -24.47 -27.15 -11.41
N GLU B 144 -25.50 -26.38 -11.11
CA GLU B 144 -26.59 -26.22 -12.05
C GLU B 144 -26.13 -25.52 -13.36
N MET B 145 -25.15 -24.62 -13.28
CA MET B 145 -24.58 -23.99 -14.49
C MET B 145 -23.88 -25.05 -15.33
N ARG B 146 -23.04 -25.84 -14.68
CA ARG B 146 -22.28 -26.83 -15.38
C ARG B 146 -23.21 -27.84 -16.09
N GLU B 147 -24.27 -28.27 -15.41
CA GLU B 147 -25.23 -29.23 -15.95
C GLU B 147 -26.03 -28.62 -17.05
N ALA B 148 -26.52 -27.39 -16.85
CA ALA B 148 -27.23 -26.69 -17.92
C ALA B 148 -26.31 -26.50 -19.16
N PHE B 149 -25.01 -26.37 -18.97
CA PHE B 149 -24.07 -26.19 -20.07
C PHE B 149 -23.85 -27.54 -20.81
N GLU B 150 -23.81 -28.65 -20.04
CA GLU B 150 -23.71 -29.98 -20.64
C GLU B 150 -24.94 -30.28 -21.47
N GLN B 151 -26.11 -29.88 -20.99
CA GLN B 151 -27.32 -30.18 -21.74
C GLN B 151 -27.30 -29.31 -23.00
N GLU B 152 -26.95 -28.03 -22.87
CA GLU B 152 -26.94 -27.10 -24.02
C GLU B 152 -25.97 -27.59 -25.09
N ALA B 153 -24.83 -28.16 -24.69
CA ALA B 153 -23.81 -28.62 -25.64
C ALA B 153 -24.34 -29.68 -26.63
N LYS B 154 -25.27 -30.49 -26.12
CA LYS B 154 -25.83 -31.64 -26.83
C LYS B 154 -26.59 -31.18 -28.09
N GLN B 155 -27.20 -30.02 -28.02
CA GLN B 155 -28.00 -29.54 -29.12
C GLN B 155 -27.44 -28.35 -29.94
N ILE B 156 -26.13 -28.20 -30.05
CA ILE B 156 -25.52 -27.09 -30.80
C ILE B 156 -24.20 -27.62 -31.30
N ASN B 157 -23.74 -27.03 -32.39
CA ASN B 157 -22.48 -27.46 -33.04
C ASN B 157 -21.21 -26.78 -32.50
N LYS B 158 -21.27 -26.21 -31.29
CA LYS B 158 -20.11 -25.70 -30.60
C LYS B 158 -19.77 -26.59 -29.38
N PRO B 159 -18.52 -26.47 -28.84
CA PRO B 159 -18.26 -27.31 -27.67
C PRO B 159 -19.03 -26.78 -26.45
N ARG B 160 -19.11 -27.59 -25.37
CA ARG B 160 -19.78 -27.16 -24.14
C ARG B 160 -19.24 -25.78 -23.68
N LEU B 161 -20.12 -24.87 -23.28
CA LEU B 161 -19.67 -23.63 -22.58
C LEU B 161 -18.83 -24.01 -21.34
N MET B 162 -17.65 -23.40 -21.19
CA MET B 162 -16.87 -23.55 -20.01
C MET B 162 -17.44 -22.74 -18.83
N VAL B 163 -17.13 -23.19 -17.62
CA VAL B 163 -17.48 -22.39 -16.43
C VAL B 163 -16.26 -22.41 -15.54
N THR B 164 -15.81 -21.21 -15.17
CA THR B 164 -14.64 -21.11 -14.32
C THR B 164 -14.97 -20.17 -13.22
N ALA B 165 -14.06 -19.97 -12.27
CA ALA B 165 -14.30 -18.99 -11.21
C ALA B 165 -12.97 -18.41 -10.71
N ALA B 166 -12.99 -17.11 -10.47
CA ALA B 166 -11.90 -16.41 -9.82
C ALA B 166 -12.22 -16.52 -8.31
N VAL B 167 -11.21 -16.89 -7.50
CA VAL B 167 -11.46 -17.24 -6.10
C VAL B 167 -10.48 -16.57 -5.12
N ALA B 168 -10.91 -16.41 -3.87
CA ALA B 168 -10.09 -15.71 -2.87
C ALA B 168 -8.77 -16.35 -2.59
N ALA B 169 -7.79 -15.53 -2.23
CA ALA B 169 -6.57 -16.01 -1.66
C ALA B 169 -6.51 -15.93 -0.12
N GLY B 170 -7.34 -15.12 0.53
CA GLY B 170 -7.23 -14.97 1.98
C GLY B 170 -7.93 -16.16 2.65
N ILE B 171 -7.27 -16.75 3.62
CA ILE B 171 -7.70 -18.04 4.16
C ILE B 171 -9.09 -17.89 4.77
N SER B 172 -9.26 -16.83 5.49
CA SER B 172 -10.58 -16.61 6.05
C SER B 172 -11.69 -16.50 4.97
N ASN B 173 -11.42 -15.75 3.90
CA ASN B 173 -12.43 -15.66 2.83
C ASN B 173 -12.64 -17.03 2.14
N ILE B 174 -11.59 -17.81 2.02
CA ILE B 174 -11.69 -19.17 1.48
C ILE B 174 -12.63 -20.07 2.31
N GLN B 175 -12.48 -19.99 3.63
CA GLN B 175 -13.16 -20.88 4.59
C GLN B 175 -14.59 -20.51 4.65
N SER B 176 -14.94 -19.25 4.46
CA SER B 176 -16.36 -18.98 4.52
C SER B 176 -17.01 -18.94 3.15
N GLY B 177 -16.18 -19.10 2.11
CA GLY B 177 -16.64 -18.98 0.71
C GLY B 177 -16.93 -20.29 -0.05
N TYR B 178 -16.08 -21.31 0.05
CA TYR B 178 -16.02 -22.38 -0.97
C TYR B 178 -16.04 -23.81 -0.43
N GLU B 179 -16.91 -24.62 -1.04
CA GLU B 179 -16.84 -26.04 -0.86
C GLU B 179 -15.92 -26.53 -1.91
N ILE B 180 -14.64 -26.58 -1.57
CA ILE B 180 -13.59 -26.79 -2.55
C ILE B 180 -13.75 -28.12 -3.36
N PRO B 181 -13.79 -29.29 -2.69
CA PRO B 181 -13.93 -30.52 -3.49
C PRO B 181 -15.11 -30.53 -4.45
N GLN B 182 -16.28 -30.09 -3.97
CA GLN B 182 -17.48 -30.10 -4.80
C GLN B 182 -17.35 -29.12 -5.99
N LEU B 183 -16.99 -27.86 -5.71
CA LEU B 183 -16.74 -26.90 -6.79
C LEU B 183 -15.72 -27.38 -7.85
N SER B 184 -14.63 -27.96 -7.41
CA SER B 184 -13.62 -28.56 -8.24
C SER B 184 -14.16 -29.58 -9.26
N GLN B 185 -15.21 -30.32 -8.90
CA GLN B 185 -15.82 -31.22 -9.86
C GLN B 185 -16.44 -30.40 -10.99
N TYR B 186 -17.19 -29.35 -10.69
CA TYR B 186 -17.98 -28.70 -11.67
C TYR B 186 -17.26 -27.63 -12.49
N LEU B 187 -16.21 -27.04 -11.93
CA LEU B 187 -15.53 -25.96 -12.60
C LEU B 187 -14.51 -26.53 -13.60
N ASP B 188 -14.34 -25.87 -14.74
CA ASP B 188 -13.23 -26.24 -15.65
C ASP B 188 -11.88 -25.77 -15.15
N TYR B 189 -11.88 -24.56 -14.56
CA TYR B 189 -10.66 -23.93 -14.01
C TYR B 189 -10.95 -23.11 -12.79
N ILE B 190 -9.92 -22.97 -12.00
CA ILE B 190 -10.04 -22.22 -10.78
C ILE B 190 -8.95 -21.18 -10.81
N HIS B 191 -9.36 -19.93 -10.87
CA HIS B 191 -8.38 -18.82 -10.97
C HIS B 191 -8.15 -18.17 -9.59
N VAL B 192 -7.03 -18.45 -8.97
CA VAL B 192 -6.81 -18.08 -7.62
C VAL B 192 -6.16 -16.67 -7.64
N MET B 193 -6.82 -15.71 -7.00
CA MET B 193 -6.36 -14.32 -7.04
C MET B 193 -5.22 -14.11 -6.07
N THR B 194 -4.09 -14.73 -6.36
CA THR B 194 -2.89 -14.63 -5.53
C THR B 194 -2.16 -13.31 -5.79
N TYR B 195 -2.86 -12.21 -5.50
CA TYR B 195 -2.25 -10.92 -5.52
C TYR B 195 -3.12 -10.03 -4.60
N ASP B 196 -2.78 -8.75 -4.47
CA ASP B 196 -3.36 -7.92 -3.41
C ASP B 196 -3.12 -8.59 -2.02
N LEU B 197 -2.02 -9.31 -1.89
CA LEU B 197 -1.73 -9.95 -0.62
C LEU B 197 -1.26 -8.94 0.47
N HIS B 198 -0.64 -7.83 0.10
CA HIS B 198 -0.32 -6.69 0.99
C HIS B 198 -0.64 -5.46 0.21
N GLY B 199 -0.78 -4.34 0.92
CA GLY B 199 -0.98 -3.03 0.37
C GLY B 199 -1.14 -2.05 1.53
N SER B 200 -1.39 -0.79 1.19
CA SER B 200 -1.24 0.27 2.14
C SER B 200 -2.24 0.19 3.27
N TRP B 201 -3.28 -0.61 3.08
CA TRP B 201 -4.32 -0.75 4.08
C TRP B 201 -3.73 -1.40 5.34
N GLU B 202 -2.58 -2.07 5.23
CA GLU B 202 -1.95 -2.68 6.41
C GLU B 202 -1.14 -1.72 7.28
N GLY B 203 -0.69 -0.58 6.72
CA GLY B 203 0.14 0.37 7.46
C GLY B 203 1.62 0.07 7.46
N TYR B 204 2.04 -0.94 6.75
CA TYR B 204 3.48 -1.30 6.61
C TYR B 204 3.75 -1.59 5.13
N THR B 205 4.97 -1.39 4.62
CA THR B 205 5.24 -1.83 3.28
C THR B 205 5.14 -3.40 3.20
N GLY B 206 4.73 -3.94 2.05
CA GLY B 206 4.55 -5.41 1.82
C GLY B 206 4.39 -5.65 0.32
N GLU B 207 4.66 -6.86 -0.10
CA GLU B 207 4.59 -7.19 -1.50
C GLU B 207 3.24 -7.59 -2.00
N ASN B 208 2.92 -7.21 -3.22
CA ASN B 208 1.65 -7.51 -3.80
C ASN B 208 1.42 -9.01 -3.95
N SER B 209 2.43 -9.73 -4.39
CA SER B 209 2.20 -11.15 -4.71
C SER B 209 3.49 -11.88 -4.40
N PRO B 210 3.89 -11.92 -3.10
CA PRO B 210 5.21 -12.55 -2.86
C PRO B 210 5.11 -14.07 -3.07
N LEU B 211 6.17 -14.70 -3.52
CA LEU B 211 6.07 -16.14 -3.69
C LEU B 211 6.10 -16.91 -2.36
N TYR B 212 7.00 -16.52 -1.43
CA TYR B 212 7.17 -17.25 -0.18
C TYR B 212 6.92 -16.28 0.94
N LYS B 213 6.84 -16.79 2.15
CA LYS B 213 6.71 -15.88 3.31
C LYS B 213 7.97 -15.09 3.58
N TYR B 214 7.80 -13.94 4.16
CA TYR B 214 8.91 -13.21 4.68
C TYR B 214 9.33 -13.85 6.02
N PRO B 215 10.63 -13.96 6.30
CA PRO B 215 11.09 -14.66 7.53
C PRO B 215 10.46 -14.12 8.86
N THR B 216 10.09 -12.85 8.86
CA THR B 216 9.49 -12.15 9.99
C THR B 216 7.94 -12.22 10.02
N ASP B 217 7.33 -12.86 9.01
CA ASP B 217 5.87 -12.94 8.89
C ASP B 217 5.44 -13.93 9.98
N THR B 218 4.54 -13.49 10.87
CA THR B 218 4.02 -14.25 12.00
C THR B 218 2.47 -14.20 12.01
N GLY B 219 1.83 -15.09 12.76
CA GLY B 219 0.34 -15.09 12.91
C GLY B 219 -0.23 -15.30 11.52
N SER B 220 -1.29 -14.59 11.19
CA SER B 220 -1.91 -14.86 9.92
C SER B 220 -1.20 -14.21 8.71
N ASN B 221 -0.18 -13.36 8.94
CA ASN B 221 0.69 -12.90 7.84
C ASN B 221 1.48 -14.02 7.23
N ALA B 222 1.60 -15.14 7.94
CA ALA B 222 2.33 -16.29 7.36
C ALA B 222 1.56 -16.89 6.16
N TYR B 223 0.29 -16.58 6.02
CA TYR B 223 -0.49 -17.20 4.94
C TYR B 223 -0.46 -16.38 3.64
N LEU B 224 0.09 -15.17 3.72
CA LEU B 224 -0.05 -14.19 2.64
C LEU B 224 1.10 -14.34 1.63
N ASN B 225 1.13 -15.49 0.96
CA ASN B 225 2.10 -15.63 -0.09
C ASN B 225 1.57 -16.71 -1.02
N VAL B 226 2.16 -16.79 -2.23
CA VAL B 226 1.56 -17.58 -3.31
C VAL B 226 1.66 -19.05 -2.99
N ASP B 227 2.83 -19.47 -2.51
CA ASP B 227 3.09 -20.87 -2.16
C ASP B 227 2.06 -21.40 -1.17
N TYR B 228 1.88 -20.66 -0.08
CA TYR B 228 0.88 -21.05 0.93
C TYR B 228 -0.54 -21.16 0.38
N VAL B 229 -0.95 -20.15 -0.34
CA VAL B 229 -2.32 -20.12 -0.83
C VAL B 229 -2.59 -21.24 -1.84
N MET B 230 -1.67 -21.43 -2.79
CA MET B 230 -1.87 -22.46 -3.83
C MET B 230 -1.86 -23.84 -3.22
N ASN B 231 -0.88 -24.12 -2.34
CA ASN B 231 -0.91 -25.39 -1.59
C ASN B 231 -2.14 -25.58 -0.72
N TYR B 232 -2.71 -24.48 -0.19
CA TYR B 232 -3.97 -24.64 0.60
C TYR B 232 -5.10 -25.15 -0.32
N TRP B 233 -5.27 -24.48 -1.46
CA TRP B 233 -6.29 -24.91 -2.44
C TRP B 233 -6.13 -26.37 -2.88
N LYS B 234 -4.89 -26.78 -3.14
CA LYS B 234 -4.56 -28.11 -3.57
C LYS B 234 -4.84 -29.15 -2.46
N ASP B 235 -4.36 -28.89 -1.26
CA ASP B 235 -4.53 -29.84 -0.13
C ASP B 235 -5.95 -29.91 0.31
N ASN B 236 -6.71 -28.85 0.05
CA ASN B 236 -8.04 -28.82 0.47
C ASN B 236 -9.02 -29.25 -0.58
N GLY B 237 -8.50 -29.92 -1.61
CA GLY B 237 -9.44 -30.63 -2.51
C GLY B 237 -9.44 -30.25 -3.96
N ALA B 238 -8.68 -29.22 -4.39
CA ALA B 238 -8.69 -28.86 -5.85
C ALA B 238 -7.59 -29.53 -6.61
N PRO B 239 -7.90 -30.23 -7.69
CA PRO B 239 -6.83 -30.94 -8.44
C PRO B 239 -5.81 -29.96 -9.04
N ALA B 240 -4.53 -30.28 -8.93
CA ALA B 240 -3.51 -29.35 -9.35
C ALA B 240 -3.77 -28.82 -10.81
N GLU B 241 -4.27 -29.69 -11.68
CA GLU B 241 -4.43 -29.34 -13.08
C GLU B 241 -5.50 -28.28 -13.34
N LYS B 242 -6.43 -28.07 -12.39
CA LYS B 242 -7.46 -27.11 -12.59
C LYS B 242 -7.15 -25.75 -11.90
N LEU B 243 -6.09 -25.72 -11.14
CA LEU B 243 -5.67 -24.59 -10.36
C LEU B 243 -4.74 -23.72 -11.17
N ILE B 244 -5.16 -22.47 -11.35
CA ILE B 244 -4.43 -21.51 -12.17
C ILE B 244 -3.91 -20.43 -11.24
N VAL B 245 -2.61 -20.22 -11.21
CA VAL B 245 -1.98 -19.20 -10.40
C VAL B 245 -2.22 -17.73 -10.89
N GLY B 246 -2.65 -16.84 -10.02
CA GLY B 246 -2.80 -15.36 -10.31
C GLY B 246 -1.47 -14.60 -10.34
N PHE B 247 -1.20 -13.91 -11.46
CA PHE B 247 0.01 -13.07 -11.59
C PHE B 247 -0.48 -11.64 -11.87
N PRO B 248 -0.01 -10.66 -11.08
CA PRO B 248 -0.45 -9.27 -11.29
C PRO B 248 0.55 -8.52 -12.24
N THR B 249 0.08 -7.69 -13.16
CA THR B 249 1.02 -6.90 -13.98
C THR B 249 0.98 -5.45 -13.46
N TYR B 250 0.75 -5.33 -12.18
CA TYR B 250 0.73 -4.03 -11.51
C TYR B 250 1.36 -4.26 -10.13
N GLY B 251 1.69 -3.18 -9.43
CA GLY B 251 2.19 -3.26 -8.10
C GLY B 251 1.34 -2.36 -7.21
N HIS B 252 1.48 -2.52 -5.89
CA HIS B 252 0.88 -1.63 -4.87
C HIS B 252 1.92 -0.62 -4.38
N ASN B 253 1.49 0.61 -4.18
CA ASN B 253 2.44 1.61 -3.76
C ASN B 253 2.04 2.26 -2.42
N PHE B 254 2.97 2.95 -1.78
CA PHE B 254 2.76 3.35 -0.39
C PHE B 254 3.41 4.68 -0.12
N ILE B 255 2.90 5.46 0.81
CA ILE B 255 3.69 6.61 1.34
C ILE B 255 4.48 6.14 2.56
N LEU B 256 5.80 6.21 2.51
CA LEU B 256 6.66 5.79 3.65
C LEU B 256 6.49 6.81 4.80
N SER B 257 6.19 6.31 6.02
CA SER B 257 6.18 7.15 7.22
C SER B 257 7.52 7.82 7.46
N ASN B 258 8.62 7.10 7.24
CA ASN B 258 9.90 7.74 7.32
C ASN B 258 10.76 7.30 6.15
N PRO B 259 11.09 8.24 5.25
CA PRO B 259 11.92 8.03 4.07
C PRO B 259 13.24 7.30 4.32
N SER B 260 13.77 7.33 5.56
CA SER B 260 14.99 6.49 5.90
C SER B 260 14.71 5.01 5.95
N ASN B 261 13.49 4.63 6.35
CA ASN B 261 13.16 3.23 6.57
C ASN B 261 12.38 2.72 5.35
N THR B 262 13.09 2.01 4.50
CA THR B 262 12.59 1.65 3.22
C THR B 262 12.52 0.15 3.00
N GLY B 263 12.66 -0.65 4.03
CA GLY B 263 12.69 -2.12 3.79
C GLY B 263 11.29 -2.75 3.76
N ILE B 264 11.22 -4.07 3.67
CA ILE B 264 9.97 -4.76 3.79
C ILE B 264 9.52 -4.58 5.23
N GLY B 265 8.27 -4.17 5.44
CA GLY B 265 7.71 -4.04 6.78
C GLY B 265 7.87 -2.64 7.38
N ALA B 266 8.36 -1.68 6.60
CA ALA B 266 8.54 -0.33 7.09
C ALA B 266 7.18 0.29 7.23
N PRO B 267 7.00 1.14 8.24
CA PRO B 267 5.68 1.83 8.40
C PRO B 267 5.33 2.80 7.26
N THR B 268 4.05 2.82 6.96
CA THR B 268 3.63 3.73 5.90
C THR B 268 2.47 4.53 6.44
N SER B 269 2.20 5.65 5.78
CA SER B 269 1.09 6.48 6.25
C SER B 269 -0.09 6.59 5.27
N GLY B 270 -0.01 5.92 4.13
CA GLY B 270 -1.19 5.83 3.25
C GLY B 270 -0.85 5.23 1.91
N ALA B 271 -1.85 5.12 1.07
CA ALA B 271 -1.64 4.63 -0.30
C ALA B 271 -0.72 5.56 -1.05
N GLY B 272 0.10 5.02 -1.92
CA GLY B 272 0.93 5.85 -2.81
C GLY B 272 0.13 6.60 -3.88
N PRO B 273 0.78 7.48 -4.66
CA PRO B 273 0.04 8.34 -5.59
C PRO B 273 -0.52 7.59 -6.80
N ALA B 274 -1.73 7.92 -7.24
CA ALA B 274 -2.24 7.50 -8.54
C ALA B 274 -1.16 7.74 -9.67
N GLY B 275 -1.03 6.77 -10.60
CA GLY B 275 -0.17 6.99 -11.76
C GLY B 275 -0.92 7.84 -12.82
N PRO B 276 -0.21 8.34 -13.82
CA PRO B 276 -0.91 9.23 -14.77
C PRO B 276 -1.77 8.50 -15.81
N TYR B 277 -1.67 7.16 -15.89
CA TYR B 277 -2.49 6.44 -16.85
C TYR B 277 -3.68 5.72 -16.24
N ALA B 278 -3.43 4.88 -15.24
CA ALA B 278 -4.51 4.11 -14.60
C ALA B 278 -5.24 4.97 -13.61
N LYS B 279 -4.57 6.02 -13.14
CA LYS B 279 -5.18 6.97 -12.23
C LYS B 279 -5.75 6.30 -10.97
N GLU B 280 -5.02 5.33 -10.49
CA GLU B 280 -5.57 4.53 -9.41
C GLU B 280 -4.73 4.70 -8.10
N SER B 281 -5.32 5.22 -7.03
CA SER B 281 -4.62 5.36 -5.72
C SER B 281 -4.04 4.05 -5.31
N GLY B 282 -2.77 3.99 -4.92
CA GLY B 282 -2.24 2.81 -4.29
C GLY B 282 -1.84 1.75 -5.30
N ILE B 283 -2.05 2.00 -6.59
CA ILE B 283 -1.71 0.99 -7.60
C ILE B 283 -1.05 1.66 -8.81
N TRP B 284 0.01 1.06 -9.35
CA TRP B 284 0.64 1.47 -10.60
C TRP B 284 0.72 0.25 -11.51
N ALA B 285 0.34 0.43 -12.77
CA ALA B 285 0.56 -0.56 -13.80
C ALA B 285 2.06 -0.81 -13.96
N TYR B 286 2.43 -1.94 -14.52
CA TYR B 286 3.84 -2.23 -14.79
C TYR B 286 4.48 -1.10 -15.59
N TYR B 287 3.84 -0.65 -16.67
CA TYR B 287 4.46 0.43 -17.45
C TYR B 287 4.57 1.76 -16.68
N GLU B 288 3.68 2.00 -15.70
CA GLU B 288 3.84 3.16 -14.89
C GLU B 288 5.05 2.98 -13.95
N ILE B 289 5.31 1.74 -13.48
CA ILE B 289 6.44 1.49 -12.58
C ILE B 289 7.73 1.68 -13.39
N CYS B 290 7.67 1.34 -14.67
CA CYS B 290 8.85 1.49 -15.48
C CYS B 290 9.28 2.96 -15.60
N THR B 291 8.33 3.91 -15.56
CA THR B 291 8.63 5.31 -15.57
C THR B 291 9.30 5.76 -14.24
N PHE B 292 8.77 5.28 -13.12
CA PHE B 292 9.35 5.53 -11.79
C PHE B 292 10.79 5.06 -11.76
N LEU B 293 11.06 3.84 -12.27
CA LEU B 293 12.44 3.35 -12.40
C LEU B 293 13.33 4.26 -13.24
N LYS B 294 12.87 4.70 -14.40
CA LYS B 294 13.77 5.51 -15.18
C LYS B 294 13.99 6.88 -14.56
N ASN B 295 13.04 7.24 -13.70
CA ASN B 295 13.20 8.40 -12.88
C ASN B 295 14.28 8.19 -11.77
N GLY B 296 15.08 7.11 -11.87
CA GLY B 296 16.15 6.95 -10.88
C GLY B 296 15.70 6.39 -9.53
N ALA B 297 14.47 5.86 -9.40
CA ALA B 297 14.08 5.21 -8.13
C ALA B 297 15.11 4.15 -7.70
N THR B 298 15.29 3.96 -6.40
CA THR B 298 16.18 2.86 -5.91
C THR B 298 15.48 1.51 -6.05
N GLN B 299 16.11 0.57 -6.72
CA GLN B 299 15.63 -0.79 -6.94
C GLN B 299 16.06 -1.74 -5.81
N GLY B 300 15.12 -2.51 -5.29
CA GLY B 300 15.38 -3.49 -4.23
C GLY B 300 14.93 -4.88 -4.67
N TRP B 301 15.50 -5.90 -4.03
CA TRP B 301 15.07 -7.25 -4.30
C TRP B 301 14.74 -7.88 -2.96
N ASP B 302 13.54 -8.38 -2.78
CA ASP B 302 13.08 -9.01 -1.51
C ASP B 302 13.45 -10.48 -1.70
N ALA B 303 14.71 -10.83 -1.35
CA ALA B 303 15.23 -12.19 -1.63
C ALA B 303 14.39 -13.32 -1.06
N PRO B 304 14.00 -13.22 0.22
CA PRO B 304 13.23 -14.39 0.70
C PRO B 304 11.90 -14.53 0.01
N GLN B 305 11.31 -13.45 -0.52
CA GLN B 305 10.01 -13.65 -1.20
C GLN B 305 10.06 -13.71 -2.72
N GLU B 306 11.24 -13.46 -3.31
CA GLU B 306 11.45 -13.52 -4.76
C GLU B 306 10.68 -12.47 -5.60
N VAL B 307 10.63 -11.23 -5.16
CA VAL B 307 9.93 -10.16 -5.87
C VAL B 307 10.60 -8.85 -5.62
N PRO B 308 10.50 -7.93 -6.60
CA PRO B 308 11.24 -6.63 -6.51
C PRO B 308 10.46 -5.57 -5.72
N TYR B 309 11.13 -4.47 -5.35
CA TYR B 309 10.45 -3.29 -4.86
C TYR B 309 11.30 -2.14 -5.27
N ALA B 310 10.77 -0.95 -5.13
CA ALA B 310 11.56 0.21 -5.49
C ALA B 310 11.04 1.36 -4.69
N TYR B 311 11.86 2.39 -4.51
CA TYR B 311 11.39 3.58 -3.73
C TYR B 311 12.17 4.82 -4.15
N GLN B 312 11.58 5.98 -3.85
CA GLN B 312 12.19 7.25 -4.02
C GLN B 312 11.46 8.21 -3.13
N GLY B 313 12.24 8.95 -2.32
CA GLY B 313 11.68 9.92 -1.43
C GLY B 313 10.81 9.15 -0.48
N ASN B 314 9.59 9.65 -0.30
CA ASN B 314 8.63 8.93 0.54
C ASN B 314 7.70 7.93 -0.22
N VAL B 315 8.04 7.55 -1.44
CA VAL B 315 7.13 6.63 -2.18
C VAL B 315 7.77 5.28 -2.35
N TRP B 316 7.04 4.20 -2.07
CA TRP B 316 7.59 2.85 -2.21
C TRP B 316 6.57 2.00 -2.98
N VAL B 317 7.05 1.03 -3.75
CA VAL B 317 6.17 0.13 -4.49
C VAL B 317 6.70 -1.28 -4.52
N GLY B 318 5.77 -2.19 -4.26
CA GLY B 318 6.04 -3.62 -4.33
C GLY B 318 5.35 -4.16 -5.57
N TYR B 319 6.02 -5.05 -6.30
CA TYR B 319 5.52 -5.37 -7.63
C TYR B 319 6.15 -6.59 -8.21
N ASP B 320 5.91 -6.79 -9.51
CA ASP B 320 6.44 -7.91 -10.21
C ASP B 320 7.15 -7.49 -11.54
N ASN B 321 8.29 -8.14 -11.79
CA ASN B 321 9.02 -7.89 -13.03
C ASN B 321 9.29 -9.23 -13.73
N ILE B 322 10.14 -9.18 -14.73
CA ILE B 322 10.32 -10.34 -15.59
C ILE B 322 10.97 -11.42 -14.75
N LYS B 323 11.90 -10.96 -13.93
CA LYS B 323 12.59 -11.85 -13.07
C LYS B 323 11.65 -12.63 -12.07
N SER B 324 10.74 -11.93 -11.35
CA SER B 324 9.80 -12.60 -10.43
C SER B 324 8.81 -13.47 -11.20
N PHE B 325 8.37 -13.02 -12.38
CA PHE B 325 7.42 -13.79 -13.16
C PHE B 325 8.08 -15.09 -13.56
N ASP B 326 9.31 -14.97 -14.02
CA ASP B 326 10.05 -16.17 -14.41
C ASP B 326 10.24 -17.21 -13.25
N ILE B 327 10.65 -16.74 -12.06
CA ILE B 327 10.80 -17.57 -10.90
C ILE B 327 9.45 -18.24 -10.51
N LYS B 328 8.36 -17.49 -10.50
CA LYS B 328 7.06 -18.09 -10.18
C LYS B 328 6.59 -19.07 -11.24
N ALA B 329 7.00 -18.86 -12.49
CA ALA B 329 6.54 -19.76 -13.51
C ALA B 329 7.31 -21.07 -13.38
N GLN B 330 8.58 -20.98 -13.04
CA GLN B 330 9.34 -22.22 -12.82
C GLN B 330 8.73 -22.97 -11.58
N TRP B 331 8.36 -22.19 -10.55
CA TRP B 331 7.72 -22.78 -9.39
C TRP B 331 6.38 -23.46 -9.76
N LEU B 332 5.59 -22.83 -10.62
CA LEU B 332 4.30 -23.44 -10.87
C LEU B 332 4.40 -24.71 -11.71
N LYS B 333 5.43 -24.82 -12.54
CA LYS B 333 5.57 -26.03 -13.34
C LYS B 333 6.07 -27.11 -12.37
N HIS B 334 6.99 -26.76 -11.51
CA HIS B 334 7.51 -27.74 -10.59
C HIS B 334 6.41 -28.27 -9.67
N ASN B 335 5.36 -27.49 -9.42
CA ASN B 335 4.26 -27.94 -8.54
C ASN B 335 3.06 -28.46 -9.31
N LYS B 336 3.20 -28.49 -10.64
CA LYS B 336 2.18 -29.11 -11.52
C LYS B 336 0.79 -28.50 -11.55
N PHE B 337 0.72 -27.17 -11.32
CA PHE B 337 -0.53 -26.40 -11.55
C PHE B 337 -0.87 -26.33 -13.05
N GLY B 338 -2.13 -26.07 -13.35
CA GLY B 338 -2.57 -26.12 -14.74
C GLY B 338 -2.13 -24.91 -15.55
N GLY B 339 -1.64 -23.87 -14.84
CA GLY B 339 -1.23 -22.68 -15.54
C GLY B 339 -1.28 -21.39 -14.77
N ALA B 340 -1.28 -20.29 -15.53
CA ALA B 340 -1.17 -18.93 -14.99
C ALA B 340 -2.31 -18.16 -15.53
N MET B 341 -2.77 -17.23 -14.70
CA MET B 341 -3.81 -16.29 -15.03
C MET B 341 -3.17 -14.91 -14.75
N VAL B 342 -3.43 -13.90 -15.59
CA VAL B 342 -2.78 -12.62 -15.44
C VAL B 342 -3.86 -11.52 -15.30
N TRP B 343 -3.80 -10.73 -14.22
CA TRP B 343 -4.54 -9.48 -14.16
C TRP B 343 -3.54 -8.36 -14.33
N ALA B 344 -3.50 -7.62 -15.45
CA ALA B 344 -4.43 -7.71 -16.51
C ALA B 344 -3.64 -7.41 -17.80
N ILE B 345 -4.12 -7.85 -18.96
CA ILE B 345 -3.32 -7.63 -20.14
C ILE B 345 -3.11 -6.12 -20.40
N ASP B 346 -4.07 -5.27 -20.01
CA ASP B 346 -3.98 -3.88 -20.27
C ASP B 346 -3.04 -3.12 -19.28
N LEU B 347 -2.39 -3.84 -18.38
CA LEU B 347 -1.49 -3.20 -17.39
C LEU B 347 -0.06 -3.62 -17.63
N ASP B 348 0.15 -4.62 -18.49
CA ASP B 348 1.52 -4.96 -18.92
C ASP B 348 2.01 -3.85 -19.91
N ASP B 349 3.28 -3.84 -20.28
CA ASP B 349 3.75 -2.79 -21.21
C ASP B 349 3.42 -3.21 -22.65
N PHE B 350 2.16 -3.05 -22.99
CA PHE B 350 1.64 -3.51 -24.22
C PHE B 350 2.15 -2.76 -25.43
N THR B 351 2.54 -1.49 -25.29
CA THR B 351 3.11 -0.79 -26.46
C THR B 351 4.59 -1.06 -26.62
N GLY B 352 5.22 -1.63 -25.58
CA GLY B 352 6.68 -1.82 -25.61
C GLY B 352 7.44 -0.54 -25.34
N THR B 353 6.75 0.62 -25.21
CA THR B 353 7.53 1.83 -25.21
C THR B 353 7.88 2.35 -23.83
N PHE B 354 7.47 1.69 -22.74
CA PHE B 354 7.77 2.25 -21.41
C PHE B 354 8.97 1.55 -20.77
N CYS B 355 9.10 0.25 -21.03
CA CYS B 355 10.01 -0.54 -20.20
C CYS B 355 11.26 -0.92 -20.96
N ASN B 356 11.19 -0.84 -22.29
CA ASN B 356 12.28 -1.22 -23.12
C ASN B 356 12.52 -2.72 -23.09
N GLN B 357 11.46 -3.52 -23.07
CA GLN B 357 11.65 -4.98 -22.92
C GLN B 357 10.82 -5.69 -23.95
N GLY B 358 10.47 -4.97 -25.01
CA GLY B 358 9.57 -5.56 -26.01
C GLY B 358 8.10 -5.38 -25.60
N LYS B 359 7.21 -5.83 -26.47
CA LYS B 359 5.81 -5.79 -26.20
C LYS B 359 5.34 -6.88 -25.22
N PHE B 360 4.46 -6.49 -24.33
CA PHE B 360 3.93 -7.43 -23.36
C PHE B 360 5.07 -8.16 -22.68
N PRO B 361 6.02 -7.43 -22.06
CA PRO B 361 7.18 -8.18 -21.55
C PRO B 361 6.82 -9.26 -20.46
N LEU B 362 5.83 -8.94 -19.64
CA LEU B 362 5.51 -9.79 -18.50
C LEU B 362 4.81 -11.00 -19.02
N ILE B 363 3.76 -10.78 -19.78
CA ILE B 363 2.96 -11.89 -20.23
C ILE B 363 3.76 -12.75 -21.24
N SER B 364 4.63 -12.11 -22.04
CA SER B 364 5.58 -12.89 -22.93
C SER B 364 6.53 -13.79 -22.15
N THR B 365 7.04 -13.30 -21.02
CA THR B 365 7.83 -14.17 -20.13
C THR B 365 7.05 -15.48 -19.79
N LEU B 366 5.76 -15.36 -19.47
CA LEU B 366 5.00 -16.55 -19.04
C LEU B 366 4.77 -17.47 -20.25
N LYS B 367 4.54 -16.89 -21.43
CA LYS B 367 4.24 -17.64 -22.64
C LYS B 367 5.49 -18.49 -22.95
N LYS B 368 6.66 -17.86 -22.81
CA LYS B 368 7.90 -18.55 -23.00
C LYS B 368 8.06 -19.63 -21.94
N ALA B 369 7.93 -19.25 -20.67
CA ALA B 369 8.31 -20.18 -19.59
C ALA B 369 7.38 -21.40 -19.51
N LEU B 370 6.16 -21.26 -20.02
CA LEU B 370 5.13 -22.28 -19.90
C LEU B 370 5.09 -23.13 -21.19
N GLY B 371 6.11 -22.98 -22.01
CA GLY B 371 6.29 -23.78 -23.24
C GLY B 371 5.21 -23.49 -24.23
N LEU B 372 4.74 -22.24 -24.29
CA LEU B 372 3.64 -21.89 -25.18
C LEU B 372 4.13 -21.11 -26.38
N GLN B 373 5.44 -20.91 -26.44
CA GLN B 373 6.08 -20.11 -27.47
C GLN B 373 5.74 -20.64 -28.87
N SER B 374 5.55 -21.97 -28.95
CA SER B 374 5.24 -22.70 -30.17
C SER B 374 3.73 -23.08 -30.31
N ALA B 375 2.84 -22.39 -29.60
CA ALA B 375 1.40 -22.60 -29.82
C ALA B 375 1.11 -22.11 -31.24
N SER B 376 0.21 -22.76 -31.96
CA SER B 376 -0.09 -22.35 -33.32
C SER B 376 -0.90 -21.07 -33.27
N CYS B 377 -0.61 -20.14 -34.17
CA CYS B 377 -1.44 -18.98 -34.28
C CYS B 377 -1.96 -18.78 -35.70
N THR B 378 -2.98 -19.58 -36.03
CA THR B 378 -3.54 -19.69 -37.38
C THR B 378 -5.06 -19.67 -37.34
N ALA B 379 -5.66 -19.19 -38.44
CA ALA B 379 -7.12 -19.13 -38.64
C ALA B 379 -7.82 -20.47 -38.95
N ALA C 4 -9.66 14.78 -40.45
CA ALA C 4 -10.43 16.07 -40.24
C ALA C 4 -9.44 17.15 -39.70
N TYR C 5 -8.72 16.88 -38.60
CA TYR C 5 -7.62 17.80 -38.18
C TYR C 5 -6.24 17.18 -38.32
N GLN C 6 -5.23 17.98 -38.66
CA GLN C 6 -3.84 17.54 -38.68
C GLN C 6 -3.13 17.83 -37.34
N LEU C 7 -2.13 17.01 -37.00
CA LEU C 7 -1.25 17.28 -35.89
C LEU C 7 0.15 17.10 -36.41
N THR C 8 0.80 18.21 -36.61
CA THR C 8 2.13 18.29 -37.17
C THR C 8 3.18 18.61 -36.12
N CYS C 9 4.25 17.83 -36.07
CA CYS C 9 5.25 17.93 -35.00
C CYS C 9 6.65 18.06 -35.53
N TYR C 10 7.36 19.11 -35.10
CA TYR C 10 8.73 19.39 -35.53
C TYR C 10 9.69 18.63 -34.66
N PHE C 11 10.72 18.10 -35.30
CA PHE C 11 11.79 17.37 -34.63
C PHE C 11 13.01 18.16 -34.88
N THR C 12 13.84 18.46 -33.84
CA THR C 12 15.06 19.14 -34.15
C THR C 12 16.29 18.21 -34.11
N ASN C 13 17.17 18.42 -35.07
CA ASN C 13 18.32 17.51 -35.21
C ASN C 13 19.53 17.87 -34.33
N TRP C 14 19.41 18.90 -33.49
CA TRP C 14 20.41 19.12 -32.48
C TRP C 14 19.98 18.62 -31.07
N ALA C 15 18.74 18.18 -30.92
CA ALA C 15 18.23 17.65 -29.64
C ALA C 15 19.05 16.38 -29.21
N GLN C 16 19.72 15.77 -30.17
CA GLN C 16 20.51 14.55 -29.92
C GLN C 16 21.71 14.82 -29.05
N TYR C 17 22.07 16.08 -28.81
CA TYR C 17 23.30 16.36 -28.05
C TYR C 17 23.03 16.72 -26.63
N ARG C 18 21.76 16.72 -26.25
CA ARG C 18 21.40 17.16 -24.92
C ARG C 18 21.78 16.01 -24.00
N PRO C 19 22.21 16.33 -22.79
CA PRO C 19 22.60 15.30 -21.85
C PRO C 19 21.45 14.45 -21.28
N GLY C 20 21.75 13.21 -20.95
CA GLY C 20 20.95 12.34 -20.13
C GLY C 20 19.55 12.24 -20.70
N LEU C 21 18.60 12.45 -19.81
CA LEU C 21 17.19 12.36 -20.09
C LEU C 21 16.69 13.40 -21.13
N GLY C 22 17.46 14.44 -21.43
CA GLY C 22 17.17 15.47 -22.48
C GLY C 22 17.44 14.99 -23.87
N ARG C 23 18.26 13.94 -24.01
CA ARG C 23 18.69 13.53 -25.35
C ARG C 23 17.51 12.97 -26.18
N PHE C 24 17.36 13.44 -27.42
CA PHE C 24 16.19 13.00 -28.21
C PHE C 24 16.55 12.64 -29.64
N MET C 25 16.24 11.40 -29.99
CA MET C 25 16.59 10.87 -31.32
C MET C 25 15.28 10.60 -32.02
N PRO C 26 15.33 10.38 -33.36
CA PRO C 26 14.06 10.05 -34.07
C PRO C 26 13.39 8.81 -33.58
N ASP C 27 14.17 7.84 -33.09
CA ASP C 27 13.58 6.63 -32.50
C ASP C 27 12.79 6.92 -31.17
N ASP C 28 12.97 8.11 -30.60
CA ASP C 28 12.18 8.51 -29.47
C ASP C 28 10.76 9.07 -29.86
N ILE C 29 10.48 9.26 -31.13
CA ILE C 29 9.17 9.68 -31.59
C ILE C 29 8.21 8.51 -31.63
N ASN C 30 7.07 8.62 -30.95
CA ASN C 30 6.05 7.66 -31.12
C ASN C 30 5.39 7.90 -32.49
N PRO C 31 5.28 6.84 -33.33
CA PRO C 31 4.76 7.00 -34.69
C PRO C 31 3.27 7.25 -34.74
N CYS C 32 2.54 6.98 -33.67
CA CYS C 32 1.09 7.18 -33.68
C CYS C 32 0.69 8.52 -33.04
N LEU C 33 1.68 9.32 -32.66
CA LEU C 33 1.37 10.56 -31.94
C LEU C 33 0.86 11.71 -32.88
N CYS C 34 1.60 12.04 -33.94
CA CYS C 34 1.31 13.14 -34.87
C CYS C 34 0.88 12.58 -36.21
N THR C 35 0.23 13.38 -37.07
CA THR C 35 -0.06 12.92 -38.44
C THR C 35 1.08 13.22 -39.37
N HIS C 36 1.83 14.27 -39.07
CA HIS C 36 2.98 14.66 -39.87
C HIS C 36 4.15 14.98 -38.95
N LEU C 37 5.35 14.72 -39.42
CA LEU C 37 6.54 15.05 -38.67
C LEU C 37 7.37 15.84 -39.58
N ILE C 38 8.10 16.81 -39.06
CA ILE C 38 8.92 17.64 -39.90
C ILE C 38 10.28 17.70 -39.31
N TYR C 39 11.30 17.58 -40.17
CA TYR C 39 12.62 17.37 -39.69
C TYR C 39 13.28 18.71 -39.85
N ALA C 40 13.69 19.29 -38.74
CA ALA C 40 14.32 20.56 -38.81
C ALA C 40 15.78 20.34 -38.48
N PHE C 41 16.74 20.80 -39.30
CA PHE C 41 16.54 21.40 -40.64
C PHE C 41 17.54 20.85 -41.69
N ALA C 42 17.17 20.99 -42.97
CA ALA C 42 18.20 21.01 -44.05
C ALA C 42 18.82 22.39 -44.26
N GLY C 43 19.88 22.45 -45.06
CA GLY C 43 20.52 23.72 -45.44
C GLY C 43 20.71 23.75 -46.96
N MET C 44 21.68 24.51 -47.42
CA MET C 44 21.77 24.76 -48.86
C MET C 44 23.21 25.07 -49.22
N GLN C 45 23.67 24.46 -50.30
CA GLN C 45 25.00 24.81 -50.90
C GLN C 45 24.84 24.91 -52.41
N ASN C 46 25.45 25.96 -52.96
CA ASN C 46 25.28 26.30 -54.39
C ASN C 46 23.85 25.98 -54.86
N ASN C 47 22.85 26.59 -54.19
CA ASN C 47 21.45 26.47 -54.64
C ASN C 47 20.89 25.05 -54.65
N GLU C 48 21.51 24.19 -53.85
CA GLU C 48 21.08 22.82 -53.73
C GLU C 48 20.83 22.43 -52.26
N ILE C 49 19.75 21.70 -52.04
CA ILE C 49 19.44 21.20 -50.72
C ILE C 49 20.58 20.35 -50.17
N THR C 50 20.87 20.52 -48.89
CA THR C 50 21.97 19.76 -48.29
C THR C 50 21.65 19.31 -46.83
N THR C 51 22.46 18.43 -46.23
CA THR C 51 22.34 18.06 -44.81
C THR C 51 23.07 19.13 -44.02
N ILE C 52 22.91 19.12 -42.70
CA ILE C 52 23.67 20.08 -41.85
C ILE C 52 24.35 19.39 -40.67
N GLU C 53 23.95 18.17 -40.33
CA GLU C 53 24.63 17.47 -39.20
C GLU C 53 25.35 16.33 -39.78
N TRP C 54 26.52 16.02 -39.23
CA TRP C 54 27.32 14.87 -39.71
C TRP C 54 26.55 13.58 -39.85
N ASN C 55 25.57 13.33 -38.96
CA ASN C 55 24.76 12.06 -39.06
C ASN C 55 23.32 12.22 -39.58
N ASP C 56 23.01 13.29 -40.31
CA ASP C 56 21.63 13.47 -40.80
C ASP C 56 21.19 12.27 -41.60
N VAL C 57 22.11 11.69 -42.39
CA VAL C 57 21.74 10.55 -43.26
C VAL C 57 21.14 9.41 -42.40
N THR C 58 21.77 9.12 -41.28
CA THR C 58 21.27 8.03 -40.40
C THR C 58 20.00 8.49 -39.69
N LEU C 59 19.97 9.74 -39.23
CA LEU C 59 18.68 10.22 -38.63
C LEU C 59 17.52 10.19 -39.59
N TYR C 60 17.75 10.65 -40.82
CA TYR C 60 16.71 10.54 -41.85
C TYR C 60 16.16 9.14 -41.92
N GLN C 61 17.06 8.16 -41.94
CA GLN C 61 16.65 6.76 -42.09
C GLN C 61 15.78 6.35 -40.91
N ALA C 62 16.18 6.72 -39.70
CA ALA C 62 15.39 6.34 -38.53
C ALA C 62 14.04 7.12 -38.56
N PHE C 63 14.11 8.39 -38.90
CA PHE C 63 12.91 9.23 -38.94
C PHE C 63 11.89 8.70 -39.95
N ASN C 64 12.35 8.54 -41.20
CA ASN C 64 11.37 8.07 -42.19
C ASN C 64 11.02 6.63 -41.95
N GLY C 65 11.88 5.97 -41.16
CA GLY C 65 11.62 4.56 -40.82
C GLY C 65 10.37 4.43 -39.95
N LEU C 66 9.95 5.56 -39.33
CA LEU C 66 8.76 5.52 -38.45
C LEU C 66 7.55 5.21 -39.31
N LYS C 67 7.60 5.53 -40.61
CA LYS C 67 6.48 5.16 -41.50
C LYS C 67 6.26 3.63 -41.69
N ASN C 68 7.24 2.78 -41.31
CA ASN C 68 7.02 1.32 -41.32
C ASN C 68 6.11 0.87 -40.22
N LYS C 69 5.88 1.74 -39.22
CA LYS C 69 4.99 1.41 -38.09
C LYS C 69 3.64 2.03 -38.27
N ASN C 70 3.57 3.08 -39.07
CA ASN C 70 2.30 3.78 -39.30
C ASN C 70 2.23 4.26 -40.76
N SER C 71 1.47 3.50 -41.56
CA SER C 71 1.29 3.68 -43.01
C SER C 71 0.78 5.07 -43.34
N GLN C 72 -0.08 5.65 -42.47
CA GLN C 72 -0.62 7.01 -42.68
C GLN C 72 0.35 8.18 -42.38
N LEU C 73 1.38 7.96 -41.57
CA LEU C 73 2.28 9.03 -41.14
C LEU C 73 2.91 9.64 -42.34
N LYS C 74 3.10 10.97 -42.40
CA LYS C 74 3.86 11.61 -43.48
C LYS C 74 4.97 12.47 -42.92
N THR C 75 6.10 12.54 -43.60
CA THR C 75 7.23 13.27 -43.06
C THR C 75 7.61 14.35 -44.05
N LEU C 76 8.15 15.45 -43.56
CA LEU C 76 8.60 16.52 -44.41
C LEU C 76 9.93 16.93 -43.92
N LEU C 77 10.73 17.49 -44.83
CA LEU C 77 11.96 18.04 -44.42
C LEU C 77 11.85 19.56 -44.45
N ALA C 78 12.34 20.24 -43.42
CA ALA C 78 12.26 21.71 -43.44
C ALA C 78 13.60 22.27 -43.78
N ILE C 79 13.61 23.34 -44.56
CA ILE C 79 14.85 24.02 -44.96
C ILE C 79 14.80 25.41 -44.47
N GLY C 80 15.93 25.84 -43.90
CA GLY C 80 16.10 27.16 -43.36
C GLY C 80 16.09 27.26 -41.85
N GLY C 81 15.12 28.03 -41.34
CA GLY C 81 15.05 28.31 -39.91
C GLY C 81 15.67 29.64 -39.61
N TRP C 82 15.36 30.21 -38.45
CA TRP C 82 15.89 31.50 -38.09
C TRP C 82 17.42 31.69 -38.34
N ASN C 83 18.22 30.71 -37.91
CA ASN C 83 19.69 30.83 -37.88
C ASN C 83 20.28 30.84 -39.28
N PHE C 84 19.59 30.19 -40.21
CA PHE C 84 19.96 30.19 -41.60
C PHE C 84 19.95 31.59 -42.28
N GLY C 85 19.12 32.50 -41.81
CA GLY C 85 19.08 33.84 -42.38
C GLY C 85 18.41 33.84 -43.73
N THR C 86 18.68 34.86 -44.54
CA THR C 86 17.96 35.01 -45.82
C THR C 86 18.87 34.98 -47.06
N ALA C 87 20.16 35.28 -46.92
CA ALA C 87 21.11 35.37 -48.07
C ALA C 87 21.00 34.17 -49.05
N PRO C 88 21.00 32.92 -48.52
CA PRO C 88 20.86 31.82 -49.47
C PRO C 88 19.52 31.74 -50.19
N PHE C 89 18.46 32.16 -49.52
CA PHE C 89 17.15 32.04 -50.16
C PHE C 89 17.04 33.10 -51.26
N THR C 90 17.50 34.32 -50.92
CA THR C 90 17.55 35.50 -51.82
C THR C 90 18.32 35.14 -53.13
N ALA C 91 19.59 34.74 -53.02
CA ALA C 91 20.37 34.26 -54.19
C ALA C 91 19.62 33.18 -54.96
N MET C 92 19.04 32.21 -54.25
CA MET C 92 18.34 31.11 -54.94
C MET C 92 17.12 31.51 -55.75
N VAL C 93 16.30 32.43 -55.22
CA VAL C 93 15.04 32.80 -55.89
C VAL C 93 15.30 33.82 -57.06
N SER C 94 16.42 34.52 -56.95
CA SER C 94 16.80 35.63 -57.82
C SER C 94 16.75 35.35 -59.31
N THR C 95 17.20 34.19 -59.78
CA THR C 95 17.14 33.86 -61.20
C THR C 95 16.40 32.56 -61.37
N PRO C 96 15.67 32.39 -62.47
CA PRO C 96 14.89 31.17 -62.74
C PRO C 96 15.70 29.86 -62.95
N GLU C 97 17.00 30.01 -63.21
CA GLU C 97 17.90 28.89 -63.35
C GLU C 97 18.26 28.36 -61.93
N ASN C 98 18.69 29.27 -61.02
CA ASN C 98 18.79 29.00 -59.59
C ASN C 98 17.58 28.23 -58.99
N ARG C 99 16.37 28.52 -59.42
CA ARG C 99 15.23 27.88 -58.81
C ARG C 99 15.06 26.49 -59.35
N GLN C 100 15.52 26.32 -60.58
CA GLN C 100 15.43 25.05 -61.24
C GLN C 100 16.45 24.10 -60.62
N THR C 101 17.65 24.59 -60.43
CA THR C 101 18.72 23.88 -59.75
C THR C 101 18.25 23.38 -58.35
N PHE C 102 17.74 24.31 -57.54
CA PHE C 102 17.19 23.97 -56.22
C PHE C 102 16.05 22.97 -56.34
N ILE C 103 15.06 23.28 -57.18
CA ILE C 103 13.90 22.38 -57.26
C ILE C 103 14.32 20.94 -57.64
N THR C 104 15.21 20.81 -58.63
CA THR C 104 15.69 19.51 -59.05
C THR C 104 16.39 18.81 -57.89
N SER C 105 17.27 19.53 -57.17
CA SER C 105 17.96 18.93 -56.01
C SER C 105 16.94 18.53 -54.91
N VAL C 106 15.91 19.32 -54.73
CA VAL C 106 14.89 18.96 -53.78
C VAL C 106 14.22 17.67 -54.13
N ILE C 107 13.81 17.51 -55.36
CA ILE C 107 13.08 16.29 -55.70
C ILE C 107 13.99 15.06 -55.50
N LYS C 108 15.24 15.15 -55.98
CA LYS C 108 16.16 14.01 -55.85
C LYS C 108 16.31 13.63 -54.37
N PHE C 109 16.56 14.66 -53.53
CA PHE C 109 16.89 14.50 -52.13
C PHE C 109 15.73 13.86 -51.38
N LEU C 110 14.54 14.41 -51.53
CA LEU C 110 13.40 13.89 -50.80
C LEU C 110 13.07 12.50 -51.24
N ARG C 111 13.32 12.15 -52.51
CA ARG C 111 12.96 10.78 -52.95
C ARG C 111 14.09 9.82 -52.46
N GLN C 112 15.33 10.28 -52.46
CA GLN C 112 16.45 9.44 -52.02
C GLN C 112 16.38 9.07 -50.53
N TYR C 113 15.94 10.03 -49.69
CA TYR C 113 15.76 9.76 -48.25
C TYR C 113 14.38 9.45 -47.78
N GLU C 114 13.42 9.47 -48.70
CA GLU C 114 12.05 9.08 -48.39
C GLU C 114 11.32 10.01 -47.46
N PHE C 115 11.48 11.30 -47.69
CA PHE C 115 10.54 12.27 -47.16
C PHE C 115 9.32 12.37 -48.05
N ASP C 116 8.13 12.65 -47.52
CA ASP C 116 6.96 12.94 -48.36
C ASP C 116 6.79 14.42 -48.85
N GLY C 117 7.71 15.33 -48.57
CA GLY C 117 7.45 16.73 -48.88
C GLY C 117 8.50 17.65 -48.30
N LEU C 118 8.46 18.95 -48.66
CA LEU C 118 9.41 19.98 -48.21
C LEU C 118 8.60 21.05 -47.44
N ASP C 119 9.21 21.64 -46.43
CA ASP C 119 8.54 22.65 -45.66
C ASP C 119 9.52 23.74 -45.70
N PHE C 120 9.15 24.86 -46.35
CA PHE C 120 9.97 26.10 -46.26
C PHE C 120 9.87 26.82 -44.94
N ASP C 121 11.02 27.27 -44.45
CA ASP C 121 11.13 27.98 -43.21
C ASP C 121 12.11 29.09 -43.42
N TRP C 122 11.71 29.98 -44.30
CA TRP C 122 12.52 31.12 -44.63
C TRP C 122 11.99 32.21 -43.73
N GLU C 123 12.87 32.74 -42.91
CA GLU C 123 12.57 33.78 -41.95
C GLU C 123 13.34 35.04 -42.27
N TYR C 124 12.81 35.94 -43.11
CA TYR C 124 11.51 35.81 -43.79
C TYR C 124 11.68 36.53 -45.15
N PRO C 125 10.90 36.13 -46.16
CA PRO C 125 11.00 36.92 -47.35
C PRO C 125 10.74 38.41 -47.04
N GLY C 126 11.64 39.30 -47.48
CA GLY C 126 11.35 40.73 -47.33
C GLY C 126 11.78 41.34 -46.02
N SER C 127 12.35 40.55 -45.11
CA SER C 127 12.92 41.11 -43.88
C SER C 127 14.34 40.63 -43.73
N ARG C 128 15.04 41.18 -42.74
CA ARG C 128 16.35 40.71 -42.37
C ARG C 128 17.30 40.63 -43.56
N GLY C 129 17.35 41.71 -44.35
CA GLY C 129 18.29 41.83 -45.48
C GLY C 129 17.83 41.15 -46.75
N SER C 130 16.61 40.61 -46.76
CA SER C 130 16.00 40.12 -47.99
C SER C 130 15.29 41.32 -48.65
N PRO C 131 15.55 41.55 -49.96
CA PRO C 131 14.93 42.67 -50.72
C PRO C 131 13.44 42.46 -50.96
N PRO C 132 12.69 43.54 -51.31
CA PRO C 132 11.21 43.46 -51.47
C PRO C 132 10.75 42.59 -52.62
N GLN C 133 11.61 42.33 -53.58
CA GLN C 133 11.16 41.46 -54.67
C GLN C 133 10.98 39.98 -54.19
N ASP C 134 11.58 39.65 -53.05
CA ASP C 134 11.49 38.28 -52.52
C ASP C 134 10.07 37.83 -52.17
N LYS C 135 9.23 38.79 -51.83
CA LYS C 135 7.86 38.49 -51.57
C LYS C 135 7.23 37.85 -52.78
N HIS C 136 7.41 38.46 -53.95
CA HIS C 136 6.79 37.90 -55.15
C HIS C 136 7.63 36.69 -55.60
N LEU C 137 8.94 36.79 -55.48
CA LEU C 137 9.80 35.69 -55.93
C LEU C 137 9.55 34.36 -55.16
N PHE C 138 9.27 34.46 -53.85
CA PHE C 138 8.86 33.28 -53.04
C PHE C 138 7.59 32.68 -53.57
N THR C 139 6.62 33.52 -53.95
CA THR C 139 5.43 32.99 -54.59
C THR C 139 5.80 32.24 -55.89
N VAL C 140 6.75 32.77 -56.62
CA VAL C 140 7.10 32.10 -57.87
C VAL C 140 7.74 30.73 -57.54
N LEU C 141 8.74 30.77 -56.65
CA LEU C 141 9.39 29.56 -56.17
C LEU C 141 8.39 28.49 -55.81
N VAL C 142 7.41 28.85 -54.99
CA VAL C 142 6.51 27.84 -54.51
C VAL C 142 5.63 27.31 -55.64
N GLN C 143 5.18 28.22 -56.50
CA GLN C 143 4.29 27.82 -57.59
C GLN C 143 5.02 26.84 -58.53
N GLU C 144 6.29 27.15 -58.83
CA GLU C 144 7.08 26.32 -59.71
C GLU C 144 7.34 24.96 -59.03
N MET C 145 7.71 25.00 -57.75
CA MET C 145 7.93 23.77 -56.98
C MET C 145 6.72 22.90 -56.94
N ARG C 146 5.55 23.49 -56.75
CA ARG C 146 4.36 22.71 -56.76
C ARG C 146 4.20 22.06 -58.13
N GLU C 147 4.58 22.77 -59.20
CA GLU C 147 4.26 22.23 -60.56
C GLU C 147 5.24 21.10 -60.85
N ALA C 148 6.54 21.37 -60.66
CA ALA C 148 7.56 20.31 -60.73
C ALA C 148 7.17 19.08 -59.89
N PHE C 149 6.62 19.27 -58.69
CA PHE C 149 6.07 18.11 -57.94
C PHE C 149 4.93 17.41 -58.64
N GLU C 150 4.00 18.17 -59.21
CA GLU C 150 2.82 17.58 -59.85
C GLU C 150 3.22 16.73 -61.08
N GLN C 151 4.25 17.23 -61.78
CA GLN C 151 4.89 16.57 -62.91
C GLN C 151 5.58 15.26 -62.51
N GLU C 152 6.51 15.35 -61.56
CA GLU C 152 7.27 14.21 -61.10
C GLU C 152 6.32 13.13 -60.69
N ALA C 153 5.20 13.51 -60.10
CA ALA C 153 4.22 12.52 -59.65
C ALA C 153 3.62 11.69 -60.77
N LYS C 154 3.47 12.29 -61.97
CA LYS C 154 2.83 11.61 -63.10
C LYS C 154 3.80 10.62 -63.76
N GLN C 155 5.03 11.10 -63.96
CA GLN C 155 6.12 10.33 -64.56
C GLN C 155 6.84 9.32 -63.64
N ILE C 156 6.38 9.13 -62.40
CA ILE C 156 6.83 8.00 -61.60
C ILE C 156 5.69 7.23 -60.87
N ASN C 157 4.44 7.63 -61.14
CA ASN C 157 3.20 6.98 -60.60
C ASN C 157 3.06 6.67 -59.07
N LYS C 158 3.61 7.58 -58.24
CA LYS C 158 3.43 7.61 -56.76
C LYS C 158 2.69 8.91 -56.36
N PRO C 159 2.12 8.98 -55.14
CA PRO C 159 1.63 10.29 -54.68
C PRO C 159 2.65 11.41 -54.85
N ARG C 160 2.13 12.56 -55.25
CA ARG C 160 2.85 13.79 -55.32
C ARG C 160 3.55 14.14 -53.96
N LEU C 161 4.78 14.66 -54.01
CA LEU C 161 5.42 15.34 -52.87
C LEU C 161 4.64 16.59 -52.47
N MET C 162 4.58 16.88 -51.16
CA MET C 162 3.89 18.05 -50.60
C MET C 162 4.81 19.27 -50.47
N VAL C 163 4.24 20.49 -50.43
CA VAL C 163 5.02 21.71 -50.12
C VAL C 163 4.23 22.44 -49.07
N THR C 164 4.93 22.94 -48.04
CA THR C 164 4.27 23.60 -46.92
C THR C 164 5.21 24.69 -46.57
N ALA C 165 4.79 25.66 -45.78
CA ALA C 165 5.75 26.64 -45.32
C ALA C 165 5.39 27.06 -43.90
N ALA C 166 6.43 27.35 -43.13
CA ALA C 166 6.29 27.95 -41.85
C ALA C 166 6.32 29.43 -42.14
N VAL C 167 5.34 30.19 -41.63
CA VAL C 167 5.24 31.64 -41.92
C VAL C 167 5.12 32.51 -40.66
N ALA C 168 5.42 33.79 -40.82
CA ALA C 168 5.43 34.70 -39.70
C ALA C 168 4.06 34.91 -39.03
N ALA C 169 4.11 35.24 -37.75
CA ALA C 169 2.99 35.70 -37.02
C ALA C 169 2.97 37.22 -36.90
N GLY C 170 4.12 37.87 -37.07
CA GLY C 170 4.26 39.32 -36.82
C GLY C 170 3.62 40.06 -38.01
N ILE C 171 2.73 41.02 -37.78
CA ILE C 171 1.89 41.56 -38.91
C ILE C 171 2.73 42.30 -39.95
N SER C 172 3.60 43.16 -39.49
CA SER C 172 4.50 43.83 -40.39
C SER C 172 5.30 42.83 -41.24
N ASN C 173 5.80 41.75 -40.62
CA ASN C 173 6.54 40.70 -41.41
C ASN C 173 5.68 39.98 -42.42
N ILE C 174 4.42 39.76 -42.10
CA ILE C 174 3.50 39.13 -43.00
C ILE C 174 3.22 40.01 -44.21
N GLN C 175 3.14 41.33 -44.01
CA GLN C 175 2.74 42.27 -45.05
C GLN C 175 3.90 42.45 -45.99
N SER C 176 5.11 42.48 -45.48
CA SER C 176 6.23 42.57 -46.38
C SER C 176 6.77 41.20 -46.87
N GLY C 177 6.09 40.08 -46.56
CA GLY C 177 6.67 38.78 -46.83
C GLY C 177 5.89 37.89 -47.78
N TYR C 178 4.56 37.99 -47.75
CA TYR C 178 3.73 37.07 -48.45
C TYR C 178 2.63 37.70 -49.28
N GLU C 179 2.34 37.03 -50.41
CA GLU C 179 1.20 37.29 -51.24
C GLU C 179 0.21 36.24 -50.85
N ILE C 180 -0.56 36.51 -49.82
CA ILE C 180 -1.29 35.45 -49.24
C ILE C 180 -2.22 34.68 -50.19
N PRO C 181 -3.10 35.39 -50.94
CA PRO C 181 -4.05 34.64 -51.78
C PRO C 181 -3.31 33.78 -52.86
N GLN C 182 -2.19 34.30 -53.35
CA GLN C 182 -1.37 33.62 -54.37
C GLN C 182 -0.65 32.37 -53.76
N LEU C 183 0.12 32.55 -52.68
CA LEU C 183 0.77 31.46 -51.95
C LEU C 183 -0.17 30.37 -51.52
N SER C 184 -1.29 30.74 -50.92
CA SER C 184 -2.24 29.79 -50.37
C SER C 184 -2.70 28.78 -51.39
N GLN C 185 -2.81 29.16 -52.67
CA GLN C 185 -3.25 28.16 -53.68
C GLN C 185 -2.24 27.02 -53.86
N TYR C 186 -0.95 27.35 -53.73
CA TYR C 186 0.13 26.42 -54.05
C TYR C 186 0.55 25.59 -52.84
N LEU C 187 0.48 26.17 -51.62
CA LEU C 187 0.92 25.43 -50.43
C LEU C 187 -0.06 24.37 -50.12
N ASP C 188 0.41 23.25 -49.63
CA ASP C 188 -0.55 22.32 -49.08
C ASP C 188 -1.00 22.74 -47.66
N TYR C 189 -0.10 23.34 -46.88
CA TYR C 189 -0.38 23.67 -45.50
C TYR C 189 0.41 24.87 -45.18
N ILE C 190 -0.17 25.74 -44.35
CA ILE C 190 0.53 26.93 -43.88
C ILE C 190 0.76 26.86 -42.36
N HIS C 191 2.02 26.86 -41.92
CA HIS C 191 2.32 26.61 -40.50
C HIS C 191 2.64 27.92 -39.88
N VAL C 192 1.64 28.50 -39.19
CA VAL C 192 1.81 29.86 -38.68
C VAL C 192 2.50 29.76 -37.31
N MET C 193 3.61 30.45 -37.21
CA MET C 193 4.42 30.42 -36.04
C MET C 193 3.88 31.37 -34.97
N THR C 194 2.72 30.95 -34.40
CA THR C 194 2.08 31.76 -33.35
C THR C 194 2.75 31.49 -31.98
N TYR C 195 4.02 31.83 -31.86
CA TYR C 195 4.76 31.79 -30.58
C TYR C 195 5.95 32.72 -30.78
N ASP C 196 6.79 32.86 -29.75
CA ASP C 196 7.71 33.95 -29.65
C ASP C 196 7.01 35.32 -29.78
N LEU C 197 5.77 35.37 -29.29
CA LEU C 197 4.98 36.61 -29.41
C LEU C 197 5.46 37.62 -28.38
N HIS C 198 6.06 37.17 -27.30
CA HIS C 198 6.61 38.09 -26.31
C HIS C 198 7.89 37.47 -25.81
N GLY C 199 8.74 38.26 -25.18
CA GLY C 199 9.98 37.72 -24.63
C GLY C 199 10.80 38.82 -24.03
N SER C 200 11.94 38.45 -23.45
CA SER C 200 12.73 39.40 -22.67
C SER C 200 13.21 40.59 -23.46
N TRP C 201 13.26 40.46 -24.78
CA TRP C 201 13.71 41.56 -25.64
C TRP C 201 12.76 42.78 -25.54
N GLU C 202 11.58 42.62 -24.96
CA GLU C 202 10.60 43.72 -24.90
C GLU C 202 10.82 44.53 -23.65
N GLY C 203 11.54 43.96 -22.68
CA GLY C 203 11.77 44.66 -21.42
C GLY C 203 10.72 44.50 -20.36
N TYR C 204 9.71 43.67 -20.63
CA TYR C 204 8.65 43.29 -19.63
C TYR C 204 8.21 41.87 -19.74
N THR C 205 7.64 41.31 -18.66
CA THR C 205 7.18 39.93 -18.71
C THR C 205 5.97 39.88 -19.69
N GLY C 206 5.85 38.76 -20.42
CA GLY C 206 4.78 38.64 -21.43
C GLY C 206 4.75 37.18 -21.81
N GLU C 207 3.68 36.75 -22.48
CA GLU C 207 3.43 35.35 -22.71
C GLU C 207 3.95 34.92 -24.07
N ASN C 208 4.43 33.71 -24.12
CA ASN C 208 5.01 33.21 -25.32
C ASN C 208 3.97 33.02 -26.41
N SER C 209 2.80 32.51 -26.05
CA SER C 209 1.79 32.22 -27.07
C SER C 209 0.40 32.41 -26.45
N PRO C 210 0.02 33.65 -26.09
CA PRO C 210 -1.34 33.86 -25.52
C PRO C 210 -2.40 33.70 -26.64
N LEU C 211 -3.53 33.08 -26.28
CA LEU C 211 -4.62 32.87 -27.17
C LEU C 211 -5.24 34.25 -27.52
N TYR C 212 -5.45 35.08 -26.51
CA TYR C 212 -6.03 36.44 -26.76
C TYR C 212 -5.17 37.58 -26.29
N LYS C 213 -5.54 38.80 -26.68
CA LYS C 213 -4.82 40.00 -26.19
C LYS C 213 -5.00 40.14 -24.67
N TYR C 214 -4.05 40.80 -24.03
CA TYR C 214 -4.16 41.17 -22.66
C TYR C 214 -4.97 42.49 -22.68
N PRO C 215 -5.86 42.70 -21.72
CA PRO C 215 -6.83 43.83 -21.85
C PRO C 215 -6.14 45.16 -22.07
N THR C 216 -5.00 45.43 -21.42
CA THR C 216 -4.30 46.67 -21.66
C THR C 216 -3.34 46.66 -22.90
N ASP C 217 -3.25 45.59 -23.72
CA ASP C 217 -2.45 45.69 -25.00
C ASP C 217 -3.10 46.73 -26.01
N THR C 218 -2.32 47.58 -26.68
CA THR C 218 -2.89 48.60 -27.55
C THR C 218 -2.04 48.73 -28.77
N GLY C 219 -2.59 49.38 -29.81
CA GLY C 219 -1.83 49.55 -31.05
C GLY C 219 -1.31 48.18 -31.51
N SER C 220 -0.05 48.13 -31.94
CA SER C 220 0.57 46.94 -32.49
C SER C 220 0.68 45.75 -31.48
N ASN C 221 0.75 46.02 -30.18
CA ASN C 221 0.86 44.96 -29.20
C ASN C 221 -0.43 44.18 -29.11
N ALA C 222 -1.54 44.75 -29.58
CA ALA C 222 -2.83 44.08 -29.46
C ALA C 222 -2.91 43.00 -30.56
N TYR C 223 -1.90 42.93 -31.40
CA TYR C 223 -1.89 41.98 -32.52
C TYR C 223 -1.12 40.71 -32.10
N LEU C 224 -0.42 40.77 -30.96
CA LEU C 224 0.52 39.72 -30.57
C LEU C 224 -0.19 38.58 -29.85
N ASN C 225 -1.11 37.88 -30.52
CA ASN C 225 -1.72 36.76 -29.86
C ASN C 225 -2.30 35.83 -30.94
N VAL C 226 -2.56 34.59 -30.57
CA VAL C 226 -3.01 33.60 -31.53
C VAL C 226 -4.30 34.04 -32.26
N ASP C 227 -5.24 34.59 -31.53
CA ASP C 227 -6.58 34.89 -32.07
C ASP C 227 -6.43 35.89 -33.18
N TYR C 228 -5.69 36.95 -32.91
CA TYR C 228 -5.54 38.00 -33.90
C TYR C 228 -4.73 37.53 -35.10
N VAL C 229 -3.64 36.81 -34.86
CA VAL C 229 -2.79 36.37 -35.97
C VAL C 229 -3.55 35.40 -36.89
N MET C 230 -4.29 34.45 -36.35
CA MET C 230 -4.89 33.43 -37.23
C MET C 230 -6.05 34.01 -38.06
N ASN C 231 -6.85 34.85 -37.39
CA ASN C 231 -7.84 35.62 -38.08
C ASN C 231 -7.19 36.54 -39.11
N TYR C 232 -6.03 37.11 -38.86
CA TYR C 232 -5.41 37.89 -39.93
C TYR C 232 -5.09 37.08 -41.20
N TRP C 233 -4.43 35.94 -41.02
CA TRP C 233 -4.16 35.04 -42.15
C TRP C 233 -5.44 34.68 -42.92
N LYS C 234 -6.48 34.29 -42.19
CA LYS C 234 -7.70 33.84 -42.78
C LYS C 234 -8.39 34.99 -43.55
N ASP C 235 -8.45 36.19 -42.95
CA ASP C 235 -9.16 37.32 -43.54
C ASP C 235 -8.37 37.88 -44.69
N ASN C 236 -7.09 37.55 -44.80
CA ASN C 236 -6.34 38.12 -45.92
C ASN C 236 -6.05 37.09 -47.04
N GLY C 237 -6.85 36.03 -47.10
CA GLY C 237 -6.81 35.20 -48.28
C GLY C 237 -6.40 33.74 -48.12
N ALA C 238 -6.07 33.27 -46.90
CA ALA C 238 -5.71 31.88 -46.69
C ALA C 238 -6.91 31.09 -46.30
N PRO C 239 -7.13 29.94 -46.95
CA PRO C 239 -8.32 29.19 -46.54
C PRO C 239 -8.09 28.50 -45.19
N ALA C 240 -9.15 28.45 -44.40
CA ALA C 240 -9.08 28.09 -43.00
C ALA C 240 -8.48 26.70 -42.88
N GLU C 241 -8.83 25.81 -43.81
CA GLU C 241 -8.44 24.43 -43.75
C GLU C 241 -6.97 24.19 -44.03
N LYS C 242 -6.33 25.12 -44.72
CA LYS C 242 -4.90 25.02 -44.89
C LYS C 242 -4.13 25.64 -43.72
N LEU C 243 -4.78 26.37 -42.80
CA LEU C 243 -4.02 27.16 -41.80
C LEU C 243 -3.82 26.26 -40.61
N ILE C 244 -2.58 26.15 -40.18
CA ILE C 244 -2.28 25.27 -39.06
C ILE C 244 -1.77 26.15 -37.91
N VAL C 245 -2.37 26.04 -36.73
CA VAL C 245 -1.98 26.88 -35.60
C VAL C 245 -0.68 26.39 -34.89
N GLY C 246 0.30 27.28 -34.72
CA GLY C 246 1.52 26.93 -33.98
C GLY C 246 1.37 26.90 -32.47
N PHE C 247 1.79 25.77 -31.89
CA PHE C 247 1.84 25.50 -30.46
C PHE C 247 3.26 25.21 -30.01
N PRO C 248 3.69 25.89 -28.95
CA PRO C 248 5.07 25.76 -28.45
C PRO C 248 5.07 24.84 -27.20
N THR C 249 5.95 23.82 -27.15
CA THR C 249 6.18 23.07 -25.94
C THR C 249 7.32 23.62 -25.12
N TYR C 250 7.48 24.94 -25.14
CA TYR C 250 8.44 25.64 -24.28
C TYR C 250 7.89 27.00 -23.92
N GLY C 251 8.56 27.70 -23.00
CA GLY C 251 8.13 28.98 -22.54
C GLY C 251 9.31 29.92 -22.62
N HIS C 252 9.05 31.23 -22.53
CA HIS C 252 10.11 32.24 -22.41
C HIS C 252 10.29 32.71 -20.96
N ASN C 253 11.55 32.79 -20.53
CA ASN C 253 11.83 33.23 -19.16
C ASN C 253 12.56 34.58 -19.11
N PHE C 254 12.60 35.19 -17.95
CA PHE C 254 12.99 36.61 -17.81
C PHE C 254 13.52 36.69 -16.42
N ILE C 255 14.31 37.72 -16.18
CA ILE C 255 14.72 38.12 -14.82
C ILE C 255 13.82 39.32 -14.41
N LEU C 256 13.08 39.22 -13.32
CA LEU C 256 12.25 40.32 -12.83
C LEU C 256 13.18 41.51 -12.41
N SER C 257 12.94 42.74 -12.86
CA SER C 257 13.68 43.94 -12.31
C SER C 257 13.44 44.12 -10.79
N ASN C 258 12.25 43.78 -10.34
CA ASN C 258 11.90 43.77 -8.92
C ASN C 258 11.01 42.55 -8.59
N PRO C 259 11.52 41.62 -7.79
CA PRO C 259 10.80 40.37 -7.47
C PRO C 259 9.43 40.52 -6.77
N SER C 260 9.09 41.75 -6.41
CA SER C 260 7.78 42.02 -5.85
C SER C 260 6.73 42.22 -6.91
N ASN C 261 7.10 42.77 -8.09
CA ASN C 261 6.13 42.85 -9.21
C ASN C 261 6.29 41.56 -10.09
N THR C 262 5.36 40.64 -9.91
CA THR C 262 5.37 39.32 -10.60
C THR C 262 4.22 39.17 -11.61
N GLY C 263 3.47 40.24 -11.88
CA GLY C 263 2.33 40.16 -12.81
C GLY C 263 2.74 40.15 -14.27
N ILE C 264 1.77 40.11 -15.19
CA ILE C 264 2.02 40.30 -16.59
C ILE C 264 2.36 41.76 -16.85
N GLY C 265 3.38 42.02 -17.67
CA GLY C 265 3.81 43.39 -17.89
C GLY C 265 4.68 43.96 -16.78
N ALA C 266 5.23 43.13 -15.90
CA ALA C 266 6.22 43.59 -14.90
C ALA C 266 7.60 43.83 -15.54
N PRO C 267 8.26 44.94 -15.18
CA PRO C 267 9.58 45.21 -15.77
C PRO C 267 10.63 44.08 -15.53
N THR C 268 11.51 43.92 -16.52
CA THR C 268 12.51 42.85 -16.51
C THR C 268 13.82 43.38 -16.98
N SER C 269 14.91 42.85 -16.40
CA SER C 269 16.27 43.30 -16.76
C SER C 269 16.99 42.36 -17.73
N GLY C 270 16.31 41.35 -18.22
CA GLY C 270 16.94 40.50 -19.25
C GLY C 270 16.31 39.09 -19.34
N ALA C 271 16.90 38.25 -20.18
CA ALA C 271 16.42 36.88 -20.38
C ALA C 271 16.74 36.10 -19.13
N GLY C 272 15.86 35.16 -18.80
CA GLY C 272 16.12 34.24 -17.71
C GLY C 272 17.24 33.26 -18.06
N PRO C 273 17.61 32.40 -17.11
CA PRO C 273 18.77 31.48 -17.22
C PRO C 273 18.48 30.37 -18.22
N ALA C 274 19.54 29.94 -18.90
CA ALA C 274 19.49 28.79 -19.81
C ALA C 274 19.10 27.57 -19.03
N GLY C 275 18.18 26.78 -19.57
CA GLY C 275 17.81 25.48 -18.94
C GLY C 275 18.97 24.48 -18.92
N PRO C 276 18.95 23.52 -17.96
CA PRO C 276 20.16 22.65 -17.86
C PRO C 276 20.29 21.63 -19.01
N TYR C 277 19.20 21.33 -19.71
CA TYR C 277 19.19 20.35 -20.79
C TYR C 277 19.33 21.05 -22.12
N ALA C 278 18.51 22.07 -22.37
CA ALA C 278 18.47 22.58 -23.70
C ALA C 278 19.41 23.78 -23.77
N LYS C 279 19.67 24.42 -22.63
CA LYS C 279 20.76 25.42 -22.55
C LYS C 279 20.48 26.57 -23.48
N GLU C 280 19.21 26.95 -23.57
CA GLU C 280 18.84 28.08 -24.42
C GLU C 280 18.47 29.21 -23.48
N SER C 281 19.37 30.17 -23.37
CA SER C 281 19.12 31.38 -22.59
C SER C 281 17.71 32.00 -22.93
N GLY C 282 16.94 32.46 -21.95
CA GLY C 282 15.63 32.94 -22.28
C GLY C 282 14.56 31.89 -22.61
N ILE C 283 14.92 30.60 -22.65
CA ILE C 283 13.94 29.58 -23.07
C ILE C 283 13.99 28.35 -22.19
N TRP C 284 12.82 27.87 -21.78
CA TRP C 284 12.79 26.60 -21.09
C TRP C 284 11.88 25.63 -21.79
N ALA C 285 12.36 24.41 -21.98
CA ALA C 285 11.51 23.33 -22.43
C ALA C 285 10.38 23.07 -21.41
N TYR C 286 9.24 22.61 -21.88
CA TYR C 286 8.17 22.29 -20.96
C TYR C 286 8.75 21.45 -19.77
N TYR C 287 9.57 20.46 -20.07
CA TYR C 287 10.01 19.58 -19.00
C TYR C 287 10.95 20.34 -18.05
N GLU C 288 11.63 21.35 -18.56
CA GLU C 288 12.47 22.14 -17.69
C GLU C 288 11.60 23.00 -16.75
N ILE C 289 10.46 23.46 -17.27
CA ILE C 289 9.54 24.26 -16.53
C ILE C 289 8.97 23.38 -15.45
N CYS C 290 8.64 22.11 -15.74
CA CYS C 290 8.08 21.29 -14.68
C CYS C 290 9.06 21.16 -13.52
N THR C 291 10.35 20.95 -13.78
CA THR C 291 11.30 20.96 -12.69
C THR C 291 11.22 22.26 -11.85
N PHE C 292 11.18 23.43 -12.48
CA PHE C 292 10.99 24.70 -11.78
C PHE C 292 9.73 24.68 -10.92
N LEU C 293 8.62 24.12 -11.44
CA LEU C 293 7.37 23.99 -10.69
C LEU C 293 7.51 23.06 -9.49
N LYS C 294 8.18 21.94 -9.68
CA LYS C 294 8.26 20.97 -8.58
C LYS C 294 9.21 21.42 -7.45
N ASN C 295 10.14 22.33 -7.70
CA ASN C 295 10.97 22.83 -6.63
C ASN C 295 10.47 24.09 -5.99
N GLY C 296 9.17 24.37 -6.12
CA GLY C 296 8.49 25.45 -5.39
C GLY C 296 8.28 26.83 -6.03
N ALA C 297 8.32 26.92 -7.36
CA ALA C 297 7.96 28.18 -8.00
C ALA C 297 6.47 28.42 -7.71
N THR C 298 6.06 29.67 -7.68
CA THR C 298 4.67 30.02 -7.58
C THR C 298 4.05 30.00 -8.95
N GLN C 299 2.90 29.37 -9.04
CA GLN C 299 2.15 29.26 -10.29
C GLN C 299 1.12 30.37 -10.42
N GLY C 300 1.00 30.94 -11.61
CA GLY C 300 0.00 31.95 -11.86
C GLY C 300 -0.75 31.57 -13.08
N TRP C 301 -1.87 32.27 -13.30
CA TRP C 301 -2.68 32.02 -14.46
C TRP C 301 -3.06 33.36 -15.10
N ASP C 302 -2.74 33.57 -16.36
CA ASP C 302 -3.06 34.81 -17.04
C ASP C 302 -4.48 34.60 -17.61
N ALA C 303 -5.45 34.97 -16.81
CA ALA C 303 -6.84 34.60 -17.14
C ALA C 303 -7.27 35.16 -18.51
N PRO C 304 -6.99 36.44 -18.78
CA PRO C 304 -7.48 36.91 -20.10
C PRO C 304 -6.81 36.26 -21.30
N GLN C 305 -5.55 35.86 -21.15
CA GLN C 305 -4.84 35.29 -22.33
C GLN C 305 -4.91 33.73 -22.38
N GLU C 306 -5.45 33.12 -21.31
CA GLU C 306 -5.63 31.63 -21.22
C GLU C 306 -4.34 30.80 -21.18
N VAL C 307 -3.31 31.29 -20.48
CA VAL C 307 -2.00 30.66 -20.42
C VAL C 307 -1.41 30.90 -19.03
N PRO C 308 -0.62 29.94 -18.56
CA PRO C 308 0.00 29.96 -17.23
C PRO C 308 1.27 30.80 -17.23
N TYR C 309 1.71 31.14 -16.02
CA TYR C 309 3.06 31.59 -15.88
C TYR C 309 3.55 31.14 -14.50
N ALA C 310 4.85 31.30 -14.25
CA ALA C 310 5.33 30.86 -12.92
C ALA C 310 6.51 31.70 -12.55
N TYR C 311 6.81 31.80 -11.28
CA TYR C 311 7.99 32.63 -10.92
C TYR C 311 8.50 32.19 -9.56
N GLN C 312 9.74 32.56 -9.28
CA GLN C 312 10.40 32.21 -8.01
C GLN C 312 11.56 33.16 -7.87
N GLY C 313 11.62 33.94 -6.80
CA GLY C 313 12.74 34.85 -6.65
C GLY C 313 12.64 35.86 -7.81
N ASN C 314 13.70 36.07 -8.58
CA ASN C 314 13.64 36.98 -9.67
C ASN C 314 13.56 36.31 -11.09
N VAL C 315 13.10 35.05 -11.17
CA VAL C 315 12.91 34.38 -12.45
C VAL C 315 11.42 34.21 -12.68
N TRP C 316 11.00 34.58 -13.89
CA TRP C 316 9.62 34.55 -14.28
C TRP C 316 9.58 33.81 -15.64
N VAL C 317 8.59 32.95 -15.86
CA VAL C 317 8.47 32.21 -17.14
C VAL C 317 7.00 32.24 -17.58
N GLY C 318 6.78 32.50 -18.86
CA GLY C 318 5.45 32.48 -19.50
C GLY C 318 5.47 31.29 -20.42
N TYR C 319 4.44 30.44 -20.39
CA TYR C 319 4.54 29.20 -21.04
C TYR C 319 3.16 28.60 -21.38
N ASP C 320 3.11 27.33 -21.82
CA ASP C 320 1.87 26.57 -22.07
C ASP C 320 1.83 25.25 -21.31
N ASN C 321 0.64 24.83 -20.88
CA ASN C 321 0.49 23.60 -20.15
C ASN C 321 -0.71 22.85 -20.70
N ILE C 322 -1.09 21.75 -20.05
CA ILE C 322 -2.16 20.91 -20.60
C ILE C 322 -3.44 21.77 -20.80
N LYS C 323 -3.71 22.60 -19.81
CA LYS C 323 -4.93 23.36 -19.77
C LYS C 323 -4.99 24.35 -20.92
N SER C 324 -3.87 25.07 -21.15
CA SER C 324 -3.86 26.08 -22.15
C SER C 324 -3.81 25.42 -23.50
N PHE C 325 -3.11 24.26 -23.62
CA PHE C 325 -3.22 23.52 -24.91
C PHE C 325 -4.65 23.12 -25.27
N ASP C 326 -5.32 22.50 -24.30
CA ASP C 326 -6.68 22.05 -24.47
C ASP C 326 -7.64 23.23 -24.84
N ILE C 327 -7.43 24.42 -24.27
CA ILE C 327 -8.27 25.58 -24.54
C ILE C 327 -8.02 26.07 -25.94
N LYS C 328 -6.75 26.15 -26.35
CA LYS C 328 -6.45 26.60 -27.72
C LYS C 328 -6.92 25.58 -28.78
N ALA C 329 -6.86 24.29 -28.49
CA ALA C 329 -7.44 23.30 -29.41
C ALA C 329 -8.95 23.46 -29.55
N GLN C 330 -9.69 23.72 -28.45
CA GLN C 330 -11.13 23.93 -28.54
C GLN C 330 -11.39 25.12 -29.43
N TRP C 331 -10.66 26.20 -29.21
CA TRP C 331 -10.84 27.41 -30.02
C TRP C 331 -10.48 27.12 -31.51
N LEU C 332 -9.44 26.34 -31.79
CA LEU C 332 -9.09 26.18 -33.19
C LEU C 332 -10.15 25.30 -33.91
N LYS C 333 -10.69 24.30 -33.23
CA LYS C 333 -11.78 23.53 -33.83
C LYS C 333 -12.96 24.44 -34.10
N HIS C 334 -13.36 25.27 -33.14
CA HIS C 334 -14.49 26.14 -33.36
C HIS C 334 -14.30 27.10 -34.57
N ASN C 335 -13.06 27.50 -34.82
CA ASN C 335 -12.78 28.46 -35.87
C ASN C 335 -12.44 27.73 -37.13
N LYS C 336 -12.59 26.40 -37.10
CA LYS C 336 -12.46 25.58 -38.30
C LYS C 336 -11.09 25.65 -38.93
N PHE C 337 -10.02 25.88 -38.13
CA PHE C 337 -8.65 25.81 -38.72
C PHE C 337 -8.21 24.38 -39.10
N GLY C 338 -7.10 24.23 -39.85
CA GLY C 338 -6.76 22.89 -40.34
C GLY C 338 -6.20 21.91 -39.30
N GLY C 339 -5.74 22.42 -38.15
CA GLY C 339 -5.08 21.58 -37.14
C GLY C 339 -3.99 22.38 -36.43
N ALA C 340 -3.06 21.65 -35.81
CA ALA C 340 -2.04 22.22 -34.95
C ALA C 340 -0.67 21.80 -35.41
N MET C 341 0.32 22.66 -35.20
CA MET C 341 1.71 22.38 -35.48
C MET C 341 2.45 22.65 -34.16
N VAL C 342 3.40 21.79 -33.77
CA VAL C 342 4.06 21.85 -32.46
C VAL C 342 5.56 21.99 -32.61
N TRP C 343 6.14 23.09 -32.09
CA TRP C 343 7.58 23.22 -31.91
C TRP C 343 7.89 23.05 -30.40
N ALA C 344 8.55 21.97 -29.97
CA ALA C 344 8.99 20.85 -30.79
C ALA C 344 8.78 19.57 -30.00
N ILE C 345 8.66 18.45 -30.67
CA ILE C 345 8.43 17.20 -29.98
C ILE C 345 9.54 16.91 -28.93
N ASP C 346 10.77 17.32 -29.19
CA ASP C 346 11.84 17.09 -28.23
C ASP C 346 11.80 18.02 -26.99
N LEU C 347 10.94 19.03 -26.98
CA LEU C 347 10.83 19.86 -25.78
C LEU C 347 9.59 19.46 -24.92
N ASP C 348 8.75 18.53 -25.40
CA ASP C 348 7.60 18.06 -24.58
C ASP C 348 8.22 17.11 -23.51
N ASP C 349 7.51 16.76 -22.44
CA ASP C 349 8.10 15.73 -21.48
C ASP C 349 8.06 14.30 -22.11
N PHE C 350 8.86 14.09 -23.13
CA PHE C 350 8.79 12.84 -23.84
C PHE C 350 9.15 11.60 -22.97
N THR C 351 9.99 11.74 -21.97
CA THR C 351 10.34 10.58 -21.10
C THR C 351 9.25 10.33 -20.05
N GLY C 352 8.41 11.33 -19.79
CA GLY C 352 7.38 11.19 -18.78
C GLY C 352 7.99 11.34 -17.38
N THR C 353 9.29 11.64 -17.25
CA THR C 353 9.94 11.66 -15.91
C THR C 353 10.04 13.03 -15.31
N PHE C 354 9.62 14.10 -16.00
CA PHE C 354 9.81 15.43 -15.40
C PHE C 354 8.49 15.95 -14.89
N CYS C 355 7.39 15.57 -15.51
CA CYS C 355 6.16 16.28 -15.17
C CYS C 355 5.11 15.40 -14.45
N ASN C 356 5.31 14.11 -14.41
CA ASN C 356 4.25 13.25 -13.79
C ASN C 356 2.88 13.34 -14.48
N GLN C 357 2.93 13.50 -15.78
CA GLN C 357 1.74 13.61 -16.61
C GLN C 357 1.76 12.60 -17.77
N GLY C 358 2.59 11.54 -17.72
CA GLY C 358 2.61 10.55 -18.86
C GLY C 358 3.65 11.03 -19.86
N LYS C 359 3.79 10.28 -20.95
CA LYS C 359 4.73 10.60 -22.01
C LYS C 359 4.10 11.61 -22.96
N PHE C 360 4.92 12.56 -23.41
CA PHE C 360 4.39 13.62 -24.29
C PHE C 360 3.09 14.22 -23.75
N PRO C 361 3.09 14.73 -22.52
CA PRO C 361 1.76 15.27 -22.03
C PRO C 361 1.13 16.36 -22.94
N LEU C 362 1.91 17.23 -23.50
CA LEU C 362 1.37 18.35 -24.26
C LEU C 362 0.86 17.87 -25.60
N ILE C 363 1.72 17.18 -26.31
CA ILE C 363 1.30 16.66 -27.63
C ILE C 363 0.15 15.68 -27.49
N SER C 364 0.17 14.83 -26.47
CA SER C 364 -0.93 13.89 -26.24
C SER C 364 -2.28 14.61 -26.03
N THR C 365 -2.28 15.72 -25.29
CA THR C 365 -3.46 16.54 -25.08
C THR C 365 -4.03 16.97 -26.44
N LEU C 366 -3.17 17.40 -27.33
CA LEU C 366 -3.63 17.84 -28.63
C LEU C 366 -4.22 16.68 -29.45
N LYS C 367 -3.58 15.53 -29.45
CA LYS C 367 -4.02 14.40 -30.22
C LYS C 367 -5.44 14.04 -29.79
N LYS C 368 -5.70 14.13 -28.48
CA LYS C 368 -6.98 13.79 -27.94
C LYS C 368 -8.00 14.87 -28.33
N ALA C 369 -7.63 16.15 -28.11
CA ALA C 369 -8.51 17.28 -28.34
C ALA C 369 -8.89 17.41 -29.82
N LEU C 370 -8.00 17.01 -30.71
CA LEU C 370 -8.21 17.19 -32.11
C LEU C 370 -8.90 15.94 -32.72
N GLY C 371 -9.41 15.03 -31.87
CA GLY C 371 -10.16 13.83 -32.40
C GLY C 371 -9.23 12.80 -33.03
N LEU C 372 -7.95 12.83 -32.71
CA LEU C 372 -7.03 11.87 -33.33
C LEU C 372 -6.85 10.60 -32.51
N GLN C 373 -7.61 10.47 -31.43
CA GLN C 373 -7.46 9.37 -30.52
C GLN C 373 -7.64 8.05 -31.25
N SER C 374 -8.59 7.99 -32.17
CA SER C 374 -8.84 6.75 -32.92
C SER C 374 -8.17 6.69 -34.34
N ALA C 375 -7.30 7.65 -34.69
CA ALA C 375 -6.49 7.54 -35.89
C ALA C 375 -5.77 6.18 -35.94
N SER C 376 -5.67 5.64 -37.15
CA SER C 376 -5.06 4.33 -37.34
C SER C 376 -3.52 4.46 -37.20
N CYS C 377 -2.92 3.44 -36.57
CA CYS C 377 -1.47 3.31 -36.51
C CYS C 377 -1.17 1.82 -36.77
N THR C 378 -0.98 1.50 -38.06
CA THR C 378 -0.75 0.11 -38.54
C THR C 378 0.21 0.14 -39.73
N ALA C 379 1.01 -0.91 -39.89
CA ALA C 379 2.02 -1.00 -40.95
C ALA C 379 1.48 -1.37 -42.37
N ALA D 4 16.56 -8.01 52.18
CA ALA D 4 17.71 -8.68 51.50
C ALA D 4 17.18 -9.88 50.69
N TYR D 5 16.14 -10.53 51.22
CA TYR D 5 15.46 -11.63 50.51
C TYR D 5 13.94 -11.39 50.34
N GLN D 6 13.39 -11.73 49.16
CA GLN D 6 11.91 -11.75 48.92
C GLN D 6 11.33 -13.10 49.30
N LEU D 7 10.10 -13.10 49.78
CA LEU D 7 9.32 -14.29 50.05
C LEU D 7 8.00 -14.07 49.31
N THR D 8 7.89 -14.68 48.15
CA THR D 8 6.76 -14.44 47.27
C THR D 8 5.83 -15.67 47.28
N CYS D 9 4.56 -15.48 47.63
CA CYS D 9 3.59 -16.55 47.70
C CYS D 9 2.46 -16.46 46.67
N TYR D 10 2.20 -17.59 46.02
CA TYR D 10 1.08 -17.68 45.07
C TYR D 10 -0.20 -18.06 45.80
N PHE D 11 -1.28 -17.32 45.50
CA PHE D 11 -2.65 -17.66 45.96
C PHE D 11 -3.45 -18.10 44.72
N THR D 12 -4.33 -19.11 44.84
CA THR D 12 -5.07 -19.63 43.68
C THR D 12 -6.58 -19.39 43.88
N ASN D 13 -7.25 -18.89 42.82
CA ASN D 13 -8.62 -18.42 42.99
C ASN D 13 -9.54 -19.63 42.77
N TRP D 14 -8.98 -20.85 42.65
CA TRP D 14 -9.86 -22.03 42.78
C TRP D 14 -9.81 -22.70 44.14
N ALA D 15 -8.93 -22.28 45.03
CA ALA D 15 -8.88 -22.89 46.41
C ALA D 15 -10.18 -22.65 47.14
N GLN D 16 -10.94 -21.64 46.70
CA GLN D 16 -12.25 -21.31 47.31
C GLN D 16 -13.26 -22.45 47.21
N TYR D 17 -13.10 -23.36 46.28
CA TYR D 17 -14.11 -24.41 46.08
C TYR D 17 -13.79 -25.70 46.84
N ARG D 18 -12.67 -25.73 47.56
CA ARG D 18 -12.30 -26.96 48.30
C ARG D 18 -13.29 -27.10 49.48
N PRO D 19 -13.60 -28.32 49.86
CA PRO D 19 -14.58 -28.50 50.96
C PRO D 19 -14.00 -28.30 52.37
N GLY D 20 -14.86 -27.93 53.35
CA GLY D 20 -14.48 -27.90 54.78
C GLY D 20 -13.25 -27.06 55.06
N LEU D 21 -12.34 -27.59 55.86
CA LEU D 21 -11.00 -26.97 56.11
C LEU D 21 -10.16 -26.66 54.89
N GLY D 22 -10.52 -27.21 53.72
CA GLY D 22 -9.74 -26.91 52.50
C GLY D 22 -9.98 -25.53 51.91
N ARG D 23 -11.21 -25.00 52.08
CA ARG D 23 -11.59 -23.74 51.48
C ARG D 23 -10.61 -22.68 51.90
N PHE D 24 -9.99 -22.02 50.91
CA PHE D 24 -9.09 -20.98 51.20
C PHE D 24 -9.45 -19.68 50.44
N MET D 25 -9.61 -18.57 51.17
CA MET D 25 -10.04 -17.26 50.63
C MET D 25 -8.94 -16.25 50.93
N PRO D 26 -8.93 -15.12 50.21
CA PRO D 26 -7.81 -14.19 50.45
C PRO D 26 -7.82 -13.72 51.93
N ASP D 27 -8.96 -13.73 52.63
CA ASP D 27 -8.95 -13.37 54.05
C ASP D 27 -8.17 -14.36 54.95
N ASP D 28 -7.65 -15.47 54.38
CA ASP D 28 -7.09 -16.54 55.20
C ASP D 28 -5.66 -16.27 55.11
N ILE D 29 -5.27 -15.34 54.26
CA ILE D 29 -3.86 -15.02 54.09
C ILE D 29 -3.38 -14.16 55.25
N ASN D 30 -2.22 -14.48 55.81
CA ASN D 30 -1.67 -13.60 56.86
C ASN D 30 -0.87 -12.53 56.16
N PRO D 31 -1.27 -11.26 56.38
CA PRO D 31 -0.64 -10.13 55.70
C PRO D 31 0.82 -9.93 56.01
N CYS D 32 1.27 -10.46 57.15
CA CYS D 32 2.72 -10.38 57.54
C CYS D 32 3.57 -11.53 57.04
N LEU D 33 2.95 -12.53 56.44
CA LEU D 33 3.69 -13.78 56.11
C LEU D 33 4.68 -13.60 55.00
N CYS D 34 4.27 -13.08 53.85
CA CYS D 34 5.17 -12.95 52.70
C CYS D 34 5.37 -11.44 52.42
N THR D 35 6.35 -11.10 51.60
CA THR D 35 6.59 -9.77 51.09
C THR D 35 5.90 -9.49 49.73
N HIS D 36 5.68 -10.54 48.92
CA HIS D 36 4.87 -10.40 47.71
C HIS D 36 3.83 -11.50 47.56
N LEU D 37 2.60 -11.14 47.19
CA LEU D 37 1.56 -12.16 46.96
C LEU D 37 1.20 -12.11 45.51
N ILE D 38 1.04 -13.29 44.93
CA ILE D 38 0.71 -13.40 43.54
C ILE D 38 -0.65 -14.09 43.35
N TYR D 39 -1.49 -13.47 42.52
CA TYR D 39 -2.88 -13.88 42.39
C TYR D 39 -2.96 -14.73 41.10
N ALA D 40 -3.15 -16.06 41.25
CA ALA D 40 -3.27 -16.96 40.13
C ALA D 40 -4.76 -17.28 39.95
N PHE D 41 -5.36 -17.01 38.78
CA PHE D 41 -4.76 -16.44 37.54
C PHE D 41 -5.79 -15.49 36.92
N ALA D 42 -5.28 -14.64 36.06
CA ALA D 42 -6.09 -13.85 35.16
C ALA D 42 -6.01 -14.58 33.82
N GLY D 43 -7.01 -14.33 32.96
CA GLY D 43 -7.09 -14.79 31.60
C GLY D 43 -7.02 -13.67 30.56
N MET D 44 -7.51 -13.99 29.37
CA MET D 44 -7.31 -13.12 28.23
C MET D 44 -8.42 -13.38 27.22
N GLN D 45 -8.97 -12.29 26.72
CA GLN D 45 -10.06 -12.29 25.73
C GLN D 45 -9.79 -11.10 24.79
N ASN D 46 -9.73 -11.39 23.49
CA ASN D 46 -9.45 -10.40 22.44
C ASN D 46 -8.20 -9.58 22.77
N ASN D 47 -7.12 -10.26 23.18
CA ASN D 47 -5.83 -9.60 23.49
C ASN D 47 -5.82 -8.64 24.67
N GLU D 48 -6.84 -8.72 25.53
CA GLU D 48 -6.95 -7.91 26.76
C GLU D 48 -7.05 -8.82 28.01
N ILE D 49 -6.41 -8.41 29.11
CA ILE D 49 -6.44 -9.13 30.35
C ILE D 49 -7.86 -9.17 30.88
N THR D 50 -8.24 -10.26 31.54
CA THR D 50 -9.63 -10.39 32.03
C THR D 50 -9.68 -11.25 33.24
N THR D 51 -10.80 -11.26 33.96
CA THR D 51 -10.99 -12.19 35.06
C THR D 51 -11.37 -13.58 34.56
N ILE D 52 -11.26 -14.59 35.43
CA ILE D 52 -11.67 -15.98 35.01
C ILE D 52 -12.70 -16.63 35.91
N GLU D 53 -12.88 -16.12 37.15
CA GLU D 53 -13.94 -16.60 38.06
C GLU D 53 -15.01 -15.49 38.26
N TRP D 54 -16.23 -15.91 38.52
CA TRP D 54 -17.34 -15.03 38.68
C TRP D 54 -17.13 -13.96 39.75
N ASN D 55 -16.36 -14.31 40.82
CA ASN D 55 -16.17 -13.42 41.96
C ASN D 55 -14.77 -12.84 42.03
N ASP D 56 -13.99 -12.88 40.95
CA ASP D 56 -12.64 -12.36 40.96
C ASP D 56 -12.57 -10.88 41.45
N VAL D 57 -13.52 -10.04 41.07
CA VAL D 57 -13.49 -8.61 41.50
C VAL D 57 -13.63 -8.52 43.03
N THR D 58 -14.58 -9.26 43.60
CA THR D 58 -14.64 -9.36 45.06
C THR D 58 -13.33 -9.88 45.69
N LEU D 59 -12.71 -10.91 45.09
CA LEU D 59 -11.48 -11.48 45.65
C LEU D 59 -10.31 -10.54 45.51
N TYR D 60 -10.20 -9.87 44.38
CA TYR D 60 -9.19 -8.85 44.21
C TYR D 60 -9.35 -7.75 45.31
N GLN D 61 -10.57 -7.34 45.62
CA GLN D 61 -10.75 -6.37 46.66
C GLN D 61 -10.18 -6.90 47.99
N ALA D 62 -10.63 -8.08 48.43
CA ALA D 62 -10.12 -8.62 49.71
C ALA D 62 -8.57 -8.85 49.62
N PHE D 63 -8.10 -9.29 48.48
CA PHE D 63 -6.68 -9.64 48.34
C PHE D 63 -5.79 -8.40 48.42
N ASN D 64 -6.02 -7.42 47.51
CA ASN D 64 -5.29 -6.14 47.57
C ASN D 64 -5.61 -5.33 48.85
N GLY D 65 -6.79 -5.53 49.43
CA GLY D 65 -7.06 -4.97 50.77
C GLY D 65 -6.10 -5.44 51.88
N LEU D 66 -5.29 -6.47 51.63
CA LEU D 66 -4.39 -6.92 52.70
C LEU D 66 -3.32 -5.86 52.90
N LYS D 67 -3.15 -5.02 51.89
CA LYS D 67 -2.16 -4.00 51.86
C LYS D 67 -2.54 -2.86 52.88
N ASN D 68 -3.79 -2.90 53.37
CA ASN D 68 -4.25 -2.03 54.47
C ASN D 68 -3.80 -2.50 55.84
N LYS D 69 -3.20 -3.69 55.89
CA LYS D 69 -2.73 -4.26 57.14
C LYS D 69 -1.24 -4.34 57.13
N ASN D 70 -0.62 -4.31 55.97
CA ASN D 70 0.82 -4.32 55.88
C ASN D 70 1.08 -3.40 54.73
N SER D 71 1.85 -2.36 54.97
CA SER D 71 1.91 -1.29 54.01
C SER D 71 3.03 -1.65 53.05
N GLN D 72 3.96 -2.52 53.48
CA GLN D 72 5.10 -2.96 52.63
C GLN D 72 4.80 -4.13 51.64
N LEU D 73 3.63 -4.77 51.78
CA LEU D 73 3.19 -5.93 50.97
C LEU D 73 2.95 -5.50 49.54
N LYS D 74 3.61 -6.13 48.57
CA LYS D 74 3.25 -5.93 47.15
C LYS D 74 2.41 -7.10 46.58
N THR D 75 1.45 -6.78 45.71
CA THR D 75 0.58 -7.75 45.09
C THR D 75 0.73 -7.76 43.60
N LEU D 76 0.86 -8.95 43.02
CA LEU D 76 0.94 -9.07 41.59
C LEU D 76 -0.17 -9.97 41.08
N LEU D 77 -0.52 -9.78 39.82
CA LEU D 77 -1.57 -10.58 39.19
C LEU D 77 -0.88 -11.46 38.18
N ALA D 78 -0.95 -12.78 38.31
CA ALA D 78 -0.40 -13.64 37.25
C ALA D 78 -1.41 -13.88 36.13
N ILE D 79 -0.90 -13.97 34.92
CA ILE D 79 -1.71 -14.31 33.80
C ILE D 79 -1.16 -15.56 33.13
N GLY D 80 -2.05 -16.49 32.84
CA GLY D 80 -1.61 -17.71 32.19
C GLY D 80 -1.81 -18.91 33.04
N GLY D 81 -0.70 -19.63 33.22
CA GLY D 81 -0.66 -20.87 33.99
C GLY D 81 -0.70 -22.03 32.99
N TRP D 82 -0.32 -23.21 33.45
CA TRP D 82 -0.36 -24.40 32.66
C TRP D 82 -1.61 -24.61 31.83
N ASN D 83 -2.77 -24.58 32.46
CA ASN D 83 -4.05 -24.90 31.78
C ASN D 83 -4.38 -23.87 30.68
N PHE D 84 -4.08 -22.61 30.93
CA PHE D 84 -4.28 -21.58 29.89
C PHE D 84 -3.56 -21.96 28.56
N GLY D 85 -2.43 -22.65 28.62
CA GLY D 85 -1.77 -23.04 27.37
C GLY D 85 -1.11 -21.83 26.65
N THR D 86 -0.83 -21.96 25.35
CA THR D 86 -0.04 -20.97 24.67
C THR D 86 -0.79 -20.17 23.60
N ALA D 87 -1.93 -20.69 23.14
CA ALA D 87 -2.58 -20.05 22.00
C ALA D 87 -2.85 -18.56 22.19
N PRO D 88 -3.48 -18.15 23.32
CA PRO D 88 -3.70 -16.67 23.36
C PRO D 88 -2.42 -15.83 23.44
N PHE D 89 -1.34 -16.35 24.04
CA PHE D 89 -0.08 -15.60 24.13
C PHE D 89 0.47 -15.44 22.72
N THR D 90 0.56 -16.53 21.99
CA THR D 90 1.06 -16.53 20.66
C THR D 90 0.39 -15.51 19.74
N ALA D 91 -0.93 -15.53 19.67
CA ALA D 91 -1.68 -14.59 18.84
C ALA D 91 -1.44 -13.14 19.30
N MET D 92 -1.30 -12.94 20.61
CA MET D 92 -1.22 -11.63 21.21
C MET D 92 0.15 -10.98 20.91
N VAL D 93 1.23 -11.75 20.93
CA VAL D 93 2.49 -11.11 20.69
C VAL D 93 2.82 -11.02 19.18
N SER D 94 1.96 -11.62 18.35
CA SER D 94 2.23 -11.80 16.94
C SER D 94 2.23 -10.50 16.09
N THR D 95 1.67 -9.40 16.60
CA THR D 95 1.63 -8.09 15.92
C THR D 95 1.77 -6.95 16.93
N PRO D 96 2.47 -5.86 16.58
CA PRO D 96 2.61 -4.68 17.49
C PRO D 96 1.30 -4.14 18.03
N GLU D 97 0.27 -4.12 17.20
CA GLU D 97 -1.07 -3.66 17.59
C GLU D 97 -1.68 -4.56 18.72
N ASN D 98 -1.58 -5.89 18.56
CA ASN D 98 -2.02 -6.83 19.63
C ASN D 98 -1.25 -6.65 20.96
N ARG D 99 0.07 -6.58 20.87
CA ARG D 99 0.86 -6.30 22.05
C ARG D 99 0.47 -4.99 22.70
N GLN D 100 0.21 -3.95 21.90
CA GLN D 100 -0.17 -2.65 22.52
C GLN D 100 -1.57 -2.73 23.14
N THR D 101 -2.51 -3.36 22.44
CA THR D 101 -3.83 -3.57 23.00
C THR D 101 -3.73 -4.27 24.38
N PHE D 102 -2.79 -5.21 24.52
CA PHE D 102 -2.70 -5.99 25.76
C PHE D 102 -2.09 -5.13 26.88
N ILE D 103 -0.93 -4.52 26.58
CA ILE D 103 -0.25 -3.63 27.54
C ILE D 103 -1.18 -2.54 28.03
N THR D 104 -1.98 -1.96 27.14
CA THR D 104 -2.89 -0.94 27.58
C THR D 104 -3.95 -1.47 28.54
N SER D 105 -4.52 -2.64 28.23
CA SER D 105 -5.59 -3.20 29.08
C SER D 105 -4.95 -3.58 30.43
N VAL D 106 -3.68 -3.99 30.40
CA VAL D 106 -2.98 -4.36 31.62
C VAL D 106 -2.75 -3.16 32.58
N ILE D 107 -2.18 -2.08 32.03
CA ILE D 107 -2.05 -0.85 32.84
C ILE D 107 -3.40 -0.48 33.47
N LYS D 108 -4.43 -0.38 32.65
CA LYS D 108 -5.72 0.01 33.15
C LYS D 108 -6.30 -0.97 34.21
N PHE D 109 -6.08 -2.28 34.03
CA PHE D 109 -6.69 -3.33 34.89
C PHE D 109 -5.97 -3.35 36.21
N LEU D 110 -4.64 -3.27 36.18
CA LEU D 110 -3.86 -3.30 37.42
C LEU D 110 -4.14 -2.10 38.33
N ARG D 111 -4.34 -0.91 37.73
CA ARG D 111 -4.54 0.33 38.49
C ARG D 111 -5.94 0.31 39.01
N GLN D 112 -6.89 -0.15 38.19
CA GLN D 112 -8.28 -0.25 38.61
C GLN D 112 -8.46 -1.11 39.87
N TYR D 113 -7.77 -2.25 39.91
CA TYR D 113 -8.08 -3.21 40.95
C TYR D 113 -7.04 -3.24 42.05
N GLU D 114 -5.99 -2.42 41.89
CA GLU D 114 -4.99 -2.10 42.94
C GLU D 114 -3.91 -3.16 43.11
N PHE D 115 -3.42 -3.72 41.99
CA PHE D 115 -2.28 -4.61 41.97
C PHE D 115 -1.06 -3.75 41.66
N ASP D 116 0.11 -4.18 42.15
CA ASP D 116 1.40 -3.53 41.99
C ASP D 116 2.15 -4.01 40.77
N GLY D 117 1.62 -4.98 40.05
CA GLY D 117 2.35 -5.58 38.97
C GLY D 117 1.72 -6.83 38.35
N LEU D 118 2.32 -7.28 37.27
CA LEU D 118 1.83 -8.39 36.46
C LEU D 118 2.92 -9.46 36.49
N ASP D 119 2.55 -10.70 36.77
CA ASP D 119 3.49 -11.82 36.63
C ASP D 119 3.07 -12.67 35.44
N PHE D 120 3.95 -12.86 34.47
CA PHE D 120 3.62 -13.58 33.26
C PHE D 120 3.84 -15.06 33.54
N ASP D 121 2.84 -15.87 33.27
CA ASP D 121 3.01 -17.33 33.49
C ASP D 121 2.66 -18.02 32.19
N TRP D 122 3.51 -17.82 31.21
CA TRP D 122 3.29 -18.41 29.89
C TRP D 122 3.99 -19.75 29.88
N GLU D 123 3.24 -20.84 29.78
CA GLU D 123 3.85 -22.16 29.79
C GLU D 123 3.71 -22.89 28.45
N TYR D 124 4.69 -22.77 27.54
CA TYR D 124 5.93 -21.92 27.66
C TYR D 124 6.19 -21.28 26.32
N PRO D 125 6.91 -20.13 26.24
CA PRO D 125 7.15 -19.70 24.85
C PRO D 125 7.98 -20.75 24.10
N GLY D 126 7.65 -21.00 22.84
CA GLY D 126 8.34 -22.03 22.04
C GLY D 126 8.02 -23.49 22.38
N SER D 127 7.02 -23.73 23.23
CA SER D 127 6.58 -25.13 23.43
C SER D 127 5.09 -25.21 23.45
N ARG D 128 4.57 -26.45 23.52
CA ARG D 128 3.15 -26.68 23.71
C ARG D 128 2.37 -25.91 22.65
N GLY D 129 2.82 -26.07 21.41
CA GLY D 129 2.24 -25.40 20.25
C GLY D 129 2.67 -23.97 19.94
N SER D 130 3.39 -23.34 20.86
CA SER D 130 3.88 -21.99 20.58
C SER D 130 5.04 -22.05 19.54
N PRO D 131 5.00 -21.22 18.48
CA PRO D 131 6.08 -21.33 17.46
C PRO D 131 7.47 -20.77 17.90
N PRO D 132 8.58 -21.18 17.23
CA PRO D 132 9.98 -20.79 17.60
C PRO D 132 10.19 -19.28 17.72
N GLN D 133 9.42 -18.53 16.94
CA GLN D 133 9.66 -17.12 16.93
C GLN D 133 9.16 -16.48 18.24
N ASP D 134 8.37 -17.21 19.03
CA ASP D 134 7.82 -16.65 20.28
C ASP D 134 8.90 -16.45 21.29
N LYS D 135 9.99 -17.16 21.12
CA LYS D 135 11.10 -16.98 22.02
C LYS D 135 11.52 -15.48 21.98
N HIS D 136 11.91 -15.00 20.78
CA HIS D 136 12.18 -13.57 20.61
C HIS D 136 11.00 -12.66 20.95
N LEU D 137 9.80 -13.02 20.47
CA LEU D 137 8.63 -12.16 20.71
C LEU D 137 8.25 -11.96 22.20
N PHE D 138 8.57 -12.94 23.03
CA PHE D 138 8.33 -12.80 24.47
C PHE D 138 9.28 -11.75 25.02
N THR D 139 10.52 -11.70 24.52
CA THR D 139 11.40 -10.60 24.92
C THR D 139 10.81 -9.28 24.44
N VAL D 140 10.29 -9.24 23.24
CA VAL D 140 9.82 -7.99 22.73
C VAL D 140 8.71 -7.50 23.65
N LEU D 141 7.82 -8.42 24.02
CA LEU D 141 6.65 -8.08 24.86
C LEU D 141 7.04 -7.55 26.21
N VAL D 142 7.97 -8.21 26.86
CA VAL D 142 8.34 -7.83 28.19
C VAL D 142 9.04 -6.47 28.16
N GLN D 143 9.96 -6.30 27.21
CA GLN D 143 10.58 -4.98 27.02
C GLN D 143 9.52 -3.91 26.83
N GLU D 144 8.64 -4.08 25.84
CA GLU D 144 7.64 -3.06 25.61
C GLU D 144 6.81 -2.80 26.86
N MET D 145 6.61 -3.83 27.68
CA MET D 145 5.74 -3.67 28.83
C MET D 145 6.46 -2.90 29.94
N ARG D 146 7.75 -3.22 30.11
CA ARG D 146 8.62 -2.49 31.00
C ARG D 146 8.61 -1.00 30.60
N GLU D 147 8.94 -0.71 29.33
CA GLU D 147 8.91 0.67 28.85
C GLU D 147 7.58 1.32 29.10
N ALA D 148 6.48 0.63 28.82
CA ALA D 148 5.17 1.30 29.06
C ALA D 148 4.88 1.56 30.54
N PHE D 149 5.38 0.71 31.44
CA PHE D 149 5.12 0.91 32.87
C PHE D 149 5.98 2.05 33.39
N GLU D 150 7.20 2.18 32.84
CA GLU D 150 8.10 3.31 33.18
C GLU D 150 7.44 4.65 32.84
N GLN D 151 6.90 4.72 31.63
CA GLN D 151 6.26 5.92 31.17
C GLN D 151 4.99 6.21 31.89
N GLU D 152 4.22 5.18 32.27
CA GLU D 152 2.95 5.47 32.93
C GLU D 152 3.20 6.08 34.30
N ALA D 153 4.31 5.66 34.90
CA ALA D 153 4.72 6.07 36.25
C ALA D 153 5.04 7.55 36.36
N LYS D 154 5.69 8.06 35.30
CA LYS D 154 6.10 9.44 35.25
C LYS D 154 4.92 10.40 35.04
N GLN D 155 3.83 9.91 34.44
CA GLN D 155 2.65 10.75 34.18
C GLN D 155 1.49 10.60 35.20
N ILE D 156 1.70 9.82 36.26
CA ILE D 156 0.73 9.77 37.37
C ILE D 156 1.43 9.94 38.72
N ASN D 157 2.76 10.07 38.66
CA ASN D 157 3.60 10.35 39.83
C ASN D 157 3.28 9.42 41.02
N LYS D 158 3.48 8.12 40.75
CA LYS D 158 3.32 7.00 41.68
C LYS D 158 4.41 6.02 41.27
N PRO D 159 4.82 5.11 42.19
CA PRO D 159 5.83 4.07 41.78
C PRO D 159 5.31 3.17 40.62
N ARG D 160 6.18 2.80 39.68
CA ARG D 160 5.78 2.04 38.49
C ARG D 160 5.32 0.61 38.86
N LEU D 161 4.36 0.13 38.09
CA LEU D 161 4.00 -1.28 38.09
C LEU D 161 5.25 -2.19 37.87
N MET D 162 5.29 -3.31 38.58
CA MET D 162 6.31 -4.34 38.30
C MET D 162 5.90 -5.33 37.23
N VAL D 163 6.89 -5.93 36.58
CA VAL D 163 6.70 -7.02 35.68
C VAL D 163 7.65 -8.17 36.05
N THR D 164 7.07 -9.35 36.29
CA THR D 164 7.86 -10.55 36.64
C THR D 164 7.44 -11.74 35.80
N ALA D 165 8.13 -12.86 35.88
CA ALA D 165 7.75 -13.99 35.04
C ALA D 165 8.08 -15.33 35.70
N ALA D 166 7.09 -16.22 35.62
CA ALA D 166 7.26 -17.59 36.06
C ALA D 166 7.82 -18.35 34.88
N VAL D 167 8.95 -19.03 35.11
CA VAL D 167 9.70 -19.65 34.01
C VAL D 167 10.06 -21.08 34.28
N ALA D 168 10.29 -21.80 33.16
CA ALA D 168 10.46 -23.26 33.10
C ALA D 168 11.64 -23.66 33.89
N ALA D 169 11.65 -24.90 34.39
CA ALA D 169 12.82 -25.53 34.99
C ALA D 169 13.44 -26.62 34.10
N GLY D 170 12.71 -27.08 33.08
CA GLY D 170 13.17 -28.12 32.18
C GLY D 170 14.14 -27.50 31.16
N ILE D 171 15.32 -28.14 31.01
CA ILE D 171 16.43 -27.46 30.30
C ILE D 171 16.06 -27.24 28.83
N SER D 172 15.42 -28.22 28.23
CA SER D 172 15.03 -28.14 26.83
C SER D 172 13.94 -27.05 26.61
N ASN D 173 13.00 -26.91 27.57
CA ASN D 173 12.06 -25.78 27.57
C ASN D 173 12.74 -24.40 27.74
N ILE D 174 13.70 -24.32 28.64
CA ILE D 174 14.46 -23.07 28.80
C ILE D 174 15.12 -22.67 27.44
N GLN D 175 15.78 -23.62 26.79
CA GLN D 175 16.50 -23.40 25.58
C GLN D 175 15.62 -22.88 24.44
N SER D 176 14.42 -23.45 24.32
CA SER D 176 13.50 -23.00 23.30
C SER D 176 12.57 -21.85 23.69
N GLY D 177 12.58 -21.42 24.96
CA GLY D 177 11.69 -20.40 25.34
C GLY D 177 12.17 -19.02 25.73
N TYR D 178 13.44 -18.89 26.14
CA TYR D 178 13.88 -17.63 26.69
C TYR D 178 15.21 -17.12 26.13
N GLU D 179 15.26 -15.82 25.79
CA GLU D 179 16.54 -15.12 25.60
C GLU D 179 17.00 -14.64 26.96
N ILE D 180 17.70 -15.47 27.68
CA ILE D 180 17.94 -15.16 29.09
C ILE D 180 18.65 -13.83 29.38
N PRO D 181 19.77 -13.55 28.69
CA PRO D 181 20.41 -12.24 29.01
C PRO D 181 19.49 -11.03 28.78
N GLN D 182 18.91 -10.99 27.58
CA GLN D 182 18.00 -9.93 27.16
C GLN D 182 16.80 -9.81 28.08
N LEU D 183 16.08 -10.91 28.27
CA LEU D 183 14.85 -10.97 29.09
C LEU D 183 15.12 -10.52 30.51
N SER D 184 16.30 -10.83 31.03
CA SER D 184 16.65 -10.46 32.40
C SER D 184 16.80 -8.99 32.71
N GLN D 185 16.94 -8.16 31.69
CA GLN D 185 17.10 -6.72 31.93
C GLN D 185 15.78 -6.07 32.28
N TYR D 186 14.72 -6.59 31.65
CA TYR D 186 13.43 -5.94 31.71
C TYR D 186 12.54 -6.48 32.79
N LEU D 187 12.69 -7.77 33.12
CA LEU D 187 11.90 -8.38 34.22
C LEU D 187 12.44 -7.89 35.54
N ASP D 188 11.57 -7.65 36.53
CA ASP D 188 12.04 -7.32 37.85
C ASP D 188 12.54 -8.56 38.59
N TYR D 189 11.81 -9.68 38.46
CA TYR D 189 12.10 -10.95 39.14
C TYR D 189 11.76 -12.11 38.23
N ILE D 190 12.45 -13.22 38.48
CA ILE D 190 12.39 -14.36 37.61
C ILE D 190 12.08 -15.53 38.55
N HIS D 191 10.81 -15.95 38.50
CA HIS D 191 10.29 -17.00 39.37
C HIS D 191 10.52 -18.34 38.70
N VAL D 192 11.57 -19.03 39.07
CA VAL D 192 11.89 -20.34 38.46
C VAL D 192 11.04 -21.45 39.09
N MET D 193 10.39 -22.23 38.24
CA MET D 193 9.47 -23.25 38.76
C MET D 193 10.22 -24.55 39.02
N THR D 194 11.07 -24.53 40.04
CA THR D 194 11.90 -25.70 40.43
C THR D 194 11.12 -26.71 41.26
N TYR D 195 10.06 -27.23 40.65
CA TYR D 195 9.22 -28.23 41.24
C TYR D 195 8.47 -28.96 40.11
N ASP D 196 7.67 -29.99 40.42
CA ASP D 196 7.24 -30.89 39.33
C ASP D 196 8.45 -31.49 38.60
N LEU D 197 9.58 -31.62 39.27
CA LEU D 197 10.80 -32.18 38.63
C LEU D 197 10.72 -33.73 38.43
N HIS D 198 9.92 -34.41 39.24
CA HIS D 198 9.61 -35.83 39.00
C HIS D 198 8.14 -36.05 39.38
N GLY D 199 7.55 -37.15 38.97
CA GLY D 199 6.13 -37.37 39.08
C GLY D 199 5.82 -38.71 38.51
N SER D 200 4.62 -39.18 38.78
CA SER D 200 4.14 -40.47 38.29
C SER D 200 4.36 -40.71 36.77
N TRP D 201 4.42 -39.63 35.97
CA TRP D 201 4.58 -39.77 34.51
C TRP D 201 5.94 -40.46 34.08
N GLU D 202 6.85 -40.59 35.01
CA GLU D 202 8.14 -41.19 34.72
C GLU D 202 8.12 -42.71 34.98
N GLY D 203 7.10 -43.22 35.68
CA GLY D 203 6.97 -44.62 35.94
C GLY D 203 7.86 -45.18 37.02
N TYR D 204 8.47 -44.30 37.82
CA TYR D 204 9.32 -44.64 38.96
C TYR D 204 9.12 -43.53 39.97
N THR D 205 9.24 -43.84 41.26
CA THR D 205 9.20 -42.85 42.32
C THR D 205 10.32 -41.85 42.18
N GLY D 206 10.03 -40.61 42.55
CA GLY D 206 11.00 -39.50 42.44
C GLY D 206 10.45 -38.33 43.22
N GLU D 207 11.36 -37.43 43.58
CA GLU D 207 11.03 -36.26 44.36
C GLU D 207 10.48 -35.02 43.60
N ASN D 208 9.55 -34.32 44.19
CA ASN D 208 8.94 -33.15 43.55
C ASN D 208 9.98 -32.04 43.31
N SER D 209 10.83 -31.81 44.29
CA SER D 209 11.73 -30.66 44.23
C SER D 209 13.04 -31.04 44.95
N PRO D 210 13.79 -32.05 44.40
CA PRO D 210 15.03 -32.42 45.10
C PRO D 210 16.07 -31.29 45.00
N LEU D 211 16.77 -30.99 46.10
CA LEU D 211 17.84 -29.97 46.06
C LEU D 211 18.95 -30.36 45.11
N TYR D 212 19.38 -31.62 45.20
CA TYR D 212 20.59 -32.11 44.49
C TYR D 212 20.24 -33.34 43.72
N LYS D 213 21.11 -33.68 42.77
CA LYS D 213 20.91 -34.91 42.00
C LYS D 213 20.98 -36.17 42.88
N TYR D 214 20.39 -37.23 42.37
CA TYR D 214 20.47 -38.53 42.98
C TYR D 214 21.77 -39.15 42.47
N PRO D 215 22.53 -39.85 43.33
CA PRO D 215 23.84 -40.40 42.85
C PRO D 215 23.73 -41.26 41.56
N THR D 216 22.55 -41.80 41.32
CA THR D 216 22.28 -42.69 40.21
C THR D 216 22.05 -41.96 38.89
N ASP D 217 21.91 -40.64 38.98
CA ASP D 217 21.39 -39.83 37.86
C ASP D 217 22.46 -39.66 36.82
N THR D 218 22.11 -40.00 35.58
CA THR D 218 23.01 -39.74 34.43
C THR D 218 22.35 -39.02 33.24
N GLY D 219 23.19 -38.27 32.51
CA GLY D 219 22.74 -37.48 31.36
C GLY D 219 21.74 -36.40 31.75
N SER D 220 20.59 -36.38 31.08
CA SER D 220 19.62 -35.31 31.33
C SER D 220 18.90 -35.50 32.69
N ASN D 221 18.93 -36.70 33.22
CA ASN D 221 18.38 -36.93 34.54
C ASN D 221 19.09 -36.17 35.63
N ALA D 222 20.36 -35.80 35.41
CA ALA D 222 21.11 -35.02 36.38
C ALA D 222 20.73 -33.54 36.38
N TYR D 223 19.88 -33.12 35.42
CA TYR D 223 19.42 -31.72 35.37
C TYR D 223 18.18 -31.48 36.27
N LEU D 224 17.53 -32.55 36.72
CA LEU D 224 16.23 -32.46 37.38
C LEU D 224 16.33 -32.21 38.89
N ASN D 225 16.95 -31.10 39.27
CA ASN D 225 17.16 -30.72 40.66
C ASN D 225 17.32 -29.24 40.79
N VAL D 226 16.96 -28.71 41.95
CA VAL D 226 16.96 -27.27 42.16
C VAL D 226 18.35 -26.60 41.84
N ASP D 227 19.41 -27.20 42.38
CA ASP D 227 20.78 -26.72 42.19
C ASP D 227 21.11 -26.65 40.72
N TYR D 228 20.97 -27.75 40.01
CA TYR D 228 21.28 -27.61 38.58
C TYR D 228 20.54 -26.46 37.90
N VAL D 229 19.23 -26.30 38.20
CA VAL D 229 18.38 -25.41 37.40
C VAL D 229 18.65 -23.94 37.75
N MET D 230 18.73 -23.69 39.03
CA MET D 230 19.10 -22.35 39.47
C MET D 230 20.43 -21.96 38.84
N ASN D 231 21.42 -22.86 38.88
CA ASN D 231 22.75 -22.55 38.31
C ASN D 231 22.75 -22.44 36.83
N TYR D 232 21.89 -23.23 36.16
CA TYR D 232 21.66 -23.01 34.73
C TYR D 232 21.18 -21.57 34.41
N TRP D 233 20.18 -21.06 35.14
CA TRP D 233 19.65 -19.71 34.92
C TRP D 233 20.77 -18.67 35.11
N LYS D 234 21.39 -18.69 36.30
CA LYS D 234 22.56 -17.91 36.61
C LYS D 234 23.68 -17.98 35.54
N ASP D 235 24.11 -19.18 35.11
CA ASP D 235 25.25 -19.35 34.19
C ASP D 235 24.98 -18.90 32.76
N ASN D 236 23.70 -18.67 32.47
CA ASN D 236 23.37 -18.29 31.10
C ASN D 236 22.74 -16.90 31.00
N GLY D 237 22.92 -16.06 32.02
CA GLY D 237 22.67 -14.63 31.87
C GLY D 237 21.77 -13.95 32.91
N ALA D 238 21.24 -14.71 33.88
CA ALA D 238 20.37 -14.10 34.87
C ALA D 238 21.12 -13.68 36.10
N PRO D 239 20.92 -12.42 36.53
CA PRO D 239 21.60 -12.02 37.74
C PRO D 239 20.97 -12.72 38.90
N ALA D 240 21.84 -13.28 39.73
CA ALA D 240 21.43 -14.03 40.89
C ALA D 240 20.31 -13.35 41.67
N GLU D 241 20.41 -12.05 41.91
CA GLU D 241 19.41 -11.37 42.79
C GLU D 241 18.05 -11.11 42.11
N LYS D 242 17.97 -11.37 40.82
CA LYS D 242 16.66 -11.42 40.19
C LYS D 242 16.06 -12.87 40.21
N LEU D 243 16.85 -13.86 40.58
CA LEU D 243 16.42 -15.27 40.45
C LEU D 243 15.74 -15.68 41.71
N ILE D 244 14.46 -16.02 41.58
CA ILE D 244 13.70 -16.49 42.72
C ILE D 244 13.48 -18.03 42.67
N VAL D 245 13.86 -18.72 43.75
CA VAL D 245 13.76 -20.18 43.82
C VAL D 245 12.34 -20.63 44.14
N GLY D 246 11.79 -21.52 43.33
CA GLY D 246 10.45 -22.07 43.62
C GLY D 246 10.45 -23.20 44.64
N PHE D 247 9.60 -23.07 45.67
CA PHE D 247 9.42 -24.05 46.67
C PHE D 247 7.98 -24.51 46.57
N PRO D 248 7.76 -25.81 46.72
CA PRO D 248 6.37 -26.26 46.69
C PRO D 248 5.84 -26.64 48.07
N THR D 249 4.56 -26.36 48.35
CA THR D 249 3.98 -26.87 49.60
C THR D 249 3.05 -28.03 49.27
N TYR D 250 3.41 -28.87 48.29
CA TYR D 250 2.62 -30.02 47.96
C TYR D 250 3.63 -31.05 47.54
N GLY D 251 3.19 -32.31 47.44
CA GLY D 251 4.07 -33.38 46.96
C GLY D 251 3.37 -34.13 45.84
N HIS D 252 4.09 -34.97 45.10
CA HIS D 252 3.46 -35.81 44.04
C HIS D 252 3.44 -37.21 44.62
N ASN D 253 2.34 -37.90 44.41
CA ASN D 253 2.20 -39.25 44.87
C ASN D 253 2.04 -40.23 43.71
N PHE D 254 2.14 -41.52 44.02
CA PHE D 254 2.32 -42.56 43.01
C PHE D 254 1.71 -43.83 43.58
N ILE D 255 1.20 -44.68 42.69
CA ILE D 255 0.89 -46.04 43.05
C ILE D 255 2.17 -46.91 42.88
N LEU D 256 2.63 -47.52 43.95
CA LEU D 256 3.77 -48.41 43.89
C LEU D 256 3.37 -49.69 43.13
N SER D 257 4.19 -50.17 42.22
CA SER D 257 3.91 -51.51 41.53
C SER D 257 4.12 -52.64 42.55
N ASN D 258 4.93 -52.38 43.58
CA ASN D 258 5.26 -53.40 44.55
C ASN D 258 5.36 -52.69 45.88
N PRO D 259 4.37 -52.90 46.79
CA PRO D 259 4.39 -52.18 48.07
C PRO D 259 5.64 -52.44 48.93
N SER D 260 6.43 -53.47 48.62
CA SER D 260 7.67 -53.75 49.38
C SER D 260 8.85 -53.08 48.78
N ASN D 261 8.66 -52.48 47.60
CA ASN D 261 9.77 -51.84 46.93
C ASN D 261 9.48 -50.29 46.99
N THR D 262 10.11 -49.60 47.95
CA THR D 262 9.64 -48.28 48.41
C THR D 262 10.68 -47.17 48.43
N GLY D 263 11.78 -47.35 47.72
CA GLY D 263 12.84 -46.35 47.73
C GLY D 263 12.66 -45.35 46.61
N ILE D 264 13.67 -44.53 46.43
CA ILE D 264 13.73 -43.67 45.32
C ILE D 264 14.01 -44.50 44.07
N GLY D 265 13.26 -44.25 43.02
CA GLY D 265 13.37 -45.00 41.78
C GLY D 265 12.62 -46.33 41.80
N ALA D 266 11.73 -46.56 42.76
CA ALA D 266 10.96 -47.79 42.67
C ALA D 266 9.88 -47.69 41.59
N PRO D 267 9.50 -48.83 40.98
CA PRO D 267 8.54 -48.80 39.89
C PRO D 267 7.16 -48.46 40.38
N THR D 268 6.44 -47.68 39.57
CA THR D 268 5.14 -47.24 39.94
C THR D 268 4.22 -47.55 38.80
N SER D 269 2.93 -47.67 39.05
CA SER D 269 2.05 -48.00 38.00
C SER D 269 1.11 -46.85 37.67
N GLY D 270 1.34 -45.66 38.22
CA GLY D 270 0.39 -44.58 37.95
C GLY D 270 0.43 -43.49 39.04
N ALA D 271 -0.36 -42.43 38.83
CA ALA D 271 -0.45 -41.29 39.75
C ALA D 271 -1.17 -41.83 41.00
N GLY D 272 -0.74 -41.37 42.17
CA GLY D 272 -1.44 -41.67 43.41
C GLY D 272 -2.81 -41.00 43.52
N PRO D 273 -3.59 -41.39 44.54
CA PRO D 273 -4.97 -40.89 44.70
C PRO D 273 -5.05 -39.39 44.98
N ALA D 274 -6.04 -38.75 44.35
CA ALA D 274 -6.50 -37.40 44.72
C ALA D 274 -6.75 -37.31 46.24
N GLY D 275 -6.30 -36.21 46.87
CA GLY D 275 -6.55 -35.98 48.28
C GLY D 275 -8.00 -35.64 48.53
N PRO D 276 -8.43 -35.66 49.79
CA PRO D 276 -9.83 -35.37 50.04
C PRO D 276 -10.25 -33.86 50.03
N TYR D 277 -9.29 -32.95 50.00
CA TYR D 277 -9.52 -31.54 50.02
C TYR D 277 -9.18 -30.84 48.68
N ALA D 278 -7.95 -31.02 48.13
CA ALA D 278 -7.57 -30.47 46.84
C ALA D 278 -8.07 -31.35 45.66
N LYS D 279 -8.27 -32.64 45.90
CA LYS D 279 -8.93 -33.50 44.90
C LYS D 279 -8.16 -33.46 43.60
N GLU D 280 -6.84 -33.47 43.73
CA GLU D 280 -5.93 -33.36 42.61
C GLU D 280 -5.24 -34.70 42.43
N SER D 281 -5.57 -35.38 41.33
CA SER D 281 -4.94 -36.67 41.05
C SER D 281 -3.40 -36.53 41.05
N GLY D 282 -2.68 -37.42 41.72
CA GLY D 282 -1.21 -37.31 41.64
C GLY D 282 -0.55 -36.26 42.56
N ILE D 283 -1.33 -35.53 43.34
CA ILE D 283 -0.76 -34.42 44.14
C ILE D 283 -1.45 -34.34 45.52
N TRP D 284 -0.70 -34.17 46.60
CA TRP D 284 -1.33 -33.93 47.90
C TRP D 284 -0.75 -32.63 48.45
N ALA D 285 -1.64 -31.76 48.94
CA ALA D 285 -1.19 -30.55 49.67
C ALA D 285 -0.39 -31.05 50.90
N TYR D 286 0.44 -30.17 51.48
CA TYR D 286 1.16 -30.48 52.69
C TYR D 286 0.24 -30.98 53.75
N TYR D 287 -0.86 -30.26 53.96
CA TYR D 287 -1.77 -30.70 54.96
C TYR D 287 -2.41 -32.02 54.70
N GLU D 288 -2.62 -32.40 53.42
CA GLU D 288 -3.14 -33.74 53.16
C GLU D 288 -2.06 -34.81 53.48
N ILE D 289 -0.80 -34.42 53.33
CA ILE D 289 0.28 -35.35 53.54
C ILE D 289 0.43 -35.61 55.07
N CYS D 290 0.19 -34.57 55.90
CA CYS D 290 0.18 -34.77 57.34
C CYS D 290 -0.86 -35.75 57.73
N THR D 291 -2.03 -35.74 57.10
CA THR D 291 -3.03 -36.73 57.45
C THR D 291 -2.51 -38.16 57.16
N PHE D 292 -1.77 -38.29 56.05
CA PHE D 292 -1.19 -39.59 55.60
C PHE D 292 -0.15 -39.95 56.68
N LEU D 293 0.64 -39.00 57.17
CA LEU D 293 1.57 -39.29 58.25
C LEU D 293 0.80 -39.66 59.54
N LYS D 294 -0.25 -38.92 59.88
CA LYS D 294 -0.89 -39.30 61.12
C LYS D 294 -1.64 -40.63 61.09
N ASN D 295 -1.93 -41.13 59.89
CA ASN D 295 -2.59 -42.47 59.79
C ASN D 295 -1.64 -43.65 59.71
N GLY D 296 -0.34 -43.36 59.86
CA GLY D 296 0.67 -44.39 60.14
C GLY D 296 1.69 -44.60 59.03
N ALA D 297 1.79 -43.66 58.07
CA ALA D 297 2.68 -43.86 57.00
C ALA D 297 4.12 -43.89 57.48
N THR D 298 4.90 -44.68 56.79
CA THR D 298 6.33 -44.76 57.05
C THR D 298 7.01 -43.61 56.41
N GLN D 299 7.82 -42.92 57.18
CA GLN D 299 8.49 -41.72 56.77
C GLN D 299 9.88 -42.08 56.38
N GLY D 300 10.31 -41.59 55.23
CA GLY D 300 11.67 -41.80 54.83
C GLY D 300 12.34 -40.50 54.51
N TRP D 301 13.64 -40.58 54.24
CA TRP D 301 14.41 -39.38 53.96
C TRP D 301 15.35 -39.65 52.80
N ASP D 302 15.32 -38.81 51.78
CA ASP D 302 16.18 -38.98 50.62
C ASP D 302 17.43 -38.14 50.90
N ALA D 303 18.39 -38.77 51.58
CA ALA D 303 19.56 -38.03 52.11
C ALA D 303 20.38 -37.31 51.01
N PRO D 304 20.65 -37.97 49.88
CA PRO D 304 21.40 -37.20 48.85
C PRO D 304 20.67 -35.98 48.31
N GLN D 305 19.35 -36.10 48.13
CA GLN D 305 18.58 -34.99 47.54
C GLN D 305 17.99 -34.06 48.59
N GLU D 306 18.12 -34.42 49.87
CA GLU D 306 17.66 -33.55 50.98
C GLU D 306 16.12 -33.28 51.06
N VAL D 307 15.28 -34.27 50.73
CA VAL D 307 13.83 -34.11 50.79
C VAL D 307 13.14 -35.35 51.38
N PRO D 308 11.96 -35.21 52.02
CA PRO D 308 11.42 -36.42 52.57
C PRO D 308 10.56 -37.23 51.56
N TYR D 309 10.12 -38.41 51.96
CA TYR D 309 9.10 -39.12 51.19
C TYR D 309 8.44 -40.00 52.20
N ALA D 310 7.29 -40.59 51.85
CA ALA D 310 6.57 -41.41 52.84
C ALA D 310 5.73 -42.44 52.09
N TYR D 311 5.37 -43.55 52.71
CA TYR D 311 4.61 -44.54 51.94
C TYR D 311 3.76 -45.36 52.87
N GLN D 312 2.77 -46.03 52.29
CA GLN D 312 1.95 -46.88 53.07
C GLN D 312 1.11 -47.70 52.10
N GLY D 313 1.03 -49.02 52.30
CA GLY D 313 0.32 -49.92 51.36
C GLY D 313 0.92 -49.65 49.99
N ASN D 314 0.09 -49.37 49.01
CA ASN D 314 0.63 -49.13 47.67
C ASN D 314 0.76 -47.62 47.26
N VAL D 315 0.86 -46.71 48.24
CA VAL D 315 0.96 -45.28 47.93
C VAL D 315 2.28 -44.72 48.43
N TRP D 316 2.95 -43.92 47.62
CA TRP D 316 4.21 -43.35 47.99
C TRP D 316 4.10 -41.87 47.68
N VAL D 317 4.75 -41.02 48.46
CA VAL D 317 4.67 -39.61 48.18
C VAL D 317 5.96 -38.95 48.42
N GLY D 318 6.36 -38.13 47.46
CA GLY D 318 7.61 -37.42 47.68
C GLY D 318 7.29 -35.92 47.81
N TYR D 319 7.86 -35.23 48.79
CA TYR D 319 7.38 -33.88 49.09
C TYR D 319 8.40 -33.03 49.79
N ASP D 320 7.96 -31.93 50.37
CA ASP D 320 8.83 -31.03 51.14
C ASP D 320 8.31 -30.81 52.54
N ASN D 321 9.22 -30.80 53.53
CA ASN D 321 8.78 -30.51 54.90
C ASN D 321 9.53 -29.35 55.54
N ILE D 322 9.36 -29.15 56.82
CA ILE D 322 10.01 -27.99 57.49
C ILE D 322 11.53 -28.13 57.30
N LYS D 323 12.01 -29.35 57.53
CA LYS D 323 13.42 -29.64 57.35
C LYS D 323 13.94 -29.37 55.94
N SER D 324 13.25 -29.89 54.92
CA SER D 324 13.76 -29.67 53.57
C SER D 324 13.66 -28.16 53.26
N PHE D 325 12.60 -27.50 53.71
CA PHE D 325 12.46 -26.05 53.36
C PHE D 325 13.65 -25.26 53.97
N ASP D 326 14.00 -25.65 55.18
CA ASP D 326 15.12 -25.02 55.86
C ASP D 326 16.45 -25.24 55.17
N ILE D 327 16.73 -26.50 54.80
CA ILE D 327 17.97 -26.79 54.08
C ILE D 327 18.08 -25.94 52.83
N LYS D 328 16.98 -25.85 52.04
CA LYS D 328 17.06 -25.10 50.76
C LYS D 328 17.11 -23.60 51.00
N ALA D 329 16.45 -23.14 52.06
CA ALA D 329 16.57 -21.73 52.46
C ALA D 329 18.03 -21.41 52.74
N GLN D 330 18.70 -22.23 53.57
CA GLN D 330 20.16 -22.01 53.78
C GLN D 330 20.92 -22.05 52.46
N TRP D 331 20.61 -23.01 51.63
CA TRP D 331 21.28 -23.05 50.35
C TRP D 331 21.03 -21.78 49.51
N LEU D 332 19.84 -21.20 49.57
CA LEU D 332 19.64 -20.10 48.62
C LEU D 332 20.36 -18.84 49.08
N LYS D 333 20.45 -18.66 50.42
CA LYS D 333 21.21 -17.54 51.02
C LYS D 333 22.69 -17.71 50.66
N HIS D 334 23.23 -18.90 50.94
CA HIS D 334 24.57 -19.20 50.50
C HIS D 334 24.86 -18.90 49.01
N ASN D 335 23.97 -19.20 48.06
CA ASN D 335 24.26 -18.89 46.64
C ASN D 335 23.81 -17.48 46.18
N LYS D 336 23.37 -16.68 47.15
CA LYS D 336 22.98 -15.27 46.92
C LYS D 336 21.86 -15.00 45.87
N PHE D 337 20.79 -15.79 45.91
CA PHE D 337 19.65 -15.59 45.03
C PHE D 337 18.76 -14.60 45.72
N GLY D 338 17.77 -14.07 44.99
CA GLY D 338 16.92 -12.97 45.52
C GLY D 338 15.89 -13.38 46.54
N GLY D 339 15.71 -14.70 46.72
CA GLY D 339 14.73 -15.19 47.67
C GLY D 339 13.95 -16.39 47.14
N ALA D 340 12.77 -16.57 47.67
CA ALA D 340 11.97 -17.76 47.44
C ALA D 340 10.57 -17.37 47.00
N MET D 341 9.97 -18.27 46.23
CA MET D 341 8.65 -18.13 45.64
C MET D 341 7.98 -19.46 46.09
N VAL D 342 6.73 -19.38 46.54
CA VAL D 342 6.04 -20.53 47.05
C VAL D 342 4.71 -20.83 46.28
N TRP D 343 4.59 -22.04 45.78
CA TRP D 343 3.31 -22.52 45.24
C TRP D 343 2.80 -23.64 46.16
N ALA D 344 1.74 -23.39 46.92
CA ALA D 344 0.95 -22.18 46.93
C ALA D 344 0.55 -21.97 48.41
N ILE D 345 0.13 -20.76 48.76
CA ILE D 345 -0.12 -20.46 50.16
C ILE D 345 -1.29 -21.29 50.65
N ASP D 346 -2.23 -21.65 49.75
CA ASP D 346 -3.42 -22.39 50.13
C ASP D 346 -3.15 -23.92 50.27
N LEU D 347 -1.91 -24.36 50.02
CA LEU D 347 -1.63 -25.82 50.13
C LEU D 347 -0.77 -26.11 51.35
N ASP D 348 -0.29 -25.05 52.01
CA ASP D 348 0.35 -25.13 53.34
C ASP D 348 -0.75 -25.45 54.38
N ASP D 349 -0.38 -25.86 55.61
CA ASP D 349 -1.39 -26.18 56.65
C ASP D 349 -1.79 -24.83 57.20
N PHE D 350 -2.43 -24.00 56.37
CA PHE D 350 -2.78 -22.66 56.81
C PHE D 350 -3.58 -22.59 58.11
N THR D 351 -4.38 -23.61 58.47
CA THR D 351 -5.15 -23.47 59.72
C THR D 351 -4.37 -24.02 60.91
N GLY D 352 -3.23 -24.66 60.63
CA GLY D 352 -2.48 -25.26 61.71
C GLY D 352 -3.04 -26.55 62.24
N THR D 353 -4.26 -26.93 61.85
CA THR D 353 -4.90 -28.09 62.52
C THR D 353 -4.56 -29.52 62.05
N PHE D 354 -3.98 -29.66 60.86
CA PHE D 354 -3.58 -31.02 60.37
C PHE D 354 -2.21 -31.47 60.85
N CYS D 355 -1.24 -30.58 60.89
CA CYS D 355 0.14 -31.00 61.12
C CYS D 355 0.62 -30.79 62.55
N ASN D 356 -0.13 -30.00 63.35
CA ASN D 356 0.30 -29.54 64.68
C ASN D 356 1.66 -28.94 64.63
N GLN D 357 1.98 -28.21 63.57
CA GLN D 357 3.21 -27.43 63.52
C GLN D 357 2.97 -25.93 63.50
N GLY D 358 1.77 -25.51 63.90
CA GLY D 358 1.42 -24.07 63.80
C GLY D 358 0.79 -23.72 62.44
N LYS D 359 0.29 -22.49 62.34
CA LYS D 359 -0.25 -21.96 61.11
C LYS D 359 0.86 -21.77 60.10
N PHE D 360 0.58 -22.11 58.83
CA PHE D 360 1.59 -21.96 57.76
C PHE D 360 2.98 -22.44 58.15
N PRO D 361 3.08 -23.71 58.55
CA PRO D 361 4.36 -24.25 59.02
C PRO D 361 5.40 -24.16 57.98
N LEU D 362 5.06 -24.42 56.73
CA LEU D 362 6.17 -24.41 55.80
C LEU D 362 6.60 -22.97 55.41
N ILE D 363 5.64 -22.10 55.16
CA ILE D 363 6.01 -20.80 54.66
C ILE D 363 6.67 -19.98 55.81
N SER D 364 6.19 -20.15 57.04
CA SER D 364 6.84 -19.64 58.26
C SER D 364 8.31 -20.06 58.35
N THR D 365 8.61 -21.33 58.01
CA THR D 365 9.99 -21.77 58.03
C THR D 365 10.77 -20.81 57.15
N LEU D 366 10.22 -20.47 55.99
CA LEU D 366 10.97 -19.71 55.00
C LEU D 366 11.12 -18.26 55.45
N LYS D 367 10.08 -17.76 56.11
CA LYS D 367 10.07 -16.43 56.64
C LYS D 367 11.18 -16.26 57.73
N LYS D 368 11.19 -17.12 58.74
CA LYS D 368 12.21 -17.05 59.79
C LYS D 368 13.61 -17.15 59.15
N ALA D 369 13.82 -18.19 58.37
CA ALA D 369 15.10 -18.47 57.77
C ALA D 369 15.61 -17.41 56.80
N LEU D 370 14.71 -16.59 56.28
CA LEU D 370 15.15 -15.64 55.28
C LEU D 370 15.33 -14.25 55.95
N GLY D 371 15.14 -14.20 57.26
CA GLY D 371 15.47 -12.99 58.04
C GLY D 371 14.26 -12.11 58.31
N LEU D 372 13.12 -12.48 57.73
CA LEU D 372 11.91 -11.70 57.77
C LEU D 372 11.09 -11.82 59.06
N GLN D 373 11.61 -12.50 60.11
CA GLN D 373 10.88 -12.58 61.40
C GLN D 373 10.56 -11.21 62.02
N SER D 374 11.43 -10.23 61.73
CA SER D 374 11.38 -8.86 62.29
C SER D 374 10.58 -7.84 61.44
N ALA D 375 10.58 -8.01 60.10
CA ALA D 375 9.95 -7.07 59.12
C ALA D 375 8.55 -6.57 59.53
N SER D 376 8.26 -5.31 59.22
CA SER D 376 7.10 -4.63 59.80
C SER D 376 5.76 -5.17 59.28
N CYS D 377 4.77 -5.25 60.16
CA CYS D 377 3.40 -5.49 59.71
C CYS D 377 2.40 -4.40 60.08
N THR D 378 2.46 -3.26 59.39
CA THR D 378 1.85 -1.98 59.84
C THR D 378 1.07 -1.23 58.72
N ALA D 379 -0.13 -0.69 59.05
CA ALA D 379 -0.89 0.29 58.21
C ALA D 379 -0.09 1.50 57.68
N ALA E 4 45.85 22.87 -34.15
CA ALA E 4 44.41 23.21 -34.09
C ALA E 4 43.90 23.34 -32.62
N TYR E 5 44.44 22.56 -31.67
CA TYR E 5 44.02 22.62 -30.23
C TYR E 5 45.22 22.86 -29.38
N GLN E 6 45.04 23.65 -28.32
CA GLN E 6 46.07 23.93 -27.33
C GLN E 6 45.98 22.91 -26.22
N LEU E 7 47.13 22.60 -25.59
CA LEU E 7 47.19 21.85 -24.33
C LEU E 7 48.03 22.66 -23.38
N THR E 8 47.36 23.33 -22.47
CA THR E 8 47.95 24.19 -21.47
C THR E 8 48.08 23.51 -20.12
N CYS E 9 49.27 23.57 -19.52
CA CYS E 9 49.50 22.88 -18.26
C CYS E 9 50.02 23.81 -17.18
N TYR E 10 49.39 23.81 -16.02
CA TYR E 10 49.86 24.58 -14.90
C TYR E 10 50.93 23.79 -14.12
N PHE E 11 51.98 24.50 -13.69
CA PHE E 11 53.06 23.96 -12.86
C PHE E 11 53.07 24.77 -11.57
N THR E 12 53.12 24.11 -10.42
CA THR E 12 52.96 24.83 -9.18
C THR E 12 54.31 24.87 -8.48
N ASN E 13 54.66 26.04 -7.94
CA ASN E 13 56.00 26.28 -7.40
C ASN E 13 56.21 25.82 -6.00
N TRP E 14 55.18 25.25 -5.39
CA TRP E 14 55.31 24.58 -4.12
C TRP E 14 55.39 23.01 -4.29
N ALA E 15 55.22 22.49 -5.50
CA ALA E 15 55.44 21.02 -5.71
C ALA E 15 56.89 20.56 -5.39
N GLN E 16 57.82 21.53 -5.42
CA GLN E 16 59.24 21.29 -5.12
C GLN E 16 59.50 20.80 -3.71
N TYR E 17 58.51 20.86 -2.83
CA TYR E 17 58.75 20.47 -1.42
C TYR E 17 58.15 19.14 -1.02
N ARG E 18 57.44 18.47 -1.94
CA ARG E 18 56.79 17.21 -1.62
C ARG E 18 57.91 16.20 -1.43
N PRO E 19 57.69 15.21 -0.57
CA PRO E 19 58.75 14.19 -0.31
C PRO E 19 58.95 13.19 -1.42
N GLY E 20 60.20 12.80 -1.58
CA GLY E 20 60.51 11.69 -2.50
C GLY E 20 59.90 11.75 -3.92
N LEU E 21 59.15 10.73 -4.24
CA LEU E 21 58.66 10.59 -5.62
C LEU E 21 57.60 11.70 -5.99
N GLY E 22 57.16 12.50 -5.02
CA GLY E 22 56.27 13.67 -5.29
C GLY E 22 56.99 14.92 -5.70
N ARG E 23 58.29 15.02 -5.38
CA ARG E 23 59.00 16.26 -5.57
C ARG E 23 58.90 16.55 -7.05
N PHE E 24 58.44 17.73 -7.45
CA PHE E 24 58.35 17.98 -8.88
C PHE E 24 58.96 19.35 -9.16
N MET E 25 59.84 19.40 -10.14
CA MET E 25 60.61 20.61 -10.47
C MET E 25 60.40 20.90 -11.97
N PRO E 26 60.72 22.11 -12.43
CA PRO E 26 60.55 22.40 -13.86
C PRO E 26 61.25 21.39 -14.71
N ASP E 27 62.41 20.94 -14.24
CA ASP E 27 63.21 19.95 -14.99
C ASP E 27 62.45 18.61 -15.24
N ASP E 28 61.39 18.35 -14.48
CA ASP E 28 60.57 17.13 -14.62
C ASP E 28 59.47 17.24 -15.71
N ILE E 29 59.34 18.44 -16.34
CA ILE E 29 58.33 18.71 -17.37
C ILE E 29 58.88 18.21 -18.71
N ASN E 30 58.17 17.31 -19.35
CA ASN E 30 58.57 16.90 -20.63
C ASN E 30 58.24 18.09 -21.52
N PRO E 31 59.21 18.56 -22.32
CA PRO E 31 58.90 19.82 -23.02
C PRO E 31 58.07 19.63 -24.29
N CYS E 32 57.82 18.38 -24.71
CA CYS E 32 56.90 18.10 -25.81
C CYS E 32 55.46 17.77 -25.37
N LEU E 33 55.22 17.75 -24.08
CA LEU E 33 53.93 17.25 -23.65
C LEU E 33 52.80 18.28 -23.89
N CYS E 34 52.97 19.51 -23.44
CA CYS E 34 51.95 20.56 -23.57
C CYS E 34 52.38 21.59 -24.66
N THR E 35 51.47 22.46 -25.07
CA THR E 35 51.80 23.52 -26.05
C THR E 35 52.10 24.78 -25.26
N HIS E 36 51.56 24.89 -24.05
CA HIS E 36 51.73 26.07 -23.15
C HIS E 36 51.88 25.59 -21.72
N LEU E 37 52.77 26.26 -20.98
CA LEU E 37 53.02 25.93 -19.63
C LEU E 37 52.80 27.19 -18.88
N ILE E 38 52.17 27.07 -17.73
CA ILE E 38 51.87 28.21 -16.90
C ILE E 38 52.45 28.04 -15.53
N TYR E 39 53.20 29.05 -15.11
CA TYR E 39 53.89 29.02 -13.84
C TYR E 39 53.03 29.63 -12.81
N ALA E 40 52.60 28.82 -11.85
CA ALA E 40 51.86 29.25 -10.67
C ALA E 40 52.72 29.28 -9.44
N PHE E 41 52.84 30.43 -8.75
CA PHE E 41 52.29 31.77 -9.11
C PHE E 41 53.34 32.88 -8.89
N ALA E 42 53.20 33.98 -9.62
CA ALA E 42 53.78 35.24 -9.15
C ALA E 42 52.87 35.94 -8.16
N GLY E 43 53.42 36.99 -7.56
CA GLY E 43 52.73 37.74 -6.54
C GLY E 43 52.83 39.21 -6.89
N MET E 44 52.57 40.03 -5.87
CA MET E 44 52.48 41.47 -6.04
C MET E 44 52.86 42.29 -4.79
N GLN E 45 53.71 43.28 -5.00
CA GLN E 45 54.10 44.20 -3.94
C GLN E 45 54.16 45.65 -4.46
N ASN E 46 53.39 46.56 -3.82
CA ASN E 46 53.30 47.97 -4.33
C ASN E 46 52.94 48.08 -5.81
N ASN E 47 51.88 47.35 -6.21
CA ASN E 47 51.39 47.34 -7.59
C ASN E 47 52.41 46.85 -8.58
N GLU E 48 53.43 46.17 -8.07
CA GLU E 48 54.41 45.52 -8.95
C GLU E 48 54.42 43.98 -8.82
N ILE E 49 54.52 43.32 -9.97
CA ILE E 49 54.62 41.87 -10.02
C ILE E 49 55.94 41.42 -9.40
N THR E 50 55.86 40.46 -8.50
CA THR E 50 57.01 39.94 -7.78
C THR E 50 57.00 38.38 -7.69
N THR E 51 58.15 37.77 -7.33
CA THR E 51 58.32 36.32 -7.07
C THR E 51 57.69 36.04 -5.74
N ILE E 52 57.45 34.77 -5.37
CA ILE E 52 56.92 34.44 -4.04
C ILE E 52 57.69 33.34 -3.33
N GLU E 53 58.52 32.61 -4.08
CA GLU E 53 59.45 31.61 -3.47
C GLU E 53 60.88 32.09 -3.61
N TRP E 54 61.63 31.84 -2.53
CA TRP E 54 63.04 32.15 -2.43
C TRP E 54 63.83 31.75 -3.66
N ASN E 55 63.42 30.67 -4.35
CA ASN E 55 64.11 30.26 -5.59
C ASN E 55 63.37 30.39 -6.93
N ASP E 56 62.37 31.30 -7.01
CA ASP E 56 61.63 31.43 -8.26
C ASP E 56 62.52 31.75 -9.44
N VAL E 57 63.59 32.51 -9.23
CA VAL E 57 64.34 32.94 -10.44
C VAL E 57 65.06 31.77 -11.01
N THR E 58 65.63 30.95 -10.12
CA THR E 58 66.22 29.68 -10.60
C THR E 58 65.18 28.78 -11.29
N LEU E 59 64.02 28.64 -10.66
CA LEU E 59 62.91 27.87 -11.31
C LEU E 59 62.44 28.47 -12.65
N TYR E 60 62.33 29.80 -12.72
CA TYR E 60 62.00 30.49 -13.98
C TYR E 60 62.97 30.13 -15.08
N GLN E 61 64.27 30.01 -14.76
CA GLN E 61 65.29 29.84 -15.79
C GLN E 61 65.25 28.40 -16.29
N ALA E 62 64.94 27.49 -15.38
CA ALA E 62 64.78 26.08 -15.77
C ALA E 62 63.44 25.95 -16.53
N PHE E 63 62.40 26.64 -16.04
CA PHE E 63 61.07 26.52 -16.64
C PHE E 63 61.12 27.06 -18.05
N ASN E 64 61.74 28.22 -18.24
CA ASN E 64 61.81 28.81 -19.59
C ASN E 64 62.90 28.19 -20.46
N GLY E 65 63.90 27.61 -19.78
CA GLY E 65 64.94 26.79 -20.44
C GLY E 65 64.42 25.63 -21.25
N LEU E 66 63.20 25.13 -20.91
CA LEU E 66 62.55 24.07 -21.72
C LEU E 66 62.29 24.49 -23.14
N LYS E 67 62.22 25.80 -23.39
CA LYS E 67 62.05 26.31 -24.77
C LYS E 67 63.27 26.07 -25.64
N ASN E 68 64.40 25.70 -25.03
CA ASN E 68 65.59 25.31 -25.79
C ASN E 68 65.44 23.97 -26.44
N LYS E 69 64.44 23.19 -26.01
CA LYS E 69 64.22 21.85 -26.54
C LYS E 69 63.01 21.79 -27.47
N ASN E 70 62.11 22.79 -27.32
CA ASN E 70 60.88 22.92 -28.14
C ASN E 70 60.61 24.40 -28.46
N SER E 71 60.95 24.76 -29.70
CA SER E 71 60.92 26.14 -30.20
C SER E 71 59.50 26.70 -30.14
N GLN E 72 58.53 25.81 -30.40
CA GLN E 72 57.08 26.19 -30.40
C GLN E 72 56.46 26.42 -29.01
N LEU E 73 57.12 25.95 -27.95
CA LEU E 73 56.61 25.93 -26.60
C LEU E 73 56.45 27.31 -26.07
N LYS E 74 55.28 27.65 -25.53
CA LYS E 74 55.14 28.94 -24.89
C LYS E 74 54.95 28.86 -23.41
N THR E 75 55.47 29.85 -22.69
CA THR E 75 55.30 29.86 -21.27
C THR E 75 54.60 31.10 -20.80
N LEU E 76 53.82 31.02 -19.73
CA LEU E 76 53.20 32.18 -19.21
C LEU E 76 53.45 32.17 -17.73
N LEU E 77 53.36 33.33 -17.12
CA LEU E 77 53.43 33.44 -15.68
C LEU E 77 52.06 33.79 -15.15
N ALA E 78 51.58 33.04 -14.17
CA ALA E 78 50.29 33.35 -13.62
C ALA E 78 50.48 34.15 -12.35
N ILE E 79 49.58 35.12 -12.15
CA ILE E 79 49.59 35.91 -10.93
C ILE E 79 48.27 35.78 -10.24
N GLY E 80 48.33 35.68 -8.93
CA GLY E 80 47.16 35.46 -8.10
C GLY E 80 47.00 34.04 -7.51
N GLY E 81 45.86 33.38 -7.84
CA GLY E 81 45.51 32.13 -7.20
C GLY E 81 44.59 32.43 -6.06
N TRP E 82 43.90 31.41 -5.58
CA TRP E 82 42.93 31.56 -4.51
C TRP E 82 43.49 32.22 -3.23
N ASN E 83 44.64 31.72 -2.77
CA ASN E 83 45.29 32.13 -1.53
C ASN E 83 45.62 33.62 -1.52
N PHE E 84 46.05 34.14 -2.66
CA PHE E 84 46.31 35.54 -2.83
C PHE E 84 45.12 36.49 -2.62
N GLY E 85 43.85 36.03 -2.69
CA GLY E 85 42.69 36.88 -2.33
C GLY E 85 42.50 37.98 -3.37
N THR E 86 41.74 39.04 -3.03
CA THR E 86 41.38 40.11 -4.01
C THR E 86 41.96 41.48 -3.72
N ALA E 87 42.20 41.75 -2.44
CA ALA E 87 42.71 43.08 -1.98
C ALA E 87 43.84 43.71 -2.84
N PRO E 88 44.91 42.96 -3.17
CA PRO E 88 45.89 43.59 -4.03
C PRO E 88 45.43 43.90 -5.43
N PHE E 89 44.58 43.04 -6.00
CA PHE E 89 44.14 43.31 -7.39
C PHE E 89 43.21 44.54 -7.37
N THR E 90 42.34 44.62 -6.37
CA THR E 90 41.43 45.74 -6.27
C THR E 90 42.21 47.06 -6.16
N ALA E 91 43.19 47.07 -5.24
CA ALA E 91 44.03 48.25 -5.02
C ALA E 91 44.74 48.57 -6.29
N MET E 92 45.21 47.56 -6.99
CA MET E 92 45.93 47.82 -8.21
C MET E 92 45.07 48.42 -9.30
N VAL E 93 43.82 47.97 -9.45
CA VAL E 93 43.02 48.42 -10.64
C VAL E 93 42.35 49.81 -10.46
N SER E 94 42.19 50.23 -9.20
CA SER E 94 41.42 51.42 -8.83
C SER E 94 41.82 52.70 -9.62
N THR E 95 43.11 52.97 -9.71
CA THR E 95 43.52 54.21 -10.33
C THR E 95 44.30 53.90 -11.60
N PRO E 96 44.21 54.78 -12.61
CA PRO E 96 44.97 54.52 -13.85
C PRO E 96 46.50 54.50 -13.67
N GLU E 97 46.97 55.11 -12.56
CA GLU E 97 48.42 55.21 -12.27
C GLU E 97 48.93 53.85 -11.77
N ASN E 98 48.31 53.33 -10.72
CA ASN E 98 48.42 51.91 -10.33
C ASN E 98 48.39 50.84 -11.43
N ARG E 99 47.52 50.95 -12.42
CA ARG E 99 47.50 49.99 -13.48
C ARG E 99 48.71 50.17 -14.36
N GLN E 100 49.12 51.43 -14.53
CA GLN E 100 50.33 51.74 -15.32
C GLN E 100 51.63 51.14 -14.71
N THR E 101 51.82 51.32 -13.42
CA THR E 101 52.94 50.74 -12.71
C THR E 101 52.91 49.26 -12.95
N PHE E 102 51.81 48.63 -12.51
CA PHE E 102 51.64 47.20 -12.62
C PHE E 102 52.00 46.77 -14.00
N ILE E 103 51.41 47.36 -15.02
CA ILE E 103 51.69 46.96 -16.39
C ILE E 103 53.17 47.08 -16.83
N THR E 104 53.77 48.24 -16.58
CA THR E 104 55.18 48.47 -16.89
C THR E 104 56.06 47.47 -16.09
N SER E 105 55.73 47.27 -14.83
CA SER E 105 56.41 46.23 -14.05
C SER E 105 56.30 44.81 -14.71
N VAL E 106 55.22 44.54 -15.42
CA VAL E 106 54.98 43.21 -15.96
C VAL E 106 55.76 43.03 -17.21
N ILE E 107 55.74 44.05 -18.06
CA ILE E 107 56.47 43.95 -19.32
C ILE E 107 57.98 43.64 -19.08
N LYS E 108 58.56 44.28 -18.06
CA LYS E 108 60.01 44.18 -17.79
C LYS E 108 60.31 42.81 -17.17
N PHE E 109 59.41 42.37 -16.27
CA PHE E 109 59.51 41.07 -15.59
C PHE E 109 59.47 39.94 -16.59
N LEU E 110 58.47 39.89 -17.44
CA LEU E 110 58.37 38.77 -18.38
C LEU E 110 59.48 38.80 -19.42
N ARG E 111 59.94 39.99 -19.76
CA ARG E 111 61.04 40.05 -20.74
C ARG E 111 62.36 39.65 -20.06
N GLN E 112 62.54 40.03 -18.80
CA GLN E 112 63.74 39.70 -18.07
C GLN E 112 63.90 38.20 -17.90
N TYR E 113 62.81 37.52 -17.51
CA TYR E 113 62.85 36.11 -17.22
C TYR E 113 62.36 35.26 -18.38
N GLU E 114 62.02 35.89 -19.49
CA GLU E 114 61.71 35.18 -20.71
C GLU E 114 60.43 34.34 -20.69
N PHE E 115 59.37 34.89 -20.08
CA PHE E 115 58.05 34.32 -20.23
C PHE E 115 57.47 34.83 -21.53
N ASP E 116 56.66 34.06 -22.21
CA ASP E 116 55.87 34.62 -23.31
C ASP E 116 54.56 35.34 -22.97
N GLY E 117 54.21 35.49 -21.69
CA GLY E 117 52.94 36.13 -21.44
C GLY E 117 52.53 36.03 -20.00
N LEU E 118 51.43 36.68 -19.68
CA LEU E 118 50.91 36.70 -18.35
C LEU E 118 49.51 36.06 -18.29
N ASP E 119 49.26 35.33 -17.21
CA ASP E 119 47.97 34.73 -16.93
C ASP E 119 47.32 35.26 -15.68
N PHE E 120 46.18 35.98 -15.79
CA PHE E 120 45.56 36.50 -14.58
C PHE E 120 44.80 35.41 -13.85
N ASP E 121 45.02 35.32 -12.56
CA ASP E 121 44.26 34.36 -11.81
C ASP E 121 43.72 35.03 -10.61
N TRP E 122 42.79 35.95 -10.91
CA TRP E 122 42.14 36.72 -9.85
C TRP E 122 40.86 36.03 -9.49
N GLU E 123 40.76 35.61 -8.24
CA GLU E 123 39.61 34.88 -7.77
C GLU E 123 38.92 35.66 -6.71
N TYR E 124 37.97 36.52 -7.05
CA TYR E 124 37.56 36.84 -8.42
C TYR E 124 37.15 38.32 -8.45
N PRO E 125 37.21 38.95 -9.62
CA PRO E 125 36.64 40.31 -9.68
C PRO E 125 35.17 40.30 -9.18
N GLY E 126 34.82 41.11 -8.18
CA GLY E 126 33.44 41.21 -7.73
C GLY E 126 33.03 40.23 -6.66
N SER E 127 33.92 39.34 -6.24
CA SER E 127 33.58 38.46 -5.12
C SER E 127 34.66 38.55 -4.05
N ARG E 128 34.40 37.95 -2.89
CA ARG E 128 35.40 37.86 -1.80
C ARG E 128 36.01 39.22 -1.43
N GLY E 129 35.17 40.19 -1.04
CA GLY E 129 35.68 41.50 -0.62
C GLY E 129 36.03 42.46 -1.77
N SER E 130 36.09 41.94 -2.99
CA SER E 130 36.32 42.77 -4.16
C SER E 130 34.98 43.49 -4.46
N PRO E 131 35.00 44.84 -4.56
CA PRO E 131 33.84 45.70 -4.82
C PRO E 131 33.30 45.55 -6.24
N PRO E 132 32.02 45.95 -6.48
CA PRO E 132 31.38 45.70 -7.78
C PRO E 132 32.01 46.41 -8.95
N GLN E 133 32.72 47.51 -8.72
CA GLN E 133 33.40 48.21 -9.83
C GLN E 133 34.57 47.39 -10.49
N ASP E 134 35.07 46.39 -9.74
CA ASP E 134 36.16 45.53 -10.25
C ASP E 134 35.82 44.79 -11.52
N LYS E 135 34.55 44.41 -11.66
CA LYS E 135 34.08 43.78 -12.87
C LYS E 135 34.49 44.62 -14.05
N HIS E 136 34.09 45.88 -14.07
CA HIS E 136 34.46 46.74 -15.19
C HIS E 136 35.98 47.03 -15.20
N LEU E 137 36.55 47.28 -14.04
CA LEU E 137 37.97 47.67 -13.95
C LEU E 137 38.92 46.55 -14.46
N PHE E 138 38.55 45.28 -14.19
CA PHE E 138 39.28 44.13 -14.70
C PHE E 138 39.30 44.22 -16.19
N THR E 139 38.15 44.49 -16.82
CA THR E 139 38.15 44.65 -18.30
C THR E 139 39.12 45.74 -18.74
N VAL E 140 39.15 46.86 -17.99
CA VAL E 140 40.01 48.03 -18.32
C VAL E 140 41.46 47.62 -18.24
N LEU E 141 41.80 47.01 -17.12
CA LEU E 141 43.13 46.46 -16.91
C LEU E 141 43.56 45.63 -18.08
N VAL E 142 42.72 44.69 -18.47
CA VAL E 142 43.11 43.71 -19.48
C VAL E 142 43.23 44.41 -20.83
N GLN E 143 42.31 45.33 -21.07
CA GLN E 143 42.43 46.25 -22.23
C GLN E 143 43.78 46.99 -22.25
N GLU E 144 44.10 47.62 -21.13
CA GLU E 144 45.29 48.48 -21.08
C GLU E 144 46.52 47.62 -21.37
N MET E 145 46.60 46.49 -20.66
CA MET E 145 47.70 45.54 -20.86
C MET E 145 47.78 44.97 -22.26
N ARG E 146 46.65 44.60 -22.82
CA ARG E 146 46.72 44.09 -24.16
C ARG E 146 47.34 45.17 -25.06
N GLU E 147 47.02 46.42 -24.75
CA GLU E 147 47.45 47.57 -25.56
C GLU E 147 48.95 47.85 -25.40
N ALA E 148 49.42 47.95 -24.15
CA ALA E 148 50.87 48.01 -23.90
C ALA E 148 51.70 46.89 -24.61
N PHE E 149 51.24 45.64 -24.48
CA PHE E 149 51.92 44.52 -25.13
C PHE E 149 52.01 44.76 -26.62
N GLU E 150 50.95 45.30 -27.22
CA GLU E 150 50.98 45.55 -28.67
C GLU E 150 52.06 46.59 -29.02
N GLN E 151 52.14 47.64 -28.19
CA GLN E 151 53.06 48.79 -28.39
C GLN E 151 54.49 48.38 -28.18
N GLU E 152 54.75 47.73 -27.04
CA GLU E 152 56.04 47.13 -26.74
C GLU E 152 56.57 46.26 -27.88
N ALA E 153 55.70 45.53 -28.56
CA ALA E 153 56.16 44.61 -29.57
C ALA E 153 56.55 45.31 -30.86
N LYS E 154 55.97 46.48 -31.13
CA LYS E 154 56.34 47.22 -32.34
C LYS E 154 57.80 47.71 -32.25
N GLN E 155 58.08 48.40 -31.14
CA GLN E 155 59.38 48.99 -30.89
C GLN E 155 60.39 48.01 -30.26
N ILE E 156 60.37 46.74 -30.68
CA ILE E 156 61.44 45.76 -30.39
C ILE E 156 61.39 44.61 -31.40
N ASN E 157 60.49 44.71 -32.37
CA ASN E 157 60.31 43.65 -33.37
C ASN E 157 60.53 42.18 -32.90
N LYS E 158 59.92 41.84 -31.74
CA LYS E 158 59.72 40.43 -31.27
C LYS E 158 58.20 40.21 -31.18
N PRO E 159 57.69 38.94 -31.40
CA PRO E 159 56.23 38.84 -31.18
C PRO E 159 55.76 39.36 -29.81
N ARG E 160 54.49 39.73 -29.77
CA ARG E 160 53.84 40.35 -28.63
C ARG E 160 53.75 39.39 -27.41
N LEU E 161 53.81 39.94 -26.21
CA LEU E 161 53.45 39.18 -25.02
C LEU E 161 51.94 38.82 -25.08
N MET E 162 51.57 37.60 -24.63
CA MET E 162 50.18 37.15 -24.52
C MET E 162 49.64 37.58 -23.20
N VAL E 163 48.33 37.82 -23.13
CA VAL E 163 47.58 37.94 -21.87
C VAL E 163 46.50 36.87 -21.93
N THR E 164 46.29 36.19 -20.81
CA THR E 164 45.24 35.18 -20.71
C THR E 164 44.70 35.27 -19.34
N ALA E 165 43.63 34.55 -19.03
CA ALA E 165 43.09 34.59 -17.68
C ALA E 165 42.41 33.30 -17.33
N ALA E 166 42.44 33.00 -16.04
CA ALA E 166 41.83 31.80 -15.54
C ALA E 166 40.55 32.36 -14.94
N VAL E 167 39.40 31.80 -15.36
CA VAL E 167 38.12 32.39 -14.98
C VAL E 167 37.21 31.41 -14.24
N ALA E 168 36.27 31.98 -13.47
CA ALA E 168 35.36 31.19 -12.68
C ALA E 168 34.44 30.22 -13.50
N ALA E 169 34.03 29.16 -12.82
CA ALA E 169 33.02 28.25 -13.35
C ALA E 169 31.65 28.46 -12.70
N GLY E 170 31.62 29.01 -11.51
CA GLY E 170 30.35 29.17 -10.75
C GLY E 170 29.53 30.27 -11.41
N ILE E 171 28.23 30.03 -11.66
CA ILE E 171 27.47 30.97 -12.52
C ILE E 171 27.38 32.37 -11.85
N SER E 172 27.04 32.37 -10.58
CA SER E 172 27.09 33.58 -9.82
C SER E 172 28.41 34.36 -9.93
N ASN E 173 29.55 33.67 -9.81
CA ASN E 173 30.81 34.39 -9.84
C ASN E 173 31.07 34.90 -11.25
N ILE E 174 30.63 34.17 -12.26
CA ILE E 174 30.80 34.63 -13.61
C ILE E 174 30.00 35.92 -13.81
N GLN E 175 28.77 35.97 -13.28
CA GLN E 175 27.88 37.16 -13.51
C GLN E 175 28.39 38.44 -12.85
N SER E 176 28.83 38.34 -11.60
CA SER E 176 29.34 39.49 -10.93
C SER E 176 30.80 39.74 -11.18
N GLY E 177 31.41 38.95 -12.09
CA GLY E 177 32.86 38.99 -12.31
C GLY E 177 33.36 39.48 -13.64
N TYR E 178 32.69 39.16 -14.73
CA TYR E 178 33.24 39.47 -16.04
C TYR E 178 32.29 40.10 -17.08
N GLU E 179 32.86 40.96 -17.91
CA GLU E 179 32.19 41.52 -19.01
C GLU E 179 32.58 40.65 -20.16
N ILE E 180 31.86 39.55 -20.32
CA ILE E 180 32.34 38.54 -21.16
C ILE E 180 32.56 39.03 -22.56
N PRO E 181 31.56 39.71 -23.19
CA PRO E 181 31.84 40.05 -24.60
C PRO E 181 33.07 40.97 -24.77
N GLN E 182 33.29 41.88 -23.82
CA GLN E 182 34.37 42.86 -23.90
C GLN E 182 35.73 42.24 -23.54
N LEU E 183 35.77 41.58 -22.38
CA LEU E 183 36.95 40.87 -21.88
C LEU E 183 37.54 39.99 -22.94
N SER E 184 36.68 39.29 -23.67
CA SER E 184 37.09 38.26 -24.65
C SER E 184 37.86 38.76 -25.81
N GLN E 185 37.63 40.03 -26.18
CA GLN E 185 38.27 40.60 -27.35
C GLN E 185 39.76 40.73 -27.10
N TYR E 186 40.08 41.08 -25.85
CA TYR E 186 41.41 41.39 -25.40
C TYR E 186 42.22 40.18 -24.92
N LEU E 187 41.60 39.23 -24.21
CA LEU E 187 42.32 38.01 -23.83
C LEU E 187 42.69 37.16 -25.04
N ASP E 188 43.90 36.61 -25.02
CA ASP E 188 44.27 35.59 -25.98
C ASP E 188 43.55 34.28 -25.75
N TYR E 189 43.32 33.93 -24.48
CA TYR E 189 42.70 32.64 -24.09
C TYR E 189 42.05 32.81 -22.77
N ILE E 190 40.96 32.06 -22.60
CA ILE E 190 40.18 32.06 -21.39
C ILE E 190 40.23 30.61 -20.83
N HIS E 191 40.88 30.48 -19.69
CA HIS E 191 41.11 29.15 -19.08
C HIS E 191 39.98 28.98 -18.04
N VAL E 192 38.96 28.22 -18.38
CA VAL E 192 37.83 28.12 -17.47
C VAL E 192 38.09 27.04 -16.44
N MET E 193 37.93 27.39 -15.18
CA MET E 193 38.23 26.46 -14.07
C MET E 193 37.10 25.50 -13.81
N THR E 194 36.89 24.58 -14.76
CA THR E 194 35.79 23.63 -14.65
C THR E 194 36.17 22.50 -13.78
N TYR E 195 36.49 22.78 -12.53
CA TYR E 195 36.81 21.70 -11.58
C TYR E 195 36.48 22.27 -10.21
N ASP E 196 36.69 21.54 -9.11
CA ASP E 196 36.16 21.92 -7.79
C ASP E 196 34.65 22.22 -7.84
N LEU E 197 33.92 21.47 -8.65
CA LEU E 197 32.51 21.79 -8.89
C LEU E 197 31.76 21.17 -7.78
N HIS E 198 32.29 20.12 -7.16
CA HIS E 198 31.74 19.61 -5.90
C HIS E 198 32.88 19.23 -4.94
N GLY E 199 32.54 19.10 -3.66
CA GLY E 199 33.55 18.89 -2.59
C GLY E 199 32.85 18.68 -1.25
N SER E 200 33.63 18.40 -0.22
CA SER E 200 33.08 17.94 1.05
C SER E 200 32.33 19.06 1.75
N TRP E 201 32.66 20.31 1.38
CA TRP E 201 31.92 21.47 1.77
C TRP E 201 30.39 21.46 1.53
N GLU E 202 29.88 20.58 0.66
CA GLU E 202 28.42 20.49 0.38
C GLU E 202 27.74 19.49 1.32
N GLY E 203 28.49 18.63 1.97
CA GLY E 203 27.85 17.63 2.84
C GLY E 203 27.45 16.32 2.21
N TYR E 204 27.76 16.12 0.92
CA TYR E 204 27.35 14.95 0.17
C TYR E 204 28.45 14.60 -0.83
N THR E 205 28.57 13.33 -1.22
CA THR E 205 29.54 13.01 -2.23
C THR E 205 29.11 13.66 -3.57
N GLY E 206 30.08 14.07 -4.39
CA GLY E 206 29.79 14.67 -5.68
C GLY E 206 31.10 14.72 -6.45
N GLU E 207 31.08 14.99 -7.72
CA GLU E 207 32.26 14.81 -8.56
C GLU E 207 32.98 16.13 -8.76
N ASN E 208 34.26 16.08 -8.96
CA ASN E 208 35.08 17.25 -8.99
C ASN E 208 34.90 17.95 -10.34
N SER E 209 34.73 17.17 -11.39
CA SER E 209 34.62 17.79 -12.70
C SER E 209 33.70 16.92 -13.57
N PRO E 210 32.43 16.79 -13.17
CA PRO E 210 31.56 15.97 -14.03
C PRO E 210 31.31 16.64 -15.40
N LEU E 211 31.24 15.85 -16.47
CA LEU E 211 31.00 16.41 -17.79
C LEU E 211 29.53 16.92 -17.92
N TYR E 212 28.54 16.14 -17.44
CA TYR E 212 27.11 16.49 -17.51
C TYR E 212 26.49 16.55 -16.13
N LYS E 213 25.31 17.13 -15.99
CA LYS E 213 24.64 17.13 -14.65
C LYS E 213 24.32 15.71 -14.22
N TYR E 214 24.11 15.51 -12.94
CA TYR E 214 23.56 14.24 -12.46
C TYR E 214 22.03 14.35 -12.71
N PRO E 215 21.32 13.24 -12.99
CA PRO E 215 19.86 13.34 -13.34
C PRO E 215 19.07 14.10 -12.29
N THR E 216 19.41 13.85 -11.04
CA THR E 216 18.91 14.54 -9.86
C THR E 216 19.27 16.04 -9.60
N ASP E 217 20.32 16.57 -10.20
CA ASP E 217 20.68 17.96 -9.90
C ASP E 217 19.53 18.86 -10.38
N THR E 218 19.11 19.85 -9.59
CA THR E 218 18.05 20.77 -10.02
C THR E 218 18.45 22.18 -9.68
N GLY E 219 17.78 23.16 -10.25
CA GLY E 219 18.04 24.56 -9.88
C GLY E 219 19.51 24.86 -10.15
N SER E 220 20.16 25.59 -9.25
CA SER E 220 21.57 26.00 -9.50
C SER E 220 22.59 24.81 -9.44
N ASN E 221 22.27 23.73 -8.75
CA ASN E 221 23.16 22.58 -8.75
C ASN E 221 23.25 21.96 -10.13
N ALA E 222 22.21 22.20 -10.97
CA ALA E 222 22.23 21.67 -12.35
C ALA E 222 23.21 22.39 -13.26
N TYR E 223 23.84 23.42 -12.71
CA TYR E 223 24.85 24.17 -13.43
C TYR E 223 26.32 23.70 -13.15
N LEU E 224 26.53 22.81 -12.17
CA LEU E 224 27.88 22.42 -11.71
C LEU E 224 28.40 21.25 -12.54
N ASN E 225 28.69 21.50 -13.81
CA ASN E 225 29.17 20.46 -14.68
C ASN E 225 29.80 21.14 -15.86
N VAL E 226 30.69 20.41 -16.55
CA VAL E 226 31.51 21.06 -17.54
C VAL E 226 30.67 21.57 -18.73
N ASP E 227 29.72 20.76 -19.13
CA ASP E 227 28.86 21.06 -20.24
C ASP E 227 28.07 22.37 -20.06
N TYR E 228 27.44 22.56 -18.90
CA TYR E 228 26.70 23.79 -18.71
C TYR E 228 27.60 25.00 -18.64
N VAL E 229 28.69 24.90 -17.88
CA VAL E 229 29.63 26.03 -17.73
C VAL E 229 30.26 26.49 -19.09
N MET E 230 30.73 25.55 -19.89
CA MET E 230 31.42 25.99 -21.11
C MET E 230 30.44 26.55 -22.15
N ASN E 231 29.22 26.02 -22.19
CA ASN E 231 28.20 26.56 -23.08
C ASN E 231 27.76 27.93 -22.53
N TYR E 232 27.85 28.16 -21.22
CA TYR E 232 27.45 29.44 -20.66
C TYR E 232 28.41 30.54 -21.12
N TRP E 233 29.70 30.26 -20.94
CA TRP E 233 30.73 31.16 -21.46
C TRP E 233 30.54 31.41 -22.96
N LYS E 234 30.36 30.34 -23.71
CA LYS E 234 30.25 30.57 -25.14
C LYS E 234 28.98 31.37 -25.50
N ASP E 235 27.87 31.18 -24.75
CA ASP E 235 26.58 31.73 -25.15
C ASP E 235 26.57 33.17 -24.71
N ASN E 236 27.44 33.54 -23.80
CA ASN E 236 27.35 34.89 -23.32
C ASN E 236 28.49 35.79 -23.89
N GLY E 237 29.06 35.44 -25.04
CA GLY E 237 29.98 36.31 -25.74
C GLY E 237 31.42 35.86 -26.02
N ALA E 238 31.91 34.84 -25.31
CA ALA E 238 33.27 34.35 -25.56
C ALA E 238 33.32 33.48 -26.80
N PRO E 239 34.28 33.71 -27.68
CA PRO E 239 34.35 32.87 -28.85
C PRO E 239 34.85 31.46 -28.48
N ALA E 240 34.28 30.44 -29.12
CA ALA E 240 34.61 29.08 -28.75
C ALA E 240 36.12 28.81 -28.85
N GLU E 241 36.78 29.47 -29.81
CA GLU E 241 38.17 29.16 -30.11
C GLU E 241 39.09 29.71 -29.03
N LYS E 242 38.63 30.66 -28.25
CA LYS E 242 39.42 31.16 -27.16
C LYS E 242 39.16 30.45 -25.82
N LEU E 243 38.12 29.63 -25.74
CA LEU E 243 37.70 29.03 -24.46
C LEU E 243 38.45 27.71 -24.31
N ILE E 244 39.16 27.59 -23.21
CA ILE E 244 39.98 26.41 -22.96
C ILE E 244 39.34 25.64 -21.76
N VAL E 245 39.09 24.33 -21.87
CA VAL E 245 38.30 23.63 -20.83
C VAL E 245 39.27 23.24 -19.68
N GLY E 246 38.91 23.44 -18.42
CA GLY E 246 39.78 22.97 -17.30
C GLY E 246 39.68 21.51 -16.97
N PHE E 247 40.82 20.82 -16.92
CA PHE E 247 40.86 19.39 -16.57
C PHE E 247 41.66 19.24 -15.27
N PRO E 248 41.12 18.54 -14.26
CA PRO E 248 41.96 18.36 -13.06
C PRO E 248 42.69 17.02 -13.06
N THR E 249 43.95 17.02 -12.67
CA THR E 249 44.61 15.76 -12.42
C THR E 249 44.55 15.38 -10.90
N TYR E 250 43.43 15.64 -10.23
CA TYR E 250 43.32 15.33 -8.81
C TYR E 250 41.84 15.13 -8.60
N GLY E 251 41.42 14.58 -7.45
CA GLY E 251 40.02 14.53 -7.06
C GLY E 251 39.82 15.08 -5.65
N HIS E 252 38.55 15.11 -5.26
CA HIS E 252 38.06 15.54 -3.95
C HIS E 252 37.63 14.32 -3.21
N ASN E 253 38.08 14.25 -1.97
CA ASN E 253 37.80 13.02 -1.21
C ASN E 253 36.97 13.41 0.02
N PHE E 254 36.27 12.46 0.60
CA PHE E 254 35.24 12.76 1.58
C PHE E 254 35.29 11.65 2.62
N ILE E 255 34.75 11.93 3.82
CA ILE E 255 34.40 10.84 4.74
C ILE E 255 32.88 10.58 4.67
N LEU E 256 32.48 9.36 4.34
CA LEU E 256 31.06 9.00 4.26
C LEU E 256 30.44 8.95 5.69
N SER E 257 29.23 9.51 5.84
CA SER E 257 28.50 9.46 7.13
C SER E 257 28.13 8.03 7.42
N ASN E 258 27.89 7.26 6.38
CA ASN E 258 27.54 5.88 6.54
C ASN E 258 28.18 5.09 5.43
N PRO E 259 29.15 4.23 5.78
CA PRO E 259 29.86 3.42 4.81
C PRO E 259 29.00 2.50 3.97
N SER E 260 27.74 2.31 4.35
CA SER E 260 26.82 1.49 3.52
C SER E 260 26.32 2.20 2.27
N ASN E 261 26.21 3.53 2.33
CA ASN E 261 25.78 4.39 1.22
C ASN E 261 27.00 5.05 0.50
N THR E 262 27.33 4.50 -0.66
CA THR E 262 28.55 4.86 -1.32
C THR E 262 28.32 5.54 -2.70
N GLY E 263 27.10 5.93 -3.04
CA GLY E 263 26.84 6.49 -4.35
C GLY E 263 27.05 7.99 -4.44
N ILE E 264 26.64 8.54 -5.57
CA ILE E 264 26.67 9.95 -5.73
C ILE E 264 25.56 10.49 -4.85
N GLY E 265 25.84 11.61 -4.15
CA GLY E 265 24.86 12.27 -3.30
C GLY E 265 24.76 11.61 -1.91
N ALA E 266 25.63 10.63 -1.61
CA ALA E 266 25.66 10.05 -0.23
C ALA E 266 26.14 11.08 0.77
N PRO E 267 25.56 11.07 1.98
CA PRO E 267 25.90 12.03 3.06
C PRO E 267 27.34 11.85 3.54
N THR E 268 28.00 12.96 3.78
CA THR E 268 29.38 12.90 4.23
C THR E 268 29.58 13.79 5.46
N SER E 269 30.59 13.48 6.28
CA SER E 269 30.81 14.24 7.52
C SER E 269 32.06 15.08 7.52
N GLY E 270 32.75 15.16 6.37
CA GLY E 270 33.84 16.13 6.19
C GLY E 270 34.78 15.69 5.10
N ALA E 271 35.86 16.45 4.96
CA ALA E 271 36.86 16.16 3.97
C ALA E 271 37.56 14.81 4.24
N GLY E 272 37.90 14.05 3.18
CA GLY E 272 38.77 12.88 3.25
C GLY E 272 40.19 13.24 3.72
N PRO E 273 41.03 12.22 4.02
CA PRO E 273 42.36 12.45 4.61
C PRO E 273 43.32 13.03 3.60
N ALA E 274 44.32 13.75 4.09
CA ALA E 274 45.30 14.39 3.25
C ALA E 274 46.16 13.27 2.64
N GLY E 275 46.53 13.39 1.38
CA GLY E 275 47.37 12.31 0.81
C GLY E 275 48.81 12.45 1.33
N PRO E 276 49.62 11.39 1.21
CA PRO E 276 50.96 11.41 1.79
C PRO E 276 51.91 12.32 1.10
N TYR E 277 51.69 12.62 -0.15
CA TYR E 277 52.65 13.45 -0.85
C TYR E 277 52.22 14.90 -0.89
N ALA E 278 50.99 15.16 -1.33
CA ALA E 278 50.58 16.56 -1.45
C ALA E 278 50.01 17.04 -0.13
N LYS E 279 49.54 16.09 0.70
CA LYS E 279 49.18 16.45 2.05
C LYS E 279 48.09 17.55 2.03
N GLU E 280 47.11 17.43 1.12
CA GLU E 280 45.99 18.38 1.13
C GLU E 280 44.74 17.65 1.60
N SER E 281 44.17 18.09 2.71
CA SER E 281 42.94 17.52 3.15
C SER E 281 41.79 17.71 2.10
N GLY E 282 40.99 16.68 1.83
CA GLY E 282 39.96 16.80 0.76
C GLY E 282 40.42 16.70 -0.71
N ILE E 283 41.72 16.65 -0.95
CA ILE E 283 42.32 16.44 -2.27
C ILE E 283 43.36 15.29 -2.32
N TRP E 284 43.20 14.44 -3.32
CA TRP E 284 44.23 13.50 -3.69
C TRP E 284 44.77 13.80 -5.08
N ALA E 285 46.08 13.84 -5.23
CA ALA E 285 46.67 13.82 -6.59
C ALA E 285 46.20 12.53 -7.36
N TYR E 286 46.18 12.57 -8.70
CA TYR E 286 45.88 11.32 -9.44
C TYR E 286 46.76 10.20 -8.92
N TYR E 287 48.06 10.46 -8.74
CA TYR E 287 48.97 9.31 -8.37
C TYR E 287 48.68 8.83 -6.96
N GLU E 288 48.18 9.72 -6.09
CA GLU E 288 47.73 9.26 -4.76
C GLU E 288 46.46 8.43 -4.92
N ILE E 289 45.58 8.78 -5.87
CA ILE E 289 44.37 7.98 -6.04
C ILE E 289 44.72 6.58 -6.54
N CYS E 290 45.73 6.48 -7.37
CA CYS E 290 46.12 5.19 -7.86
C CYS E 290 46.53 4.23 -6.76
N THR E 291 47.24 4.73 -5.76
CA THR E 291 47.64 3.93 -4.63
C THR E 291 46.40 3.41 -3.96
N PHE E 292 45.43 4.32 -3.78
CA PHE E 292 44.19 3.97 -3.16
C PHE E 292 43.49 2.82 -3.97
N LEU E 293 43.46 2.93 -5.30
CA LEU E 293 42.88 1.86 -6.11
C LEU E 293 43.66 0.52 -6.03
N LYS E 294 45.00 0.59 -6.10
CA LYS E 294 45.82 -0.60 -5.97
C LYS E 294 45.74 -1.28 -4.62
N ASN E 295 45.39 -0.59 -3.56
CA ASN E 295 45.27 -1.31 -2.31
C ASN E 295 43.81 -1.76 -1.96
N GLY E 296 42.99 -1.89 -2.99
CA GLY E 296 41.72 -2.55 -2.91
C GLY E 296 40.45 -1.68 -2.73
N ALA E 297 40.50 -0.40 -3.11
CA ALA E 297 39.30 0.43 -3.02
C ALA E 297 38.35 -0.10 -4.10
N THR E 298 37.08 0.04 -3.87
CA THR E 298 36.09 -0.38 -4.88
C THR E 298 35.98 0.72 -5.90
N GLN E 299 36.09 0.35 -7.16
CA GLN E 299 35.92 1.29 -8.25
C GLN E 299 34.46 1.49 -8.68
N GLY E 300 34.01 2.72 -8.85
CA GLY E 300 32.67 2.92 -9.40
C GLY E 300 32.75 3.80 -10.64
N TRP E 301 31.67 3.84 -11.40
CA TRP E 301 31.57 4.74 -12.53
C TRP E 301 30.23 5.55 -12.47
N ASP E 302 30.33 6.88 -12.47
CA ASP E 302 29.17 7.75 -12.46
C ASP E 302 28.72 7.89 -13.92
N ALA E 303 27.86 6.98 -14.35
CA ALA E 303 27.64 6.86 -15.82
C ALA E 303 27.01 8.18 -16.36
N PRO E 304 26.03 8.75 -15.65
CA PRO E 304 25.46 9.99 -16.24
C PRO E 304 26.47 11.09 -16.36
N GLN E 305 27.48 11.13 -15.50
CA GLN E 305 28.41 12.26 -15.54
C GLN E 305 29.73 11.98 -16.25
N GLU E 306 29.93 10.72 -16.64
CA GLU E 306 31.16 10.25 -17.35
C GLU E 306 32.47 10.45 -16.56
N VAL E 307 32.41 10.14 -15.28
CA VAL E 307 33.57 10.25 -14.43
C VAL E 307 33.60 9.11 -13.40
N PRO E 308 34.80 8.72 -12.98
CA PRO E 308 34.90 7.62 -12.00
C PRO E 308 34.74 8.11 -10.55
N TYR E 309 34.49 7.19 -9.64
CA TYR E 309 34.74 7.44 -8.26
C TYR E 309 35.19 6.15 -7.60
N ALA E 310 35.58 6.23 -6.31
CA ALA E 310 36.05 5.03 -5.61
C ALA E 310 35.89 5.16 -4.10
N TYR E 311 35.72 4.06 -3.41
CA TYR E 311 35.59 4.17 -1.95
C TYR E 311 36.15 2.95 -1.30
N GLN E 312 36.43 3.09 0.00
CA GLN E 312 36.94 1.99 0.88
C GLN E 312 36.64 2.38 2.30
N GLY E 313 35.88 1.52 3.01
CA GLY E 313 35.46 1.87 4.38
C GLY E 313 34.73 3.19 4.31
N ASN E 314 35.13 4.19 5.08
CA ASN E 314 34.42 5.47 5.02
C ASN E 314 35.09 6.56 4.12
N VAL E 315 35.98 6.17 3.23
CA VAL E 315 36.63 7.16 2.39
C VAL E 315 36.09 7.03 0.96
N TRP E 316 35.64 8.15 0.38
CA TRP E 316 35.08 8.19 -0.96
C TRP E 316 35.83 9.25 -1.73
N VAL E 317 36.16 8.99 -3.01
CA VAL E 317 36.84 10.01 -3.79
C VAL E 317 36.18 10.16 -5.18
N GLY E 318 36.00 11.38 -5.68
CA GLY E 318 35.46 11.59 -7.03
C GLY E 318 36.57 12.25 -7.83
N TYR E 319 36.86 11.74 -9.03
CA TYR E 319 38.07 12.17 -9.72
C TYR E 319 37.98 11.97 -11.26
N ASP E 320 39.12 12.07 -11.96
CA ASP E 320 39.25 11.85 -13.41
C ASP E 320 40.31 10.77 -13.73
N ASN E 321 40.04 9.91 -14.70
CA ASN E 321 41.01 8.91 -15.06
C ASN E 321 41.17 9.03 -16.58
N ILE E 322 41.88 8.12 -17.18
CA ILE E 322 42.16 8.18 -18.61
C ILE E 322 40.85 8.23 -19.41
N LYS E 323 39.89 7.40 -19.03
CA LYS E 323 38.67 7.28 -19.80
C LYS E 323 37.88 8.62 -19.69
N SER E 324 37.83 9.24 -18.52
CA SER E 324 37.03 10.44 -18.39
C SER E 324 37.74 11.56 -19.11
N PHE E 325 39.07 11.56 -19.09
CA PHE E 325 39.80 12.57 -19.89
C PHE E 325 39.49 12.41 -21.39
N ASP E 326 39.49 11.18 -21.85
CA ASP E 326 39.26 10.94 -23.31
C ASP E 326 37.85 11.34 -23.73
N ILE E 327 36.86 11.03 -22.90
CA ILE E 327 35.48 11.37 -23.22
C ILE E 327 35.38 12.89 -23.28
N LYS E 328 35.98 13.58 -22.29
CA LYS E 328 35.83 15.03 -22.26
C LYS E 328 36.60 15.66 -23.41
N ALA E 329 37.74 15.11 -23.79
CA ALA E 329 38.42 15.64 -24.99
C ALA E 329 37.54 15.41 -26.24
N GLN E 330 36.89 14.27 -26.39
CA GLN E 330 36.06 14.11 -27.62
C GLN E 330 35.01 15.19 -27.62
N TRP E 331 34.42 15.42 -26.44
CA TRP E 331 33.33 16.35 -26.34
C TRP E 331 33.84 17.76 -26.67
N LEU E 332 35.06 18.08 -26.26
CA LEU E 332 35.52 19.45 -26.47
C LEU E 332 35.84 19.73 -27.94
N LYS E 333 36.31 18.71 -28.65
CA LYS E 333 36.59 18.86 -30.09
C LYS E 333 35.24 19.00 -30.83
N HIS E 334 34.29 18.14 -30.49
CA HIS E 334 32.98 18.23 -31.14
C HIS E 334 32.31 19.61 -30.92
N ASN E 335 32.54 20.22 -29.78
CA ASN E 335 31.99 21.53 -29.49
C ASN E 335 32.91 22.68 -29.97
N LYS E 336 34.04 22.31 -30.60
CA LYS E 336 34.94 23.27 -31.18
C LYS E 336 35.54 24.23 -30.19
N PHE E 337 35.79 23.79 -28.94
CA PHE E 337 36.53 24.65 -28.06
C PHE E 337 38.02 24.82 -28.50
N GLY E 338 38.73 25.76 -27.89
CA GLY E 338 40.15 25.97 -28.26
C GLY E 338 41.16 24.94 -27.71
N GLY E 339 40.80 24.24 -26.64
CA GLY E 339 41.66 23.10 -26.21
C GLY E 339 41.47 22.86 -24.74
N ALA E 340 42.50 22.39 -24.07
CA ALA E 340 42.34 22.01 -22.69
C ALA E 340 43.42 22.63 -21.85
N MET E 341 43.13 22.86 -20.59
CA MET E 341 44.10 23.43 -19.65
C MET E 341 44.13 22.38 -18.50
N VAL E 342 45.32 22.05 -17.99
CA VAL E 342 45.42 21.08 -16.91
C VAL E 342 45.94 21.64 -15.60
N TRP E 343 45.19 21.45 -14.50
CA TRP E 343 45.75 21.72 -13.20
C TRP E 343 45.85 20.38 -12.46
N ALA E 344 47.08 19.87 -12.23
CA ALA E 344 48.38 20.50 -12.54
C ALA E 344 49.33 19.41 -13.02
N ILE E 345 50.39 19.82 -13.70
CA ILE E 345 51.26 18.83 -14.25
C ILE E 345 51.90 18.01 -13.13
N ASP E 346 52.07 18.60 -11.94
CA ASP E 346 52.73 17.90 -10.88
C ASP E 346 51.82 16.96 -10.13
N LEU E 347 50.56 16.89 -10.49
CA LEU E 347 49.61 16.01 -9.75
C LEU E 347 49.33 14.76 -10.57
N ASP E 348 49.67 14.79 -11.86
CA ASP E 348 49.49 13.62 -12.74
C ASP E 348 50.54 12.54 -12.32
N ASP E 349 50.52 11.31 -12.85
CA ASP E 349 51.58 10.33 -12.45
C ASP E 349 52.86 10.60 -13.29
N PHE E 350 53.57 11.69 -12.99
CA PHE E 350 54.73 12.05 -13.79
C PHE E 350 55.90 10.98 -13.70
N THR E 351 56.05 10.28 -12.59
CA THR E 351 57.14 9.26 -12.55
C THR E 351 56.75 7.94 -13.28
N GLY E 352 55.47 7.67 -13.53
CA GLY E 352 55.01 6.36 -14.07
C GLY E 352 54.98 5.27 -12.98
N THR E 353 55.40 5.59 -11.73
CA THR E 353 55.53 4.53 -10.69
C THR E 353 54.27 4.29 -9.88
N PHE E 354 53.24 5.10 -10.01
CA PHE E 354 52.05 4.90 -9.14
C PHE E 354 50.90 4.24 -9.86
N CYS E 355 50.73 4.51 -11.14
CA CYS E 355 49.52 4.07 -11.83
C CYS E 355 49.73 2.91 -12.78
N ASN E 356 50.98 2.63 -13.18
CA ASN E 356 51.26 1.58 -14.19
C ASN E 356 50.62 1.97 -15.55
N GLN E 357 50.62 3.27 -15.86
CA GLN E 357 50.05 3.67 -17.15
C GLN E 357 51.02 4.53 -17.91
N GLY E 358 52.30 4.43 -17.57
CA GLY E 358 53.31 5.24 -18.30
C GLY E 358 53.47 6.61 -17.63
N LYS E 359 54.28 7.50 -18.20
CA LYS E 359 54.49 8.81 -17.61
C LYS E 359 53.36 9.72 -18.05
N PHE E 360 52.95 10.62 -17.12
CA PHE E 360 51.95 11.60 -17.41
C PHE E 360 50.78 10.92 -18.08
N PRO E 361 50.21 9.88 -17.47
CA PRO E 361 49.09 9.21 -18.21
C PRO E 361 47.91 10.14 -18.53
N LEU E 362 47.51 10.96 -17.57
CA LEU E 362 46.37 11.86 -17.82
C LEU E 362 46.66 12.88 -18.93
N ILE E 363 47.79 13.53 -18.83
CA ILE E 363 48.11 14.57 -19.81
C ILE E 363 48.43 14.01 -21.18
N SER E 364 49.07 12.84 -21.23
CA SER E 364 49.34 12.21 -22.50
C SER E 364 48.08 11.79 -23.16
N THR E 365 47.07 11.45 -22.38
CA THR E 365 45.79 11.10 -22.98
C THR E 365 45.27 12.28 -23.74
N LEU E 366 45.46 13.43 -23.14
CA LEU E 366 44.98 14.64 -23.74
C LEU E 366 45.81 14.99 -24.99
N LYS E 367 47.13 14.86 -24.92
CA LYS E 367 47.96 15.16 -26.02
C LYS E 367 47.46 14.30 -27.19
N LYS E 368 47.23 13.01 -26.96
CA LYS E 368 46.88 12.16 -28.07
C LYS E 368 45.50 12.54 -28.61
N ALA E 369 44.55 12.75 -27.72
CA ALA E 369 43.15 12.95 -28.11
C ALA E 369 42.96 14.25 -28.88
N LEU E 370 43.77 15.24 -28.55
CA LEU E 370 43.69 16.55 -29.15
C LEU E 370 44.51 16.66 -30.45
N GLY E 371 44.94 15.52 -31.01
CA GLY E 371 45.64 15.60 -32.30
C GLY E 371 47.06 16.15 -32.16
N LEU E 372 47.57 16.26 -30.94
CA LEU E 372 48.92 16.84 -30.75
C LEU E 372 50.07 15.83 -30.82
N GLN E 373 49.80 14.56 -31.12
CA GLN E 373 50.85 13.55 -31.23
C GLN E 373 51.92 14.09 -32.19
N SER E 374 51.48 14.65 -33.32
CA SER E 374 52.38 15.05 -34.42
C SER E 374 53.09 16.42 -34.26
N ALA E 375 52.86 17.13 -33.15
CA ALA E 375 53.38 18.49 -32.97
C ALA E 375 54.88 18.37 -32.85
N SER E 376 55.59 19.32 -33.46
CA SER E 376 57.04 19.27 -33.46
C SER E 376 57.60 19.47 -32.04
N CYS E 377 58.68 18.75 -31.75
CA CYS E 377 59.45 18.99 -30.55
C CYS E 377 60.94 19.15 -30.91
N THR E 378 61.31 20.36 -31.39
CA THR E 378 62.64 20.64 -32.01
C THR E 378 63.24 21.96 -31.54
N ALA E 379 64.57 21.94 -31.36
CA ALA E 379 65.36 23.06 -30.82
C ALA E 379 65.35 24.36 -31.64
N ALA F 4 -32.42 32.65 4.34
CA ALA F 4 -33.71 32.12 3.84
C ALA F 4 -33.46 30.80 3.08
N TYR F 5 -32.75 30.83 1.94
CA TYR F 5 -32.48 29.55 1.21
C TYR F 5 -31.02 29.12 1.19
N GLN F 6 -30.79 27.81 1.27
CA GLN F 6 -29.43 27.23 1.18
C GLN F 6 -29.14 26.82 -0.25
N LEU F 7 -27.88 26.93 -0.68
CA LEU F 7 -27.39 26.38 -1.97
C LEU F 7 -26.18 25.47 -1.71
N THR F 8 -26.44 24.16 -1.75
CA THR F 8 -25.49 23.14 -1.40
C THR F 8 -24.87 22.51 -2.65
N CYS F 9 -23.55 22.52 -2.74
CA CYS F 9 -22.93 21.89 -3.91
C CYS F 9 -22.02 20.74 -3.56
N TYR F 10 -22.20 19.62 -4.27
CA TYR F 10 -21.31 18.44 -4.11
C TYR F 10 -20.08 18.58 -4.92
N PHE F 11 -18.94 18.29 -4.31
CA PHE F 11 -17.63 18.22 -5.02
C PHE F 11 -17.17 16.74 -5.10
N THR F 12 -16.66 16.24 -6.23
CA THR F 12 -16.24 14.82 -6.21
C THR F 12 -14.72 14.66 -6.28
N ASN F 13 -14.19 13.75 -5.46
CA ASN F 13 -12.74 13.67 -5.35
C ASN F 13 -12.17 12.79 -6.46
N TRP F 14 -13.01 12.32 -7.39
CA TRP F 14 -12.43 11.67 -8.58
C TRP F 14 -12.38 12.63 -9.78
N ALA F 15 -13.01 13.78 -9.69
CA ALA F 15 -12.91 14.78 -10.77
C ALA F 15 -11.49 15.23 -11.06
N GLN F 16 -10.59 15.15 -10.06
CA GLN F 16 -9.15 15.51 -10.27
C GLN F 16 -8.52 14.66 -11.41
N TYR F 17 -9.08 13.50 -11.77
CA TYR F 17 -8.43 12.57 -12.74
C TYR F 17 -8.86 12.78 -14.16
N ARG F 18 -9.84 13.65 -14.38
CA ARG F 18 -10.36 13.86 -15.75
C ARG F 18 -9.26 14.64 -16.53
N PRO F 19 -9.17 14.40 -17.84
CA PRO F 19 -8.09 15.03 -18.62
C PRO F 19 -8.35 16.49 -18.98
N GLY F 20 -7.28 17.21 -19.32
CA GLY F 20 -7.37 18.58 -19.86
C GLY F 20 -8.24 19.51 -19.06
N LEU F 21 -9.10 20.26 -19.76
CA LEU F 21 -10.12 21.13 -19.11
C LEU F 21 -11.11 20.43 -18.15
N GLY F 22 -11.24 19.11 -18.21
CA GLY F 22 -12.14 18.40 -17.30
C GLY F 22 -11.65 18.38 -15.87
N ARG F 23 -10.35 18.53 -15.68
CA ARG F 23 -9.74 18.31 -14.35
C ARG F 23 -10.24 19.32 -13.35
N PHE F 24 -10.79 18.85 -12.25
CA PHE F 24 -11.39 19.75 -11.31
C PHE F 24 -10.87 19.42 -9.94
N MET F 25 -10.26 20.43 -9.31
CA MET F 25 -9.61 20.38 -7.99
C MET F 25 -10.32 21.35 -7.09
N PRO F 26 -10.15 21.25 -5.77
CA PRO F 26 -10.84 22.22 -4.89
C PRO F 26 -10.57 23.68 -5.19
N ASP F 27 -9.37 24.01 -5.58
CA ASP F 27 -9.05 25.37 -6.02
C ASP F 27 -9.96 25.93 -7.14
N ASP F 28 -10.61 25.07 -7.90
CA ASP F 28 -11.47 25.47 -8.98
C ASP F 28 -12.86 25.91 -8.45
N ILE F 29 -13.14 25.69 -7.17
CA ILE F 29 -14.39 26.07 -6.59
C ILE F 29 -14.36 27.57 -6.29
N ASN F 30 -15.44 28.26 -6.66
CA ASN F 30 -15.61 29.64 -6.25
C ASN F 30 -16.21 29.67 -4.82
N PRO F 31 -15.45 30.22 -3.85
CA PRO F 31 -15.92 30.21 -2.47
C PRO F 31 -17.21 30.98 -2.19
N CYS F 32 -17.67 31.82 -3.11
CA CYS F 32 -18.88 32.67 -2.91
C CYS F 32 -20.13 32.06 -3.52
N LEU F 33 -19.93 31.02 -4.33
CA LEU F 33 -20.95 30.46 -5.18
C LEU F 33 -22.03 29.68 -4.41
N CYS F 34 -21.66 28.82 -3.47
CA CYS F 34 -22.61 28.00 -2.74
C CYS F 34 -22.58 28.39 -1.26
N THR F 35 -23.60 28.03 -0.48
CA THR F 35 -23.59 28.32 0.94
C THR F 35 -22.99 27.15 1.73
N HIS F 36 -23.24 25.93 1.25
CA HIS F 36 -22.67 24.68 1.77
C HIS F 36 -21.97 23.90 0.62
N LEU F 37 -20.79 23.33 0.90
CA LEU F 37 -20.07 22.44 -0.03
C LEU F 37 -19.97 21.05 0.61
N ILE F 38 -20.32 20.00 -0.11
CA ILE F 38 -20.19 18.66 0.42
C ILE F 38 -19.14 17.89 -0.36
N TYR F 39 -18.18 17.35 0.40
CA TYR F 39 -17.08 16.56 -0.17
C TYR F 39 -17.45 15.08 -0.34
N ALA F 40 -17.61 14.65 -1.61
CA ALA F 40 -17.86 13.23 -1.93
C ALA F 40 -16.56 12.56 -2.35
N PHE F 41 -16.13 11.49 -1.67
CA PHE F 41 -16.78 10.81 -0.52
C PHE F 41 -15.71 10.36 0.49
N ALA F 42 -16.16 10.09 1.72
CA ALA F 42 -15.35 9.36 2.72
C ALA F 42 -15.76 7.92 2.61
N GLY F 43 -14.91 7.01 3.08
CA GLY F 43 -15.26 5.59 3.16
C GLY F 43 -15.19 5.17 4.63
N MET F 44 -15.04 3.87 4.85
CA MET F 44 -15.10 3.28 6.17
C MET F 44 -14.18 2.06 6.24
N GLN F 45 -13.36 1.99 7.27
CA GLN F 45 -12.52 0.82 7.58
C GLN F 45 -12.76 0.47 9.08
N ASN F 46 -13.07 -0.78 9.39
CA ASN F 46 -13.32 -1.25 10.78
C ASN F 46 -14.18 -0.29 11.60
N ASN F 47 -15.35 0.02 11.04
CA ASN F 47 -16.37 0.86 11.67
C ASN F 47 -15.92 2.32 11.94
N GLU F 48 -14.84 2.74 11.28
CA GLU F 48 -14.32 4.09 11.42
C GLU F 48 -14.25 4.85 10.08
N ILE F 49 -14.42 6.17 10.13
CA ILE F 49 -14.47 6.93 8.92
C ILE F 49 -13.05 7.04 8.34
N THR F 50 -12.92 6.91 7.03
CA THR F 50 -11.59 6.99 6.46
C THR F 50 -11.58 7.67 5.09
N THR F 51 -10.39 8.07 4.62
CA THR F 51 -10.23 8.67 3.28
C THR F 51 -10.38 7.59 2.23
N ILE F 52 -10.52 7.99 0.96
CA ILE F 52 -10.50 6.98 -0.10
C ILE F 52 -9.47 7.20 -1.18
N GLU F 53 -9.03 8.46 -1.41
CA GLU F 53 -8.01 8.72 -2.36
C GLU F 53 -6.72 9.01 -1.62
N TRP F 54 -5.60 8.66 -2.26
CA TRP F 54 -4.30 8.86 -1.70
C TRP F 54 -4.03 10.31 -1.25
N ASN F 55 -4.65 11.31 -1.91
CA ASN F 55 -4.35 12.70 -1.65
C ASN F 55 -5.52 13.42 -0.99
N ASP F 56 -6.50 12.67 -0.49
CA ASP F 56 -7.63 13.23 0.20
C ASP F 56 -7.24 14.26 1.30
N VAL F 57 -6.21 13.98 2.10
CA VAL F 57 -5.85 14.94 3.18
C VAL F 57 -5.40 16.28 2.58
N THR F 58 -4.51 16.27 1.58
CA THR F 58 -4.18 17.50 0.81
C THR F 58 -5.44 18.16 0.29
N LEU F 59 -6.33 17.34 -0.31
CA LEU F 59 -7.57 17.92 -0.82
C LEU F 59 -8.44 18.53 0.29
N TYR F 60 -8.59 17.84 1.44
CA TYR F 60 -9.41 18.37 2.55
C TYR F 60 -8.96 19.79 2.98
N GLN F 61 -7.66 20.02 2.97
CA GLN F 61 -7.07 21.24 3.41
C GLN F 61 -7.33 22.38 2.41
N ALA F 62 -7.27 22.06 1.12
CA ALA F 62 -7.64 23.04 0.10
C ALA F 62 -9.14 23.31 0.13
N PHE F 63 -9.93 22.28 0.32
CA PHE F 63 -11.38 22.37 0.29
C PHE F 63 -11.84 23.20 1.49
N ASN F 64 -11.39 22.83 2.69
CA ASN F 64 -11.77 23.58 3.87
C ASN F 64 -11.07 24.93 3.95
N GLY F 65 -9.90 25.06 3.37
CA GLY F 65 -9.24 26.37 3.19
C GLY F 65 -10.05 27.40 2.38
N LEU F 66 -11.14 26.99 1.75
CA LEU F 66 -11.93 27.94 1.00
C LEU F 66 -12.66 28.86 1.96
N LYS F 67 -12.88 28.36 3.19
CA LYS F 67 -13.50 29.12 4.24
C LYS F 67 -12.67 30.37 4.65
N ASN F 68 -11.33 30.35 4.45
CA ASN F 68 -10.48 31.57 4.60
C ASN F 68 -10.91 32.74 3.69
N LYS F 69 -11.76 32.49 2.69
CA LYS F 69 -12.24 33.56 1.81
C LYS F 69 -13.73 33.85 1.94
N ASN F 70 -14.44 33.00 2.66
CA ASN F 70 -15.88 33.21 2.88
C ASN F 70 -16.24 32.64 4.24
N SER F 71 -16.12 33.52 5.24
CA SER F 71 -16.41 33.21 6.64
C SER F 71 -17.77 32.55 6.85
N GLN F 72 -18.72 32.77 5.93
CA GLN F 72 -20.07 32.15 6.04
C GLN F 72 -20.14 30.68 5.60
N LEU F 73 -19.24 30.29 4.69
CA LEU F 73 -19.24 28.98 4.02
C LEU F 73 -19.17 27.86 5.05
N LYS F 74 -20.03 26.86 4.89
CA LYS F 74 -19.94 25.62 5.66
C LYS F 74 -19.60 24.42 4.75
N THR F 75 -18.83 23.45 5.26
CA THR F 75 -18.34 22.32 4.47
C THR F 75 -18.72 21.05 5.17
N LEU F 76 -19.25 20.08 4.43
CA LEU F 76 -19.56 18.75 5.00
C LEU F 76 -18.77 17.67 4.23
N LEU F 77 -18.50 16.56 4.90
CA LEU F 77 -17.86 15.41 4.29
C LEU F 77 -18.95 14.39 4.13
N ALA F 78 -19.24 13.94 2.93
CA ALA F 78 -20.29 12.93 2.75
C ALA F 78 -19.67 11.54 2.86
N ILE F 79 -20.42 10.56 3.34
CA ILE F 79 -19.81 9.25 3.46
C ILE F 79 -20.68 8.25 2.74
N GLY F 80 -20.11 7.37 1.92
CA GLY F 80 -20.93 6.41 1.21
C GLY F 80 -20.97 6.64 -0.30
N GLY F 81 -22.15 6.90 -0.83
CA GLY F 81 -22.38 7.02 -2.23
C GLY F 81 -22.84 5.69 -2.78
N TRP F 82 -23.40 5.69 -3.97
CA TRP F 82 -23.81 4.44 -4.65
C TRP F 82 -22.77 3.31 -4.64
N ASN F 83 -21.56 3.60 -5.14
CA ASN F 83 -20.57 2.59 -5.31
C ASN F 83 -20.27 1.88 -3.96
N PHE F 84 -20.29 2.67 -2.89
CA PHE F 84 -20.00 2.15 -1.59
C PHE F 84 -20.93 0.99 -1.17
N GLY F 85 -22.14 0.90 -1.71
CA GLY F 85 -23.04 -0.15 -1.31
C GLY F 85 -23.56 -0.02 0.14
N THR F 86 -24.12 -1.13 0.64
CA THR F 86 -24.83 -1.12 1.93
C THR F 86 -24.11 -1.88 3.06
N ALA F 87 -23.35 -2.94 2.70
CA ALA F 87 -22.70 -3.85 3.68
C ALA F 87 -21.92 -3.17 4.84
N PRO F 88 -20.92 -2.30 4.54
CA PRO F 88 -20.33 -1.69 5.75
C PRO F 88 -21.29 -0.86 6.61
N PHE F 89 -22.30 -0.22 6.03
CA PHE F 89 -23.25 0.54 6.85
C PHE F 89 -24.05 -0.45 7.74
N THR F 90 -24.44 -1.59 7.16
CA THR F 90 -25.22 -2.57 7.87
C THR F 90 -24.44 -3.07 9.09
N ALA F 91 -23.24 -3.61 8.84
CA ALA F 91 -22.40 -4.02 9.96
C ALA F 91 -22.24 -2.88 10.98
N MET F 92 -22.10 -1.62 10.52
CA MET F 92 -21.73 -0.56 11.47
C MET F 92 -22.88 -0.13 12.38
N VAL F 93 -24.11 -0.21 11.90
CA VAL F 93 -25.24 0.21 12.72
C VAL F 93 -25.78 -0.94 13.59
N SER F 94 -25.29 -2.14 13.40
CA SER F 94 -25.94 -3.30 13.97
C SER F 94 -25.69 -3.48 15.51
N THR F 95 -24.61 -2.94 16.05
CA THR F 95 -24.37 -2.99 17.49
C THR F 95 -24.09 -1.58 18.02
N PRO F 96 -24.63 -1.27 19.22
CA PRO F 96 -24.46 0.08 19.78
C PRO F 96 -22.99 0.45 19.93
N GLU F 97 -22.19 -0.61 19.97
CA GLU F 97 -20.78 -0.49 20.22
C GLU F 97 -20.06 -0.11 18.92
N ASN F 98 -20.53 -0.71 17.81
CA ASN F 98 -20.00 -0.36 16.51
C ASN F 98 -20.38 1.07 16.16
N ARG F 99 -21.60 1.46 16.54
CA ARG F 99 -22.10 2.80 16.26
C ARG F 99 -21.34 3.85 16.98
N GLN F 100 -20.78 3.48 18.14
CA GLN F 100 -20.04 4.41 19.00
C GLN F 100 -18.61 4.57 18.50
N THR F 101 -18.00 3.45 18.14
CA THR F 101 -16.71 3.45 17.45
C THR F 101 -16.80 4.47 16.32
N PHE F 102 -17.83 4.32 15.48
CA PHE F 102 -18.04 5.17 14.33
C PHE F 102 -18.23 6.61 14.71
N ILE F 103 -19.15 6.87 15.64
CA ILE F 103 -19.52 8.27 15.91
C ILE F 103 -18.32 8.99 16.48
N THR F 104 -17.54 8.23 17.25
CA THR F 104 -16.31 8.74 17.86
C THR F 104 -15.29 9.04 16.79
N SER F 105 -15.09 8.12 15.83
CA SER F 105 -14.11 8.37 14.73
C SER F 105 -14.46 9.62 13.94
N VAL F 106 -15.77 9.86 13.76
CA VAL F 106 -16.29 10.94 12.96
C VAL F 106 -16.02 12.30 13.62
N ILE F 107 -16.21 12.38 14.95
CA ILE F 107 -15.92 13.61 15.68
C ILE F 107 -14.47 14.03 15.55
N LYS F 108 -13.55 13.08 15.66
CA LYS F 108 -12.11 13.41 15.56
C LYS F 108 -11.84 13.84 14.14
N PHE F 109 -12.40 13.07 13.20
CA PHE F 109 -12.13 13.26 11.75
C PHE F 109 -12.55 14.65 11.26
N LEU F 110 -13.82 14.99 11.50
CA LEU F 110 -14.34 16.27 11.07
C LEU F 110 -13.60 17.39 11.68
N ARG F 111 -13.19 17.25 12.96
CA ARG F 111 -12.54 18.36 13.68
C ARG F 111 -11.11 18.46 13.29
N GLN F 112 -10.46 17.32 13.10
CA GLN F 112 -9.09 17.32 12.64
C GLN F 112 -8.96 18.00 11.29
N TYR F 113 -9.90 17.70 10.40
CA TYR F 113 -9.72 18.16 9.02
C TYR F 113 -10.53 19.39 8.69
N GLU F 114 -11.40 19.78 9.64
CA GLU F 114 -12.10 21.08 9.69
C GLU F 114 -13.38 21.12 8.84
N PHE F 115 -14.13 20.03 8.91
CA PHE F 115 -15.42 19.95 8.28
C PHE F 115 -16.42 20.40 9.32
N ASP F 116 -17.56 20.93 8.89
CA ASP F 116 -18.54 21.44 9.82
C ASP F 116 -19.64 20.45 9.99
N GLY F 117 -19.43 19.23 9.52
CA GLY F 117 -20.51 18.29 9.52
C GLY F 117 -20.28 17.07 8.64
N LEU F 118 -21.21 16.12 8.78
CA LEU F 118 -21.18 14.87 8.08
C LEU F 118 -22.44 14.75 7.26
N ASP F 119 -22.27 14.27 6.03
CA ASP F 119 -23.45 13.98 5.20
C ASP F 119 -23.53 12.51 4.84
N PHE F 120 -24.61 11.87 5.25
CA PHE F 120 -24.74 10.47 5.07
C PHE F 120 -25.27 10.20 3.71
N ASP F 121 -24.64 9.26 3.02
CA ASP F 121 -25.07 8.94 1.68
C ASP F 121 -25.07 7.44 1.57
N TRP F 122 -26.01 6.87 2.28
CA TRP F 122 -26.19 5.44 2.31
C TRP F 122 -27.25 5.19 1.30
N GLU F 123 -26.96 4.31 0.35
CA GLU F 123 -27.87 4.07 -0.75
C GLU F 123 -28.11 2.57 -0.92
N TYR F 124 -29.13 2.02 -0.27
CA TYR F 124 -29.98 2.79 0.67
C TYR F 124 -30.32 1.89 1.84
N PRO F 125 -30.72 2.48 3.01
CA PRO F 125 -31.22 1.59 4.08
C PRO F 125 -32.38 0.77 3.57
N GLY F 126 -32.38 -0.52 3.85
CA GLY F 126 -33.47 -1.39 3.42
C GLY F 126 -33.44 -1.87 1.98
N SER F 127 -32.41 -1.51 1.21
CA SER F 127 -32.34 -1.98 -0.20
C SER F 127 -30.99 -2.52 -0.53
N ARG F 128 -30.83 -3.13 -1.72
CA ARG F 128 -29.48 -3.48 -2.23
C ARG F 128 -28.71 -4.27 -1.18
N GLY F 129 -29.41 -5.26 -0.59
CA GLY F 129 -28.78 -6.19 0.33
C GLY F 129 -28.85 -5.82 1.81
N SER F 130 -29.28 -4.59 2.10
CA SER F 130 -29.41 -4.15 3.45
C SER F 130 -30.75 -4.61 3.99
N PRO F 131 -30.75 -5.34 5.12
CA PRO F 131 -31.89 -5.99 5.80
C PRO F 131 -32.94 -4.98 6.37
N PRO F 132 -34.23 -5.40 6.54
CA PRO F 132 -35.27 -4.39 6.92
C PRO F 132 -35.05 -3.62 8.22
N GLN F 133 -34.22 -4.12 9.13
CA GLN F 133 -34.04 -3.44 10.41
C GLN F 133 -33.14 -2.22 10.32
N ASP F 134 -32.37 -2.13 9.24
CA ASP F 134 -31.52 -0.95 8.98
C ASP F 134 -32.38 0.30 8.81
N LYS F 135 -33.64 0.10 8.44
CA LYS F 135 -34.58 1.22 8.39
C LYS F 135 -34.70 1.87 9.76
N HIS F 136 -34.92 1.08 10.81
CA HIS F 136 -35.02 1.66 12.15
C HIS F 136 -33.64 2.03 12.67
N LEU F 137 -32.67 1.19 12.37
CA LEU F 137 -31.34 1.39 12.91
C LEU F 137 -30.64 2.62 12.36
N PHE F 138 -31.09 3.15 11.22
CA PHE F 138 -30.52 4.36 10.64
C PHE F 138 -30.98 5.60 11.43
N THR F 139 -32.27 5.61 11.78
CA THR F 139 -32.80 6.65 12.68
C THR F 139 -32.00 6.62 13.98
N VAL F 140 -31.81 5.42 14.51
CA VAL F 140 -31.00 5.28 15.73
C VAL F 140 -29.64 5.97 15.54
N LEU F 141 -28.99 5.70 14.40
CA LEU F 141 -27.65 6.24 14.19
C LEU F 141 -27.65 7.75 14.14
N VAL F 142 -28.61 8.29 13.40
CA VAL F 142 -28.67 9.71 13.21
C VAL F 142 -28.86 10.40 14.58
N GLN F 143 -29.80 9.84 15.36
CA GLN F 143 -30.14 10.33 16.70
C GLN F 143 -28.94 10.33 17.65
N GLU F 144 -28.29 9.17 17.79
CA GLU F 144 -27.09 9.05 18.62
C GLU F 144 -25.99 9.98 18.12
N MET F 145 -25.94 10.24 16.82
CA MET F 145 -24.91 11.11 16.30
C MET F 145 -25.26 12.55 16.56
N ARG F 146 -26.53 12.88 16.32
CA ARG F 146 -27.04 14.22 16.59
C ARG F 146 -26.74 14.56 18.03
N GLU F 147 -27.11 13.66 18.96
CA GLU F 147 -26.87 13.86 20.40
C GLU F 147 -25.40 13.98 20.76
N ALA F 148 -24.57 13.12 20.18
CA ALA F 148 -23.13 13.16 20.45
C ALA F 148 -22.51 14.47 19.95
N PHE F 149 -23.07 15.04 18.89
CA PHE F 149 -22.58 16.29 18.37
C PHE F 149 -22.87 17.44 19.32
N GLU F 150 -24.14 17.52 19.77
CA GLU F 150 -24.62 18.45 20.81
C GLU F 150 -23.74 18.43 22.07
N GLN F 151 -23.50 17.24 22.61
CA GLN F 151 -22.59 17.04 23.73
C GLN F 151 -21.17 17.62 23.47
N GLU F 152 -20.57 17.32 22.31
CA GLU F 152 -19.19 17.78 21.95
C GLU F 152 -19.08 19.29 21.88
N ALA F 153 -20.18 19.95 21.49
CA ALA F 153 -20.23 21.41 21.30
C ALA F 153 -20.17 22.21 22.62
N LYS F 154 -20.93 21.74 23.62
CA LYS F 154 -20.94 22.28 24.97
C LYS F 154 -19.58 22.12 25.62
N GLN F 155 -18.94 20.97 25.34
CA GLN F 155 -17.67 20.54 25.98
C GLN F 155 -16.38 21.12 25.35
N ILE F 156 -16.51 21.87 24.24
CA ILE F 156 -15.32 22.51 23.61
C ILE F 156 -15.55 23.98 23.19
N ASN F 157 -16.81 24.42 23.27
CA ASN F 157 -17.25 25.78 22.91
C ASN F 157 -16.88 26.28 21.50
N LYS F 158 -17.40 25.55 20.52
CA LYS F 158 -17.52 25.99 19.13
C LYS F 158 -18.94 25.56 18.75
N PRO F 159 -19.47 26.01 17.59
CA PRO F 159 -20.78 25.46 17.16
C PRO F 159 -20.81 23.93 16.99
N ARG F 160 -21.99 23.35 17.20
CA ARG F 160 -22.21 21.93 16.98
C ARG F 160 -21.86 21.50 15.54
N LEU F 161 -21.41 20.26 15.34
CA LEU F 161 -21.27 19.76 13.97
C LEU F 161 -22.66 19.52 13.41
N MET F 162 -22.83 19.67 12.10
CA MET F 162 -24.10 19.33 11.45
C MET F 162 -24.15 17.85 11.04
N VAL F 163 -25.34 17.26 11.03
CA VAL F 163 -25.55 15.95 10.39
C VAL F 163 -26.51 16.21 9.29
N THR F 164 -26.26 15.72 8.09
CA THR F 164 -27.26 15.84 7.02
C THR F 164 -27.31 14.48 6.36
N ALA F 165 -28.23 14.29 5.42
CA ALA F 165 -28.27 13.01 4.74
C ALA F 165 -28.83 13.19 3.32
N ALA F 166 -28.19 12.56 2.32
CA ALA F 166 -28.81 12.45 0.97
C ALA F 166 -29.73 11.26 0.99
N VAL F 167 -30.87 11.33 0.31
CA VAL F 167 -31.94 10.33 0.47
C VAL F 167 -32.58 9.99 -0.87
N ALA F 168 -33.19 8.78 -0.94
CA ALA F 168 -33.85 8.27 -2.13
C ALA F 168 -34.96 9.18 -2.71
N ALA F 169 -35.09 9.13 -4.03
CA ALA F 169 -36.21 9.72 -4.67
C ALA F 169 -37.15 8.64 -5.16
N GLY F 170 -36.67 7.39 -5.27
CA GLY F 170 -37.51 6.27 -5.70
C GLY F 170 -38.53 5.96 -4.60
N ILE F 171 -39.82 5.98 -4.95
CA ILE F 171 -40.89 5.78 -3.96
C ILE F 171 -40.76 4.48 -3.13
N SER F 172 -40.68 3.33 -3.78
CA SER F 172 -40.43 2.06 -3.06
C SER F 172 -39.22 2.08 -2.11
N ASN F 173 -38.10 2.66 -2.58
CA ASN F 173 -36.89 2.83 -1.76
C ASN F 173 -37.13 3.76 -0.57
N ILE F 174 -37.99 4.76 -0.73
CA ILE F 174 -38.23 5.65 0.41
C ILE F 174 -38.96 4.89 1.54
N GLN F 175 -39.89 4.04 1.13
CA GLN F 175 -40.80 3.34 2.03
C GLN F 175 -40.04 2.30 2.83
N SER F 176 -39.17 1.53 2.16
CA SER F 176 -38.37 0.55 2.89
C SER F 176 -37.12 1.14 3.55
N GLY F 177 -36.90 2.43 3.41
CA GLY F 177 -35.65 3.01 3.87
C GLY F 177 -35.75 3.96 5.04
N TYR F 178 -36.81 4.73 5.09
CA TYR F 178 -36.82 5.81 6.07
C TYR F 178 -38.06 5.96 6.98
N GLU F 179 -37.79 6.20 8.26
CA GLU F 179 -38.79 6.59 9.26
C GLU F 179 -38.87 8.11 9.23
N ILE F 180 -39.57 8.62 8.23
CA ILE F 180 -39.44 10.04 7.85
C ILE F 180 -39.62 10.99 9.05
N PRO F 181 -40.69 10.79 9.85
CA PRO F 181 -40.98 11.74 10.94
C PRO F 181 -39.95 11.72 12.06
N GLN F 182 -39.54 10.52 12.48
CA GLN F 182 -38.48 10.36 13.49
C GLN F 182 -37.11 10.87 12.97
N LEU F 183 -36.77 10.56 11.71
CA LEU F 183 -35.50 10.96 11.06
C LEU F 183 -35.41 12.47 10.87
N SER F 184 -36.47 13.08 10.37
CA SER F 184 -36.46 14.54 10.16
C SER F 184 -36.22 15.36 11.44
N GLN F 185 -36.59 14.83 12.61
CA GLN F 185 -36.30 15.52 13.88
C GLN F 185 -34.80 15.78 14.00
N TYR F 186 -34.02 14.75 13.69
CA TYR F 186 -32.58 14.77 14.03
C TYR F 186 -31.67 15.37 12.95
N LEU F 187 -32.05 15.28 11.68
CA LEU F 187 -31.24 15.84 10.58
C LEU F 187 -31.30 17.36 10.51
N ASP F 188 -30.17 18.02 10.25
CA ASP F 188 -30.20 19.44 9.97
C ASP F 188 -30.88 19.71 8.60
N TYR F 189 -30.46 18.95 7.57
CA TYR F 189 -31.04 18.99 6.22
C TYR F 189 -31.25 17.63 5.58
N ILE F 190 -32.12 17.58 4.59
CA ILE F 190 -32.45 16.36 3.92
C ILE F 190 -32.33 16.63 2.43
N HIS F 191 -31.24 16.15 1.84
CA HIS F 191 -30.94 16.30 0.40
C HIS F 191 -31.61 15.22 -0.43
N VAL F 192 -32.69 15.56 -1.11
CA VAL F 192 -33.42 14.53 -1.86
C VAL F 192 -32.85 14.42 -3.25
N MET F 193 -32.50 13.19 -3.64
CA MET F 193 -31.75 12.98 -4.85
C MET F 193 -32.71 12.94 -6.02
N THR F 194 -33.38 14.06 -6.28
CA THR F 194 -34.33 14.17 -7.36
C THR F 194 -33.66 14.23 -8.74
N TYR F 195 -33.06 13.15 -9.17
CA TYR F 195 -32.42 13.09 -10.47
C TYR F 195 -32.11 11.61 -10.67
N ASP F 196 -31.68 11.22 -11.87
CA ASP F 196 -31.63 9.83 -12.25
C ASP F 196 -33.04 9.19 -12.29
N LEU F 197 -34.06 10.04 -12.45
CA LEU F 197 -35.46 9.59 -12.57
C LEU F 197 -35.70 8.76 -13.87
N HIS F 198 -34.94 9.02 -14.93
CA HIS F 198 -35.02 8.22 -16.14
C HIS F 198 -33.60 8.02 -16.70
N GLY F 199 -33.42 7.07 -17.60
CA GLY F 199 -32.09 6.65 -18.03
C GLY F 199 -32.27 5.47 -18.96
N SER F 200 -31.24 5.12 -19.71
CA SER F 200 -31.25 4.04 -20.71
C SER F 200 -31.63 2.63 -20.21
N TRP F 201 -31.56 2.44 -18.90
CA TRP F 201 -32.04 1.24 -18.26
C TRP F 201 -33.59 1.02 -18.42
N GLU F 202 -34.32 2.00 -18.96
CA GLU F 202 -35.73 1.85 -19.22
C GLU F 202 -36.06 1.38 -20.66
N GLY F 203 -35.10 1.46 -21.59
CA GLY F 203 -35.36 1.10 -23.01
C GLY F 203 -36.04 2.22 -23.78
N TYR F 204 -36.32 3.34 -23.10
CA TYR F 204 -37.08 4.46 -23.66
C TYR F 204 -36.40 5.76 -23.27
N THR F 205 -36.28 6.72 -24.19
CA THR F 205 -35.78 8.04 -23.81
C THR F 205 -36.62 8.67 -22.71
N GLY F 206 -36.00 9.45 -21.83
CA GLY F 206 -36.68 10.03 -20.67
C GLY F 206 -35.75 11.05 -20.07
N GLU F 207 -36.33 11.92 -19.26
CA GLU F 207 -35.62 12.98 -18.69
C GLU F 207 -34.97 12.63 -17.35
N ASN F 208 -33.86 13.29 -17.06
CA ASN F 208 -33.05 12.94 -15.92
C ASN F 208 -33.76 13.47 -14.69
N SER F 209 -34.31 14.65 -14.83
CA SER F 209 -34.91 15.31 -13.69
C SER F 209 -36.16 16.14 -14.05
N PRO F 210 -37.21 15.49 -14.59
CA PRO F 210 -38.41 16.23 -15.00
C PRO F 210 -39.11 16.87 -13.84
N LEU F 211 -39.49 18.14 -13.94
CA LEU F 211 -40.17 18.79 -12.81
C LEU F 211 -41.58 18.24 -12.61
N TYR F 212 -42.26 17.88 -13.69
CA TYR F 212 -43.64 17.38 -13.61
C TYR F 212 -43.74 16.07 -14.33
N LYS F 213 -44.77 15.28 -14.05
CA LYS F 213 -45.01 14.08 -14.86
C LYS F 213 -45.28 14.48 -16.31
N TYR F 214 -45.05 13.53 -17.22
CA TYR F 214 -45.43 13.65 -18.62
C TYR F 214 -46.88 13.24 -18.70
N PRO F 215 -47.69 13.81 -19.65
CA PRO F 215 -49.13 13.47 -19.63
C PRO F 215 -49.42 11.96 -19.80
N THR F 216 -48.57 11.27 -20.57
CA THR F 216 -48.65 9.85 -20.88
C THR F 216 -48.31 8.89 -19.70
N ASP F 217 -47.89 9.47 -18.58
CA ASP F 217 -47.39 8.74 -17.40
C ASP F 217 -48.57 8.18 -16.54
N THR F 218 -48.56 6.87 -16.28
CA THR F 218 -49.56 6.21 -15.41
C THR F 218 -48.93 5.22 -14.42
N GLY F 219 -49.70 4.88 -13.40
CA GLY F 219 -49.20 3.98 -12.35
C GLY F 219 -47.95 4.51 -11.67
N SER F 220 -46.98 3.62 -11.44
CA SER F 220 -45.75 3.97 -10.70
C SER F 220 -44.92 5.03 -11.46
N ASN F 221 -44.92 4.94 -12.80
CA ASN F 221 -44.35 5.96 -13.69
C ASN F 221 -44.73 7.43 -13.46
N ALA F 222 -45.90 7.68 -12.89
CA ALA F 222 -46.35 9.02 -12.57
C ALA F 222 -45.56 9.63 -11.39
N TYR F 223 -44.82 8.79 -10.67
CA TYR F 223 -44.05 9.27 -9.53
C TYR F 223 -42.63 9.81 -9.87
N LEU F 224 -42.14 9.53 -11.07
CA LEU F 224 -40.75 9.80 -11.39
C LEU F 224 -40.60 11.23 -11.88
N ASN F 225 -40.77 12.19 -10.95
CA ASN F 225 -40.62 13.60 -11.21
C ASN F 225 -40.46 14.38 -9.91
N VAL F 226 -39.83 15.55 -10.01
CA VAL F 226 -39.39 16.28 -8.82
C VAL F 226 -40.56 16.68 -7.91
N ASP F 227 -41.58 17.28 -8.52
CA ASP F 227 -42.86 17.59 -7.84
C ASP F 227 -43.44 16.43 -6.97
N TYR F 228 -43.78 15.29 -7.58
CA TYR F 228 -44.26 14.17 -6.76
C TYR F 228 -43.30 13.83 -5.59
N VAL F 229 -42.03 13.66 -5.91
CA VAL F 229 -41.06 13.20 -4.91
C VAL F 229 -40.96 14.20 -3.75
N MET F 230 -40.87 15.49 -4.03
CA MET F 230 -40.67 16.42 -2.93
C MET F 230 -41.96 16.48 -2.09
N ASN F 231 -43.10 16.25 -2.74
CA ASN F 231 -44.36 16.32 -2.02
C ASN F 231 -44.60 15.11 -1.16
N TYR F 232 -44.25 13.94 -1.66
CA TYR F 232 -44.20 12.70 -0.88
C TYR F 232 -43.40 12.82 0.43
N TRP F 233 -42.19 13.37 0.33
CA TRP F 233 -41.37 13.63 1.49
C TRP F 233 -42.13 14.54 2.44
N LYS F 234 -42.63 15.68 1.96
CA LYS F 234 -43.39 16.62 2.84
C LYS F 234 -44.65 15.96 3.46
N ASP F 235 -45.41 15.24 2.64
CA ASP F 235 -46.69 14.68 3.06
C ASP F 235 -46.52 13.56 4.08
N ASN F 236 -45.30 13.03 4.19
CA ASN F 236 -45.09 11.86 5.01
C ASN F 236 -44.16 12.10 6.15
N GLY F 237 -44.07 13.34 6.59
CA GLY F 237 -43.42 13.59 7.85
C GLY F 237 -42.36 14.65 7.85
N ALA F 238 -41.77 14.93 6.68
CA ALA F 238 -40.65 15.90 6.69
C ALA F 238 -41.10 17.31 6.46
N PRO F 239 -40.61 18.22 7.32
CA PRO F 239 -40.77 19.66 7.27
C PRO F 239 -40.14 20.27 6.04
N ALA F 240 -40.93 21.07 5.34
CA ALA F 240 -40.51 21.70 4.10
C ALA F 240 -39.13 22.29 4.28
N GLU F 241 -38.94 23.13 5.29
CA GLU F 241 -37.71 23.92 5.40
C GLU F 241 -36.43 23.11 5.67
N LYS F 242 -36.60 21.82 5.95
CA LYS F 242 -35.42 20.96 6.06
C LYS F 242 -35.10 20.25 4.71
N LEU F 243 -36.11 20.16 3.84
CA LEU F 243 -35.99 19.46 2.56
C LEU F 243 -35.24 20.29 1.48
N ILE F 244 -34.15 19.70 0.97
CA ILE F 244 -33.36 20.32 -0.07
C ILE F 244 -33.59 19.62 -1.42
N VAL F 245 -33.98 20.40 -2.41
CA VAL F 245 -34.26 19.86 -3.75
C VAL F 245 -32.96 19.57 -4.53
N GLY F 246 -32.85 18.36 -5.09
CA GLY F 246 -31.70 17.94 -5.91
C GLY F 246 -31.72 18.44 -7.36
N PHE F 247 -30.65 19.14 -7.76
CA PHE F 247 -30.48 19.63 -9.13
C PHE F 247 -29.25 19.02 -9.78
N PRO F 248 -29.41 18.37 -10.95
CA PRO F 248 -28.24 17.75 -11.59
C PRO F 248 -27.56 18.69 -12.56
N THR F 249 -26.22 18.76 -12.60
CA THR F 249 -25.54 19.49 -13.69
C THR F 249 -24.98 18.58 -14.81
N TYR F 250 -25.63 17.45 -15.02
CA TYR F 250 -25.34 16.51 -16.07
C TYR F 250 -26.64 15.99 -16.66
N GLY F 251 -26.54 15.14 -17.68
CA GLY F 251 -27.71 14.62 -18.37
C GLY F 251 -27.50 13.15 -18.58
N HIS F 252 -28.55 12.42 -18.91
CA HIS F 252 -28.42 11.01 -19.30
C HIS F 252 -28.62 10.89 -20.82
N ASN F 253 -27.73 10.18 -21.49
CA ASN F 253 -27.88 10.04 -22.90
C ASN F 253 -28.25 8.60 -23.26
N PHE F 254 -28.72 8.39 -24.49
CA PHE F 254 -29.21 7.07 -24.94
C PHE F 254 -28.82 6.86 -26.40
N ILE F 255 -28.64 5.62 -26.82
CA ILE F 255 -28.64 5.28 -28.25
C ILE F 255 -30.08 5.06 -28.74
N LEU F 256 -30.53 5.86 -29.72
CA LEU F 256 -31.88 5.69 -30.34
C LEU F 256 -31.93 4.43 -31.20
N SER F 257 -32.97 3.62 -30.98
CA SER F 257 -33.23 2.44 -31.86
C SER F 257 -33.54 2.84 -33.31
N ASN F 258 -34.37 3.87 -33.46
CA ASN F 258 -34.62 4.55 -34.75
C ASN F 258 -34.33 6.09 -34.75
N PRO F 259 -33.27 6.57 -35.48
CA PRO F 259 -32.99 8.04 -35.46
C PRO F 259 -34.15 8.97 -35.84
N SER F 260 -35.21 8.42 -36.45
CA SER F 260 -36.39 9.23 -36.82
C SER F 260 -37.32 9.54 -35.64
N ASN F 261 -37.42 8.63 -34.67
CA ASN F 261 -38.27 8.90 -33.51
C ASN F 261 -37.35 9.44 -32.43
N THR F 262 -37.57 10.73 -32.10
CA THR F 262 -36.67 11.45 -31.26
C THR F 262 -37.39 12.12 -30.13
N GLY F 263 -38.63 11.72 -29.84
CA GLY F 263 -39.42 12.39 -28.80
C GLY F 263 -39.20 11.71 -27.47
N ILE F 264 -39.83 12.23 -26.41
CA ILE F 264 -39.90 11.52 -25.16
C ILE F 264 -40.53 10.12 -25.36
N GLY F 265 -40.13 9.18 -24.54
CA GLY F 265 -40.63 7.85 -24.69
C GLY F 265 -40.16 7.08 -25.92
N ALA F 266 -39.27 7.65 -26.75
CA ALA F 266 -38.75 6.92 -27.91
C ALA F 266 -37.83 5.71 -27.57
N PRO F 267 -37.88 4.63 -28.36
CA PRO F 267 -37.16 3.44 -27.91
C PRO F 267 -35.64 3.52 -28.08
N THR F 268 -34.95 2.89 -27.14
CA THR F 268 -33.52 3.00 -27.12
C THR F 268 -32.88 1.64 -27.00
N SER F 269 -31.69 1.47 -27.59
CA SER F 269 -30.98 0.21 -27.50
C SER F 269 -29.90 0.18 -26.44
N GLY F 270 -29.82 1.21 -25.63
CA GLY F 270 -28.78 1.23 -24.58
C GLY F 270 -28.31 2.65 -24.26
N ALA F 271 -27.33 2.73 -23.35
CA ALA F 271 -26.77 4.00 -22.86
C ALA F 271 -26.03 4.73 -24.00
N GLY F 272 -26.11 6.05 -24.04
CA GLY F 272 -25.33 6.84 -24.99
C GLY F 272 -23.86 6.85 -24.62
N PRO F 273 -22.99 7.34 -25.53
CA PRO F 273 -21.52 7.24 -25.36
C PRO F 273 -21.03 8.05 -24.20
N ALA F 274 -19.99 7.50 -23.54
CA ALA F 274 -19.21 8.26 -22.58
C ALA F 274 -18.76 9.62 -23.23
N GLY F 275 -18.82 10.74 -22.48
CA GLY F 275 -18.21 12.00 -22.92
C GLY F 275 -16.68 11.91 -22.85
N PRO F 276 -15.99 12.85 -23.55
CA PRO F 276 -14.55 12.74 -23.63
C PRO F 276 -13.87 13.23 -22.37
N TYR F 277 -14.61 13.85 -21.47
CA TYR F 277 -14.01 14.29 -20.21
C TYR F 277 -14.47 13.52 -19.02
N ALA F 278 -15.80 13.35 -18.81
CA ALA F 278 -16.19 12.58 -17.62
C ALA F 278 -16.07 11.09 -17.88
N LYS F 279 -16.05 10.69 -19.14
CA LYS F 279 -15.82 9.28 -19.47
C LYS F 279 -16.82 8.33 -18.81
N GLU F 280 -18.06 8.74 -18.82
CA GLU F 280 -19.10 8.10 -18.04
C GLU F 280 -20.17 7.61 -19.02
N SER F 281 -20.27 6.31 -19.17
CA SER F 281 -21.27 5.68 -19.98
C SER F 281 -22.65 6.19 -19.58
N GLY F 282 -23.45 6.65 -20.54
CA GLY F 282 -24.86 7.01 -20.30
C GLY F 282 -25.00 8.38 -19.69
N ILE F 283 -23.89 9.08 -19.49
CA ILE F 283 -23.92 10.42 -18.80
C ILE F 283 -23.01 11.46 -19.47
N TRP F 284 -23.51 12.69 -19.68
CA TRP F 284 -22.68 13.79 -20.12
C TRP F 284 -22.73 14.94 -19.15
N ALA F 285 -21.54 15.48 -18.80
CA ALA F 285 -21.50 16.72 -18.02
C ALA F 285 -22.19 17.87 -18.77
N TYR F 286 -22.75 18.84 -18.08
CA TYR F 286 -23.35 19.97 -18.82
C TYR F 286 -22.36 20.52 -19.85
N TYR F 287 -21.09 20.63 -19.48
CA TYR F 287 -20.18 21.26 -20.45
C TYR F 287 -19.93 20.35 -21.62
N GLU F 288 -20.06 19.03 -21.45
CA GLU F 288 -19.97 18.11 -22.60
C GLU F 288 -21.20 18.20 -23.53
N ILE F 289 -22.37 18.42 -22.95
CA ILE F 289 -23.64 18.71 -23.64
C ILE F 289 -23.53 19.96 -24.49
N CYS F 290 -22.84 21.00 -24.01
CA CYS F 290 -22.59 22.21 -24.83
C CYS F 290 -21.81 21.91 -26.09
N THR F 291 -20.78 21.08 -25.98
CA THR F 291 -20.06 20.65 -27.14
C THR F 291 -21.05 19.98 -28.13
N PHE F 292 -21.94 19.12 -27.64
CA PHE F 292 -22.90 18.42 -28.50
C PHE F 292 -23.79 19.46 -29.19
N LEU F 293 -24.33 20.39 -28.41
CA LEU F 293 -25.12 21.52 -28.96
C LEU F 293 -24.35 22.35 -29.97
N LYS F 294 -23.05 22.54 -29.78
CA LYS F 294 -22.36 23.42 -30.69
C LYS F 294 -21.84 22.71 -31.94
N ASN F 295 -21.79 21.38 -31.91
CA ASN F 295 -21.55 20.63 -33.14
C ASN F 295 -22.87 20.38 -33.91
N GLY F 296 -23.97 21.01 -33.49
CA GLY F 296 -25.16 21.13 -34.32
C GLY F 296 -26.29 20.16 -33.97
N ALA F 297 -26.26 19.62 -32.76
CA ALA F 297 -27.36 18.78 -32.34
C ALA F 297 -28.64 19.58 -32.42
N THR F 298 -29.75 18.90 -32.63
CA THR F 298 -31.08 19.50 -32.63
C THR F 298 -31.59 19.62 -31.24
N GLN F 299 -32.12 20.81 -30.89
CA GLN F 299 -32.55 21.11 -29.57
C GLN F 299 -34.03 20.88 -29.39
N GLY F 300 -34.43 20.43 -28.21
CA GLY F 300 -35.81 20.00 -28.01
C GLY F 300 -36.21 20.56 -26.66
N TRP F 301 -37.51 20.74 -26.46
CA TRP F 301 -38.05 21.16 -25.17
C TRP F 301 -39.17 20.23 -24.79
N ASP F 302 -39.14 19.69 -23.58
CA ASP F 302 -40.14 18.73 -23.15
C ASP F 302 -41.08 19.64 -22.37
N ALA F 303 -42.05 20.20 -23.11
CA ALA F 303 -42.92 21.28 -22.58
C ALA F 303 -43.62 20.94 -21.28
N PRO F 304 -44.20 19.73 -21.16
CA PRO F 304 -44.89 19.46 -19.87
C PRO F 304 -44.00 19.14 -18.68
N GLN F 305 -42.77 18.66 -18.91
CA GLN F 305 -41.91 18.36 -17.77
C GLN F 305 -40.97 19.53 -17.44
N GLU F 306 -40.85 20.47 -18.38
CA GLU F 306 -40.10 21.74 -18.15
C GLU F 306 -38.56 21.56 -18.11
N VAL F 307 -38.08 20.70 -19.03
CA VAL F 307 -36.66 20.38 -19.21
C VAL F 307 -36.28 20.20 -20.69
N PRO F 308 -34.99 20.41 -21.03
CA PRO F 308 -34.61 20.30 -22.43
C PRO F 308 -34.19 18.91 -22.77
N TYR F 309 -34.02 18.66 -24.08
CA TYR F 309 -33.40 17.46 -24.54
C TYR F 309 -32.74 17.81 -25.84
N ALA F 310 -31.83 16.97 -26.32
CA ALA F 310 -31.19 17.26 -27.63
C ALA F 310 -30.82 15.98 -28.30
N TYR F 311 -30.65 15.99 -29.62
CA TYR F 311 -30.34 14.73 -30.29
C TYR F 311 -29.64 15.03 -31.61
N GLN F 312 -28.88 14.03 -32.10
CA GLN F 312 -28.24 14.03 -33.37
C GLN F 312 -27.90 12.59 -33.75
N GLY F 313 -28.09 12.23 -35.03
CA GLY F 313 -27.93 10.82 -35.52
C GLY F 313 -28.73 9.93 -34.57
N ASN F 314 -28.08 8.89 -34.02
CA ASN F 314 -28.74 8.03 -33.07
C ASN F 314 -28.42 8.36 -31.61
N VAL F 315 -27.97 9.60 -31.33
CA VAL F 315 -27.72 9.93 -29.93
C VAL F 315 -28.74 10.90 -29.38
N TRP F 316 -29.27 10.67 -28.18
CA TRP F 316 -30.25 11.57 -27.59
C TRP F 316 -29.88 11.84 -26.13
N VAL F 317 -30.07 13.08 -25.66
CA VAL F 317 -29.76 13.37 -24.28
C VAL F 317 -30.84 14.17 -23.61
N GLY F 318 -31.15 13.85 -22.35
CA GLY F 318 -32.11 14.65 -21.60
C GLY F 318 -31.37 15.27 -20.45
N TYR F 319 -31.61 16.55 -20.15
CA TYR F 319 -30.74 17.27 -19.23
C TYR F 319 -31.42 18.51 -18.63
N ASP F 320 -30.59 19.34 -18.02
CA ASP F 320 -31.06 20.58 -17.42
C ASP F 320 -30.23 21.73 -17.95
N ASN F 321 -30.88 22.87 -18.15
CA ASN F 321 -30.15 24.07 -18.57
C ASN F 321 -30.53 25.25 -17.68
N ILE F 322 -30.08 26.43 -18.03
CA ILE F 322 -30.43 27.62 -17.26
C ILE F 322 -31.94 27.74 -17.12
N LYS F 323 -32.64 27.67 -18.26
CA LYS F 323 -34.09 27.75 -18.23
C LYS F 323 -34.75 26.74 -17.25
N SER F 324 -34.48 25.43 -17.38
CA SER F 324 -35.11 24.47 -16.43
C SER F 324 -34.66 24.71 -15.01
N PHE F 325 -33.39 25.09 -14.83
CA PHE F 325 -32.93 25.36 -13.47
C PHE F 325 -33.75 26.50 -12.85
N ASP F 326 -33.96 27.54 -13.61
CA ASP F 326 -34.68 28.67 -13.09
C ASP F 326 -36.14 28.33 -12.82
N ILE F 327 -36.81 27.70 -13.79
CA ILE F 327 -38.19 27.27 -13.60
C ILE F 327 -38.32 26.48 -12.29
N LYS F 328 -37.28 25.69 -11.96
CA LYS F 328 -37.33 24.77 -10.81
C LYS F 328 -37.06 25.50 -9.53
N ALA F 329 -36.12 26.43 -9.57
CA ALA F 329 -35.86 27.29 -8.42
C ALA F 329 -37.14 28.11 -8.01
N GLN F 330 -37.82 28.73 -8.99
CA GLN F 330 -39.10 29.43 -8.74
C GLN F 330 -40.10 28.50 -8.05
N TRP F 331 -40.23 27.29 -8.62
CA TRP F 331 -41.04 26.24 -8.03
C TRP F 331 -40.64 25.95 -6.56
N LEU F 332 -39.35 25.75 -6.30
CA LEU F 332 -38.94 25.39 -4.92
C LEU F 332 -39.23 26.52 -3.92
N LYS F 333 -39.02 27.76 -4.38
CA LYS F 333 -39.42 28.94 -3.58
C LYS F 333 -40.92 28.93 -3.19
N HIS F 334 -41.77 28.84 -4.20
CA HIS F 334 -43.21 28.82 -4.04
C HIS F 334 -43.70 27.70 -3.11
N ASN F 335 -43.11 26.51 -3.22
CA ASN F 335 -43.45 25.41 -2.32
C ASN F 335 -42.70 25.47 -0.99
N LYS F 336 -41.88 26.49 -0.81
CA LYS F 336 -41.31 26.82 0.49
C LYS F 336 -40.30 25.77 1.09
N PHE F 337 -39.66 25.01 0.20
CA PHE F 337 -38.61 24.09 0.63
C PHE F 337 -37.35 24.87 1.08
N GLY F 338 -36.40 24.20 1.74
CA GLY F 338 -35.18 24.83 2.26
C GLY F 338 -34.18 25.41 1.26
N GLY F 339 -34.19 24.94 0.02
CA GLY F 339 -33.16 25.39 -0.94
C GLY F 339 -32.77 24.23 -1.84
N ALA F 340 -31.59 24.38 -2.46
CA ALA F 340 -31.14 23.49 -3.52
C ALA F 340 -29.79 22.87 -3.17
N MET F 341 -29.63 21.65 -3.69
CA MET F 341 -28.44 20.84 -3.60
C MET F 341 -28.10 20.53 -5.08
N VAL F 342 -26.85 20.67 -5.46
CA VAL F 342 -26.39 20.38 -6.84
C VAL F 342 -25.33 19.25 -6.86
N TRP F 343 -25.61 18.18 -7.62
CA TRP F 343 -24.59 17.22 -8.06
C TRP F 343 -24.24 17.52 -9.53
N ALA F 344 -23.05 18.04 -9.84
CA ALA F 344 -22.01 18.27 -8.89
C ALA F 344 -21.33 19.52 -9.38
N ILE F 345 -20.58 20.19 -8.52
CA ILE F 345 -19.95 21.40 -9.00
C ILE F 345 -18.96 21.20 -10.17
N ASP F 346 -18.36 20.00 -10.23
CA ASP F 346 -17.30 19.78 -11.20
C ASP F 346 -17.86 19.39 -12.56
N LEU F 347 -19.19 19.20 -12.65
CA LEU F 347 -19.89 18.85 -13.92
C LEU F 347 -20.53 20.10 -14.58
N ASP F 348 -20.62 21.20 -13.82
CA ASP F 348 -21.03 22.52 -14.37
C ASP F 348 -19.93 23.04 -15.34
N ASP F 349 -20.26 24.00 -16.21
CA ASP F 349 -19.20 24.55 -17.07
C ASP F 349 -18.38 25.52 -16.19
N PHE F 350 -17.52 24.94 -15.37
CA PHE F 350 -16.75 25.70 -14.40
C PHE F 350 -15.68 26.66 -14.98
N THR F 351 -15.09 26.37 -16.14
CA THR F 351 -14.15 27.29 -16.79
C THR F 351 -14.86 28.28 -17.72
N GLY F 352 -16.15 28.10 -17.97
CA GLY F 352 -16.81 29.01 -18.88
C GLY F 352 -16.52 28.79 -20.35
N THR F 353 -15.62 27.86 -20.72
CA THR F 353 -15.11 27.84 -22.10
C THR F 353 -15.96 26.96 -23.02
N PHE F 354 -16.90 26.15 -22.52
CA PHE F 354 -17.65 25.27 -23.44
C PHE F 354 -18.96 25.86 -23.87
N CYS F 355 -19.64 26.57 -22.96
CA CYS F 355 -21.01 27.03 -23.17
C CYS F 355 -21.18 28.53 -23.50
N ASN F 356 -20.11 29.32 -23.34
CA ASN F 356 -20.20 30.76 -23.42
C ASN F 356 -21.37 31.34 -22.63
N GLN F 357 -21.53 30.89 -21.40
CA GLN F 357 -22.54 31.44 -20.51
C GLN F 357 -21.87 31.92 -19.23
N GLY F 358 -20.57 32.20 -19.33
CA GLY F 358 -19.77 32.51 -18.11
C GLY F 358 -19.56 31.30 -17.23
N LYS F 359 -18.95 31.54 -16.08
CA LYS F 359 -18.51 30.45 -15.21
C LYS F 359 -19.66 29.94 -14.41
N PHE F 360 -19.70 28.61 -14.25
CA PHE F 360 -20.73 27.98 -13.46
C PHE F 360 -22.14 28.48 -13.87
N PRO F 361 -22.48 28.41 -15.19
CA PRO F 361 -23.79 28.90 -15.62
C PRO F 361 -24.98 28.32 -14.82
N LEU F 362 -25.00 27.03 -14.57
CA LEU F 362 -26.13 26.40 -13.93
C LEU F 362 -26.19 26.80 -12.46
N ILE F 363 -25.05 26.72 -11.82
CA ILE F 363 -25.06 26.97 -10.42
C ILE F 363 -25.29 28.47 -10.17
N SER F 364 -24.73 29.35 -11.01
CA SER F 364 -25.01 30.78 -10.93
C SER F 364 -26.49 31.06 -10.98
N THR F 365 -27.17 30.40 -11.89
CA THR F 365 -28.58 30.53 -11.99
C THR F 365 -29.28 30.29 -10.65
N LEU F 366 -28.92 29.24 -9.91
CA LEU F 366 -29.60 29.02 -8.64
C LEU F 366 -29.24 30.07 -7.59
N LYS F 367 -28.02 30.61 -7.67
CA LYS F 367 -27.56 31.60 -6.71
C LYS F 367 -28.41 32.90 -6.82
N LYS F 368 -28.54 33.42 -8.04
CA LYS F 368 -29.52 34.47 -8.40
C LYS F 368 -30.93 34.17 -7.91
N ALA F 369 -31.46 33.03 -8.33
CA ALA F 369 -32.84 32.73 -8.12
C ALA F 369 -33.23 32.49 -6.65
N LEU F 370 -32.28 32.01 -5.85
CA LEU F 370 -32.56 31.73 -4.44
C LEU F 370 -32.20 32.96 -3.57
N GLY F 371 -31.89 34.06 -4.25
CA GLY F 371 -31.65 35.35 -3.61
C GLY F 371 -30.31 35.45 -2.89
N LEU F 372 -29.27 34.83 -3.43
CA LEU F 372 -27.97 34.83 -2.75
C LEU F 372 -26.96 35.65 -3.49
N GLN F 373 -27.44 36.40 -4.49
CA GLN F 373 -26.59 37.26 -5.33
C GLN F 373 -25.75 38.26 -4.51
N SER F 374 -26.24 38.57 -3.32
CA SER F 374 -25.64 39.64 -2.54
C SER F 374 -25.02 39.09 -1.30
N ALA F 375 -25.04 37.75 -1.16
CA ALA F 375 -24.53 37.11 0.06
C ALA F 375 -23.08 37.53 0.32
N SER F 376 -22.76 37.78 1.59
CA SER F 376 -21.42 38.25 1.94
C SER F 376 -20.36 37.20 1.52
N CYS F 377 -19.26 37.70 0.99
CA CYS F 377 -18.15 36.83 0.63
C CYS F 377 -16.79 37.49 0.90
N THR F 378 -16.44 37.46 2.19
CA THR F 378 -15.26 38.15 2.77
C THR F 378 -14.58 37.26 3.87
N ALA F 379 -13.24 37.36 4.01
CA ALA F 379 -12.44 36.64 5.06
C ALA F 379 -12.99 36.71 6.53
#